data_8QPU
#
_entry.id   8QPU
#
_cell.length_a   1.00
_cell.length_b   1.00
_cell.length_c   1.00
_cell.angle_alpha   90.00
_cell.angle_beta   90.00
_cell.angle_gamma   90.00
#
_symmetry.space_group_name_H-M   'P 1'
#
loop_
_entity.id
_entity.type
_entity.pdbx_description
1 polymer 'Outer membrane protein assembly factor BamA'
2 polymer 'Outer membrane protein assembly factor BamB'
3 polymer 'Outer membrane protein assembly factor BamD'
4 polymer 'Outer membrane protein assembly factor BamE'
5 polymer 'Chaperone SurA'
6 polymer 'Outer membrane protein assembly factor BamC'
7 polymer 'Serine protease EspP'
#
loop_
_entity_poly.entity_id
_entity_poly.type
_entity_poly.pdbx_seq_one_letter_code
_entity_poly.pdbx_strand_id
1 'polypeptide(L)'
;AEGFVVKDIHFEGLQRVAVGAALLSMPVRTGDTVNDEDISNTIRALFATGNFEDVRVLRDGDTLLVQVKERPTIASITFS
GNKSVKDDMLKQNLEASGVRVGESLDRTTIADIEKGLEDFYYSVGKYSASVKAVVTPLPRNRVDLKLVFQEGVSAEIQQI
NIVGNHAFTTDELISHFQLRDEVPWWNVVGDRKYQKQKLAGDLETLRSYYLDRGYARFNIDSTQVSLTPDKKGIYVTVNI
TEGDQYKLSGVEVSGNLAGHSAEIEQLTKIEPGELYNGTKVTKMEDDIKKLLGRYGYAYPRVQSMPEINDADKTVKLRVN
VDAGNRFYVRKIRFEGNDTSKDAVLRREMRQMEGAWLGSDLVDQGKERLNRLGFFETVDTDTQRVPGSPDQVDVVYKVKE
RNTGCFNFGIGYGTESGVSFQAGVQQDNWLGTGYAVGINGTKNDYQTYAELSVTNPYFTVDGVSLGGRLFYNDFQADDAD
LSDYTNKSYGTDVTLGFPINEYNSLRAGLGYVHNSLSNMQPQVAMWRYLYSMGEHPSTSDQDNSFKTDDFTFNYGWTYNK
LDRGYFPTDGSRVNLTGKVTIPGSDNEYYKVTLDTATYVPIDDDHKWVVLGRTRWGYGDGLGGKEMPFYENFYAGGSSTV
RGFQSNTIGPKAVYFPHQASNYDPDYDYECATQDGAKDLCKSDDAVGGNAMAVASLEFITPTPFISDKYANSVRTSFFWD
MGTVWDTNWDSSQYSGYPDYSDPSNIRMSAGIALQWMSPLGPLVFSYAQPFKKYDGDKAEQFQFNIGKTW
;
A
2 'polypeptide(L)'
;CSLFNSEEDVVKMSPLPTVENQFTPTTAWSTSVGSGIGNFYSNLHPALADNVVYAADRAGLVKALNADDGKEIWSVSLAE
KDGWFSKEPALLSGGVTVSGGHVYIGSEKAQVYALNTSDGTVAWQTKVAGEALSRPVVSDGLVLIHTSNGQLQALNEADG
AVKWTVNLDMPSLSLRGESAPTTAFGAAVVGGDNGRVSAVLMEQGQMIWQQRISQATGSTEIDRLSDVDTTPVVVNGVVF
ALAYNGNLTALDLRSGQIMWKRELGSVNDFIVDGNRIYLVDQNDRVMALTIDGGVTLWTQSDLLHRLLTSPVLYNGNLVV
GDSEGYLHWINVEDGRFVAQQKVDSSGFQTEPVAADGKLLIQAKDGTVYSITR
;
B
3 'polypeptide(L)'
;CSGSKEEVPDNPPNEIYATAQQKLQDGNWRQAITQLEALDNRYPFGPYSQQVQLDLIYAYYKNADLPLAQAAIDRFIRLN
PTHPNIDYVMYMRGLTNMALDDSALQGFFGVDRSDRDPQHARAAFSDFSKLVRGYPNSQYTTDATKRLVFLKDRLAKYEY
SVAEYYTERGAWVAVVNRVEGMLRDYPDTQATRDALPLMENAYRQMQMNAQAEKVAKIIAANSSNT
;
D
4 'polypeptide(L)'
;CSTLERVVYRPDINQGNYLTANDVSKIRVGMTQQQVAYALGTPLMSDPFGTNTWFYVFRQQPGHEGVTQQTLTLTFNSSG
VLTNIDNKPALSGNGGHHHHHHHH
;
E
5 'polypeptide(L)'
;GSSAWSHPQFEKGGGSGGGSGGSAWSHPQFEKSSGENLYFQGAPQVVDCVAAVVNNGVVLESDVDGLMQSVKLNAAQARQ
QLPDDATLRHQIMERLIMDQIILQMGQKMGVKISDEQLDQAIANIAKQNNMTLDQMRSRLAYDGLNYNTYRNQIRKEMII
SEVRNNEVRRRITILPQEVESLAQQVGNQNDASTELNLSHILIPLPENPTSDQVNEAESQARAIVDQARNGADFGKLAIA
HSADQQALNGGQMGWGRIQELPGIFAQALSTAKKGDIVGPIRSGVGFHILKVNDLRGESKNISVTEVHARHILLKPSPIM
TDEQARVKLEQIAADIKSGKTTFAAAAKEFSQDPGSANQGGDLGWATPDIFDPAFRDALTRLNKGQMSAPVHSSFGWHLI
ELLDTRNVDKTDAAQKDRAYRMLMNRKFSEEAASWMQEQRASAYVKILSN
;
F
6 'polypeptide(L)'
;CSSDSRYKRQVSGDEAYLEAAPLAELHAPAGMILPVTSGDYAIPVTNGSGAVGKALDIRPPAQPLALVSGARTQFTGDTA
SLLVENGRGNTLWPQVVSVLAQKNYTITQRDDAGQTLTTDWVQWNRLDEDEQYRGRYQISVKPQGYQQAVTVKLLNLEQA
GKPVADAASMQRYSTEMMNVISAGLDKSATDAANAAQNRASTTMDVQSAADDTGLPMLVVRGPFNVVWQRLPAALEKVGM
KVTDSTRSQGNMAVTYKPLSDSDWQELGASDPGLASGDYKLQVGDLDNRSSLQFIDPKGHTLTQSQNDALVAVFQAAFSK
;
C
7 'polypeptide(L)'
;GGNIELVSAPKDTNENVFKASKQTIGFSDVTPVITTRETGENLYFQGGDDKITWSLTGYNTVANKEATRNAAALFSVDYK
AFLNEVNNLNKRMGDLRDINGEAGAWARIMSGTGSASGGFSDNYTHVQVGVDKKHELDGLDLFTGFTVTHTDSSASADVF
SGKTKSVGAGLYASAMFDSGAYIDLIGKYVHHDNEYTATFAGLGTRDYSTHSWYAGAEAGYRYHVTEDAWIEPQAELVYG
SVSGKQFAWKDQGMHLSMKDKDYNPLIGRTGVDVGKSFSGKDWKVTARAGLGYQFDLLANGETVLRDASGEKRIKGEKDS
RMLMSVGLNAEIRDNVRFGLEFEKSAFGKYNVDNAVNANFRYCF
;
P
#
# COMPACT_ATOMS: atom_id res chain seq x y z
N PHE A 4 -26.99 45.18 29.73
CA PHE A 4 -27.44 45.16 31.12
C PHE A 4 -28.15 43.86 31.47
N VAL A 5 -29.14 43.94 32.35
CA VAL A 5 -29.84 42.75 32.82
C VAL A 5 -30.55 42.07 31.65
N VAL A 6 -30.51 40.75 31.64
CA VAL A 6 -31.15 39.95 30.60
C VAL A 6 -31.84 38.75 31.25
N LYS A 7 -32.95 38.33 30.66
CA LYS A 7 -33.73 37.22 31.17
C LYS A 7 -33.71 36.00 30.25
N ASP A 8 -33.95 36.19 28.96
CA ASP A 8 -33.92 35.11 27.98
C ASP A 8 -32.70 35.25 27.08
N ILE A 9 -32.03 34.14 26.82
CA ILE A 9 -30.83 34.10 26.00
C ILE A 9 -31.02 33.11 24.87
N HIS A 10 -30.61 33.49 23.67
CA HIS A 10 -30.74 32.65 22.49
C HIS A 10 -29.51 32.81 21.61
N PHE A 11 -29.32 31.84 20.70
CA PHE A 11 -28.17 31.86 19.81
C PHE A 11 -28.57 31.29 18.46
N GLU A 12 -27.78 31.64 17.45
CA GLU A 12 -28.00 31.19 16.08
C GLU A 12 -27.30 29.88 15.77
N GLY A 13 -26.52 29.32 16.70
CA GLY A 13 -25.80 28.10 16.46
C GLY A 13 -26.61 26.87 16.82
N LEU A 14 -26.67 25.92 15.89
CA LEU A 14 -27.39 24.68 16.12
C LEU A 14 -26.51 23.47 15.85
N GLN A 15 -25.55 23.62 14.94
CA GLN A 15 -24.69 22.50 14.57
C GLN A 15 -23.86 22.02 15.76
N ARG A 16 -23.33 22.95 16.56
CA ARG A 16 -22.60 22.59 17.77
C ARG A 16 -23.01 23.38 19.00
N VAL A 17 -23.65 24.55 18.86
CA VAL A 17 -23.99 25.38 20.00
C VAL A 17 -25.19 24.78 20.72
N ALA A 18 -24.93 24.08 21.82
CA ALA A 18 -25.98 23.66 22.74
C ALA A 18 -26.20 24.79 23.74
N VAL A 19 -27.45 25.22 23.90
CA VAL A 19 -27.78 26.40 24.68
C VAL A 19 -27.23 26.27 26.09
N GLY A 20 -27.41 25.10 26.71
CA GLY A 20 -26.81 24.86 28.01
C GLY A 20 -25.29 24.88 27.95
N ALA A 21 -24.72 24.19 26.95
CA ALA A 21 -23.27 24.23 26.77
C ALA A 21 -22.81 25.63 26.40
N ALA A 22 -23.61 26.35 25.61
CA ALA A 22 -23.29 27.75 25.31
C ALA A 22 -23.29 28.59 26.58
N LEU A 23 -24.27 28.34 27.46
CA LEU A 23 -24.31 29.05 28.73
C LEU A 23 -23.12 28.68 29.60
N LEU A 24 -22.70 27.40 29.57
CA LEU A 24 -21.48 27.01 30.28
C LEU A 24 -20.26 27.71 29.69
N SER A 25 -20.30 28.03 28.40
CA SER A 25 -19.18 28.69 27.76
C SER A 25 -19.03 30.14 28.21
N MET A 26 -20.13 30.81 28.51
CA MET A 26 -20.05 32.20 28.99
C MET A 26 -20.27 32.25 30.50
N PRO A 27 -19.31 32.73 31.28
CA PRO A 27 -19.51 32.85 32.73
C PRO A 27 -20.21 34.12 33.16
N VAL A 28 -20.83 34.86 32.23
CA VAL A 28 -21.42 36.16 32.54
C VAL A 28 -22.70 36.01 33.37
N ARG A 29 -23.22 34.78 33.49
CA ARG A 29 -24.40 34.38 34.25
C ARG A 29 -25.70 34.82 33.58
N THR A 30 -25.65 35.61 32.50
CA THR A 30 -26.84 36.05 31.77
C THR A 30 -27.92 36.60 32.68
N GLY A 31 -27.57 37.56 33.53
CA GLY A 31 -28.53 38.12 34.45
C GLY A 31 -27.94 39.16 35.38
N ASP A 32 -28.78 40.09 35.85
CA ASP A 32 -28.39 41.12 36.81
C ASP A 32 -27.45 42.11 36.14
N THR A 33 -26.74 42.91 36.94
CA THR A 33 -25.88 43.95 36.39
C THR A 33 -24.52 43.39 36.00
N VAL A 34 -23.97 43.95 34.93
CA VAL A 34 -22.62 43.62 34.45
C VAL A 34 -21.88 44.93 34.18
N ASN A 35 -20.56 44.85 34.06
CA ASN A 35 -19.73 46.05 33.95
C ASN A 35 -19.62 46.60 32.54
N ASP A 36 -20.36 46.04 31.59
CA ASP A 36 -20.46 46.53 30.22
C ASP A 36 -19.16 46.35 29.44
N GLU A 37 -18.12 45.80 30.08
CA GLU A 37 -16.87 45.56 29.37
C GLU A 37 -16.34 44.15 29.57
N ASP A 38 -16.66 43.51 30.70
CA ASP A 38 -16.26 42.11 30.88
C ASP A 38 -16.93 41.22 29.85
N ILE A 39 -17.98 41.71 29.18
CA ILE A 39 -18.57 40.98 28.07
C ILE A 39 -17.53 40.77 26.98
N SER A 40 -16.64 41.74 26.78
CA SER A 40 -15.58 41.57 25.79
C SER A 40 -14.65 40.42 26.15
N ASN A 41 -14.28 40.31 27.43
CA ASN A 41 -13.41 39.21 27.85
C ASN A 41 -14.15 37.87 27.77
N THR A 42 -15.45 37.88 28.10
CA THR A 42 -16.25 36.67 27.97
C THR A 42 -16.34 36.22 26.51
N ILE A 43 -16.54 37.16 25.60
CA ILE A 43 -16.55 36.87 24.17
C ILE A 43 -15.19 36.33 23.74
N ARG A 44 -14.12 36.91 24.28
CA ARG A 44 -12.78 36.40 24.02
C ARG A 44 -12.67 34.94 24.43
N ALA A 45 -13.25 34.59 25.59
CA ALA A 45 -13.23 33.21 26.04
C ALA A 45 -14.03 32.31 25.10
N LEU A 46 -15.24 32.75 24.72
CA LEU A 46 -16.05 32.01 23.75
C LEU A 46 -15.26 31.69 22.50
N PHE A 47 -14.63 32.70 21.91
CA PHE A 47 -13.89 32.47 20.67
C PHE A 47 -12.65 31.63 20.92
N ALA A 48 -12.05 31.77 22.11
CA ALA A 48 -10.87 31.00 22.47
C ALA A 48 -11.22 29.52 22.64
N THR A 49 -12.50 29.20 22.84
CA THR A 49 -12.90 27.81 22.72
C THR A 49 -12.63 27.25 21.33
N GLY A 50 -12.43 28.11 20.34
CA GLY A 50 -11.99 27.72 19.02
C GLY A 50 -13.05 27.12 18.13
N ASN A 51 -14.30 27.04 18.59
CA ASN A 51 -15.37 26.39 17.84
C ASN A 51 -16.26 27.40 17.14
N PHE A 52 -15.93 28.69 17.20
CA PHE A 52 -16.77 29.72 16.59
C PHE A 52 -15.93 30.52 15.60
N GLU A 53 -16.62 31.26 14.74
CA GLU A 53 -16.00 32.08 13.72
C GLU A 53 -16.22 33.58 13.93
N ASP A 54 -17.43 33.99 14.30
CA ASP A 54 -17.71 35.40 14.50
C ASP A 54 -18.90 35.55 15.45
N VAL A 55 -18.96 36.70 16.14
CA VAL A 55 -20.09 36.94 17.10
C VAL A 55 -20.43 38.44 17.11
N ARG A 56 -21.73 38.76 17.19
CA ARG A 56 -22.17 40.19 17.26
C ARG A 56 -23.34 40.32 18.24
N VAL A 57 -23.08 40.82 19.45
CA VAL A 57 -24.16 40.89 20.49
C VAL A 57 -25.14 42.00 20.12
N LEU A 58 -26.44 41.74 20.25
CA LEU A 58 -27.44 42.76 19.97
C LEU A 58 -28.19 43.07 21.27
N ARG A 59 -28.13 44.33 21.68
CA ARG A 59 -28.86 44.79 22.86
C ARG A 59 -30.00 45.75 22.52
N ASP A 60 -30.61 45.58 21.35
CA ASP A 60 -31.75 46.43 20.98
C ASP A 60 -32.92 46.24 21.92
N GLY A 61 -33.20 44.98 22.29
CA GLY A 61 -34.28 44.69 23.21
C GLY A 61 -33.78 44.30 24.58
N ASP A 62 -34.20 43.12 25.06
CA ASP A 62 -33.76 42.66 26.38
C ASP A 62 -33.38 41.18 26.37
N THR A 63 -33.03 40.62 25.22
CA THR A 63 -32.57 39.24 25.11
C THR A 63 -31.16 39.20 24.55
N LEU A 64 -30.36 38.26 25.03
CA LEU A 64 -29.02 38.08 24.50
C LEU A 64 -29.05 37.16 23.29
N LEU A 65 -29.89 37.48 22.30
CA LEU A 65 -29.93 36.72 21.05
C LEU A 65 -28.70 37.12 20.26
N VAL A 66 -27.58 36.49 20.59
CA VAL A 66 -26.29 36.82 19.98
C VAL A 66 -26.21 36.11 18.64
N GLN A 67 -25.97 36.89 17.58
CA GLN A 67 -25.71 36.28 16.28
C GLN A 67 -24.28 35.77 16.24
N VAL A 68 -24.12 34.46 16.15
CA VAL A 68 -22.82 33.81 16.16
C VAL A 68 -22.77 32.83 14.99
N LYS A 69 -21.60 32.76 14.36
CA LYS A 69 -21.35 31.81 13.28
C LYS A 69 -20.10 31.01 13.63
N GLU A 70 -20.21 29.69 13.50
CA GLU A 70 -19.14 28.76 13.80
C GLU A 70 -18.34 28.45 12.54
N ARG A 71 -17.47 27.44 12.61
CA ARG A 71 -16.72 27.00 11.46
C ARG A 71 -17.60 26.14 10.57
N PRO A 72 -17.73 26.44 9.29
CA PRO A 72 -18.47 25.53 8.39
C PRO A 72 -17.79 24.18 8.29
N THR A 73 -18.60 23.14 8.11
CA THR A 73 -18.10 21.79 7.92
C THR A 73 -17.82 21.55 6.45
N ILE A 74 -16.88 20.64 6.18
CA ILE A 74 -16.47 20.33 4.82
C ILE A 74 -17.41 19.26 4.25
N ALA A 75 -17.97 19.54 3.08
CA ALA A 75 -18.89 18.59 2.46
C ALA A 75 -18.16 17.34 2.02
N SER A 76 -17.04 17.50 1.32
CA SER A 76 -16.23 16.38 0.86
C SER A 76 -14.83 16.91 0.59
N ILE A 77 -13.97 16.06 0.04
CA ILE A 77 -12.60 16.43 -0.31
C ILE A 77 -12.39 16.09 -1.79
N THR A 78 -12.16 17.11 -2.60
CA THR A 78 -11.95 16.94 -4.02
C THR A 78 -10.65 17.64 -4.43
N PHE A 79 -10.02 17.10 -5.47
CA PHE A 79 -8.69 17.54 -5.87
C PHE A 79 -8.37 16.99 -7.25
N SER A 80 -7.46 17.67 -7.94
CA SER A 80 -6.99 17.24 -9.25
C SER A 80 -5.62 17.84 -9.52
N GLY A 81 -4.92 17.25 -10.48
CA GLY A 81 -3.64 17.77 -10.90
C GLY A 81 -2.47 16.86 -10.63
N ASN A 82 -2.46 16.22 -9.46
CA ASN A 82 -1.35 15.36 -9.08
C ASN A 82 -1.38 14.06 -9.87
N LYS A 83 -0.20 13.67 -10.37
CA LYS A 83 -0.04 12.39 -11.05
C LYS A 83 1.17 11.59 -10.59
N SER A 84 2.19 12.24 -10.02
CA SER A 84 3.36 11.52 -9.54
C SER A 84 2.98 10.56 -8.42
N VAL A 85 2.12 11.00 -7.50
CA VAL A 85 1.65 10.19 -6.39
C VAL A 85 0.16 9.94 -6.58
N LYS A 86 -0.25 8.69 -6.38
CA LYS A 86 -1.66 8.35 -6.47
C LYS A 86 -2.44 9.13 -5.42
N ASP A 87 -3.68 9.49 -5.78
CA ASP A 87 -4.49 10.37 -4.95
C ASP A 87 -4.78 9.80 -3.58
N ASP A 88 -4.63 8.48 -3.41
CA ASP A 88 -4.96 7.85 -2.13
C ASP A 88 -4.09 8.40 -1.01
N MET A 89 -2.76 8.35 -1.19
CA MET A 89 -1.87 8.80 -0.13
C MET A 89 -2.09 10.28 0.16
N LEU A 90 -2.52 11.03 -0.84
CA LEU A 90 -2.95 12.40 -0.60
C LEU A 90 -4.16 12.45 0.34
N LYS A 91 -5.15 11.57 0.13
CA LYS A 91 -6.32 11.71 1.00
C LYS A 91 -6.01 11.25 2.42
N GLN A 92 -5.17 10.22 2.61
CA GLN A 92 -4.76 9.93 3.99
C GLN A 92 -3.85 11.02 4.56
N ASN A 93 -3.08 11.72 3.71
CA ASN A 93 -2.29 12.84 4.20
C ASN A 93 -3.20 13.94 4.75
N LEU A 94 -4.28 14.24 4.04
CA LEU A 94 -5.27 15.18 4.57
C LEU A 94 -5.94 14.64 5.82
N GLU A 95 -6.33 13.36 5.81
CA GLU A 95 -7.10 12.79 6.91
C GLU A 95 -6.30 12.77 8.20
N ALA A 96 -5.03 12.35 8.13
CA ALA A 96 -4.21 12.22 9.33
C ALA A 96 -3.92 13.57 9.95
N SER A 97 -3.70 14.59 9.13
CA SER A 97 -3.35 15.91 9.64
C SER A 97 -4.42 16.50 10.54
N GLY A 98 -5.67 16.04 10.42
CA GLY A 98 -6.72 16.50 11.30
C GLY A 98 -7.98 16.92 10.56
N VAL A 99 -7.91 17.04 9.25
CA VAL A 99 -9.04 17.45 8.43
C VAL A 99 -9.56 16.22 7.68
N ARG A 100 -10.85 15.94 7.86
CA ARG A 100 -11.49 14.80 7.22
C ARG A 100 -12.96 15.11 7.04
N VAL A 101 -13.59 14.39 6.11
CA VAL A 101 -14.96 14.73 5.70
C VAL A 101 -15.89 14.63 6.89
N GLY A 102 -16.67 15.68 7.12
CA GLY A 102 -17.68 15.71 8.15
C GLY A 102 -17.37 16.61 9.33
N GLU A 103 -16.12 17.02 9.51
CA GLU A 103 -15.76 17.88 10.63
C GLU A 103 -15.60 19.33 10.16
N SER A 104 -15.15 20.18 11.07
CA SER A 104 -15.12 21.61 10.85
C SER A 104 -14.00 21.99 9.88
N LEU A 105 -13.78 23.30 9.73
CA LEU A 105 -12.70 23.81 8.91
C LEU A 105 -11.86 24.77 9.74
N ASP A 106 -10.55 24.75 9.50
CA ASP A 106 -9.60 25.61 10.21
C ASP A 106 -8.58 26.12 9.20
N ARG A 107 -8.66 27.41 8.88
CA ARG A 107 -7.84 27.99 7.82
C ARG A 107 -6.37 28.00 8.17
N THR A 108 -6.03 28.03 9.46
CA THR A 108 -4.65 27.83 9.87
C THR A 108 -4.14 26.49 9.37
N THR A 109 -4.97 25.45 9.49
CA THR A 109 -4.61 24.16 8.93
C THR A 109 -4.60 24.20 7.40
N ILE A 110 -5.39 25.09 6.78
CA ILE A 110 -5.29 25.26 5.34
C ILE A 110 -3.89 25.69 4.94
N ALA A 111 -3.38 26.74 5.60
CA ALA A 111 -2.02 27.18 5.32
C ALA A 111 -1.00 26.10 5.67
N ASP A 112 -1.20 25.43 6.81
CA ASP A 112 -0.27 24.39 7.25
C ASP A 112 -0.19 23.27 6.22
N ILE A 113 -1.33 22.79 5.74
CA ILE A 113 -1.34 21.69 4.79
C ILE A 113 -0.88 22.15 3.41
N GLU A 114 -1.14 23.40 3.04
CA GLU A 114 -0.60 23.92 1.79
C GLU A 114 0.92 23.87 1.81
N LYS A 115 1.53 24.41 2.87
CA LYS A 115 2.98 24.37 2.97
C LYS A 115 3.51 22.96 3.12
N GLY A 116 2.76 22.08 3.81
CA GLY A 116 3.19 20.70 3.96
C GLY A 116 3.20 19.94 2.66
N LEU A 117 2.19 20.14 1.82
CA LEU A 117 2.18 19.49 0.52
C LEU A 117 3.25 20.06 -0.40
N GLU A 118 3.50 21.37 -0.30
CA GLU A 118 4.64 21.92 -1.03
C GLU A 118 5.94 21.27 -0.59
N ASP A 119 6.11 21.08 0.72
CA ASP A 119 7.31 20.44 1.24
C ASP A 119 7.42 19.00 0.76
N PHE A 120 6.30 18.28 0.73
CA PHE A 120 6.33 16.91 0.23
C PHE A 120 6.72 16.88 -1.24
N TYR A 121 6.21 17.81 -2.03
CA TYR A 121 6.61 17.89 -3.44
C TYR A 121 8.10 18.23 -3.58
N TYR A 122 8.62 19.11 -2.73
CA TYR A 122 10.05 19.40 -2.76
C TYR A 122 10.85 18.16 -2.41
N SER A 123 10.35 17.36 -1.47
CA SER A 123 10.99 16.07 -1.16
C SER A 123 10.96 15.16 -2.38
N VAL A 124 9.85 15.14 -3.11
CA VAL A 124 9.79 14.41 -4.37
C VAL A 124 10.76 14.99 -5.37
N GLY A 125 11.02 16.30 -5.29
CA GLY A 125 11.89 16.98 -6.22
C GLY A 125 11.16 17.80 -7.26
N LYS A 126 9.83 17.88 -7.19
CA LYS A 126 9.04 18.68 -8.12
C LYS A 126 8.91 20.08 -7.54
N TYR A 127 9.85 20.95 -7.90
CA TYR A 127 9.87 22.31 -7.39
C TYR A 127 9.02 23.27 -8.22
N SER A 128 8.50 22.82 -9.36
CA SER A 128 7.52 23.59 -10.11
C SER A 128 6.10 23.20 -9.69
N ALA A 129 5.85 23.25 -8.39
CA ALA A 129 4.60 22.79 -7.81
C ALA A 129 3.97 23.91 -6.99
N SER A 130 2.65 24.07 -7.12
CA SER A 130 1.92 25.10 -6.38
C SER A 130 0.52 24.56 -6.11
N VAL A 131 0.32 24.00 -4.93
CA VAL A 131 -1.01 23.54 -4.54
C VAL A 131 -1.90 24.75 -4.31
N LYS A 132 -3.08 24.74 -4.93
CA LYS A 132 -4.00 25.86 -4.83
C LYS A 132 -5.34 25.37 -4.28
N ALA A 133 -5.88 26.10 -3.31
CA ALA A 133 -7.10 25.72 -2.62
C ALA A 133 -8.26 26.56 -3.12
N VAL A 134 -9.37 25.91 -3.46
CA VAL A 134 -10.58 26.55 -3.96
C VAL A 134 -11.67 26.27 -2.93
N VAL A 135 -12.16 27.32 -2.29
CA VAL A 135 -13.22 27.21 -1.30
C VAL A 135 -14.56 27.42 -1.98
N THR A 136 -15.49 26.49 -1.75
CA THR A 136 -16.83 26.56 -2.32
C THR A 136 -17.84 26.53 -1.17
N PRO A 137 -18.41 27.68 -0.80
CA PRO A 137 -19.49 27.67 0.20
C PRO A 137 -20.75 27.04 -0.36
N LEU A 138 -21.50 26.39 0.52
CA LEU A 138 -22.73 25.69 0.19
C LEU A 138 -23.79 25.98 1.26
N PRO A 139 -25.07 25.93 0.89
CA PRO A 139 -26.12 26.18 1.88
C PRO A 139 -26.05 25.21 3.04
N ARG A 140 -26.82 25.53 4.09
CA ARG A 140 -26.75 24.84 5.38
C ARG A 140 -25.37 24.98 6.01
N ASN A 141 -24.68 26.08 5.71
CA ASN A 141 -23.36 26.40 6.27
C ASN A 141 -22.36 25.28 5.99
N ARG A 142 -22.27 24.89 4.73
CA ARG A 142 -21.32 23.86 4.31
C ARG A 142 -20.20 24.50 3.50
N VAL A 143 -19.11 23.75 3.33
CA VAL A 143 -17.99 24.17 2.49
C VAL A 143 -17.40 22.93 1.83
N ASP A 144 -16.83 23.13 0.65
CA ASP A 144 -16.11 22.06 -0.03
C ASP A 144 -14.82 22.63 -0.61
N LEU A 145 -13.75 21.86 -0.50
CA LEU A 145 -12.41 22.33 -0.88
C LEU A 145 -11.90 21.54 -2.08
N LYS A 146 -11.51 22.28 -3.12
CA LYS A 146 -10.90 21.72 -4.31
C LYS A 146 -9.41 22.05 -4.32
N LEU A 147 -8.61 21.15 -4.87
CA LEU A 147 -7.16 21.34 -4.91
C LEU A 147 -6.69 21.27 -6.35
N VAL A 148 -5.87 22.25 -6.74
CA VAL A 148 -5.30 22.34 -8.08
C VAL A 148 -3.79 22.16 -7.96
N PHE A 149 -3.24 21.26 -8.78
CA PHE A 149 -1.84 20.86 -8.70
C PHE A 149 -1.17 21.05 -10.06
N GLN A 150 -0.46 22.17 -10.24
CA GLN A 150 0.21 22.46 -11.50
C GLN A 150 1.70 22.13 -11.41
N GLU A 151 2.00 20.83 -11.40
CA GLU A 151 3.39 20.36 -11.33
C GLU A 151 3.93 20.23 -12.74
N GLY A 152 4.86 21.11 -13.11
CA GLY A 152 5.44 21.06 -14.43
C GLY A 152 6.39 19.90 -14.67
N VAL A 153 7.57 19.95 -14.04
CA VAL A 153 8.59 18.92 -14.25
C VAL A 153 9.67 19.05 -13.18
N SER A 154 10.21 17.93 -12.73
CA SER A 154 11.31 17.92 -11.78
C SER A 154 12.64 17.88 -12.53
N ALA A 155 13.73 17.64 -11.80
CA ALA A 155 15.04 17.56 -12.41
C ALA A 155 15.48 16.10 -12.59
N ILE A 157 18.18 15.09 -10.88
CA ILE A 157 19.60 14.97 -10.62
C ILE A 157 20.40 15.10 -11.90
N GLN A 158 21.45 15.93 -11.86
CA GLN A 158 22.27 16.17 -13.03
C GLN A 158 23.77 16.18 -12.77
N GLN A 159 24.21 16.02 -11.52
CA GLN A 159 25.64 16.02 -11.22
C GLN A 159 25.94 15.47 -9.84
N ILE A 160 26.89 14.54 -9.77
CA ILE A 160 27.39 13.99 -8.53
C ILE A 160 28.91 13.95 -8.60
N ASN A 161 29.57 14.45 -7.56
CA ASN A 161 31.02 14.37 -7.44
C ASN A 161 31.39 14.08 -5.99
N ILE A 162 32.58 13.52 -5.81
CA ILE A 162 33.00 12.99 -4.51
C ILE A 162 34.22 13.77 -4.08
N VAL A 163 34.25 15.06 -4.42
CA VAL A 163 35.43 15.88 -4.20
C VAL A 163 35.90 15.78 -2.75
N GLY A 164 37.22 15.67 -2.58
CA GLY A 164 37.80 15.42 -1.28
C GLY A 164 38.53 14.10 -1.25
N ASN A 165 37.97 13.10 -1.92
CA ASN A 165 38.62 11.79 -2.00
C ASN A 165 39.82 11.83 -2.93
N HIS A 166 40.77 10.93 -2.70
CA HIS A 166 41.95 10.82 -3.56
C HIS A 166 42.29 9.39 -3.96
N ALA A 167 41.88 8.39 -3.20
CA ALA A 167 42.32 7.01 -3.46
C ALA A 167 41.34 6.22 -4.32
N PHE A 168 40.11 6.69 -4.51
CA PHE A 168 39.12 5.97 -5.29
C PHE A 168 38.61 6.84 -6.43
N THR A 169 38.31 6.20 -7.56
CA THR A 169 37.66 6.90 -8.65
C THR A 169 36.21 7.18 -8.30
N THR A 170 35.66 8.22 -8.92
CA THR A 170 34.28 8.61 -8.66
C THR A 170 33.31 7.53 -9.12
N ASP A 171 33.54 6.96 -10.30
CA ASP A 171 32.56 6.07 -10.93
C ASP A 171 32.31 4.83 -10.08
N GLU A 172 33.36 4.24 -9.51
CA GLU A 172 33.17 3.06 -8.68
C GLU A 172 32.31 3.38 -7.46
N LEU A 173 32.44 4.59 -6.92
CA LEU A 173 31.51 5.02 -5.89
C LEU A 173 30.09 5.12 -6.44
N ILE A 174 29.94 5.70 -7.63
CA ILE A 174 28.62 5.84 -8.24
C ILE A 174 27.98 4.47 -8.46
N SER A 175 28.80 3.44 -8.63
CA SER A 175 28.27 2.10 -8.86
C SER A 175 27.50 1.56 -7.65
N HIS A 176 27.67 2.16 -6.47
CA HIS A 176 27.01 1.68 -5.27
C HIS A 176 25.84 2.55 -4.83
N PHE A 177 25.80 3.81 -5.22
CA PHE A 177 24.73 4.70 -4.76
C PHE A 177 23.38 4.24 -5.26
N GLN A 178 22.37 4.34 -4.39
CA GLN A 178 21.00 4.09 -4.83
C GLN A 178 20.57 5.11 -5.88
N LEU A 179 20.94 6.38 -5.67
CA LEU A 179 20.59 7.45 -6.58
C LEU A 179 21.65 7.57 -7.68
N ARG A 180 21.20 7.62 -8.93
CA ARG A 180 22.08 7.66 -10.09
C ARG A 180 21.89 8.97 -10.85
N ASP A 181 23.00 9.56 -11.29
CA ASP A 181 22.92 10.79 -12.07
C ASP A 181 22.39 10.51 -13.47
N GLU A 182 22.87 9.45 -14.12
CA GLU A 182 22.44 9.10 -15.46
C GLU A 182 22.82 7.64 -15.72
N VAL A 183 22.09 7.01 -16.61
CA VAL A 183 22.27 5.60 -16.94
C VAL A 183 22.40 5.49 -18.45
N PRO A 184 23.26 4.60 -18.98
CA PRO A 184 23.48 4.57 -20.44
C PRO A 184 22.27 4.13 -21.25
N TRP A 185 22.45 4.02 -22.56
CA TRP A 185 21.33 3.83 -23.48
C TRP A 185 20.73 2.43 -23.39
N TRP A 186 21.55 1.40 -23.33
CA TRP A 186 21.05 0.03 -23.46
C TRP A 186 20.59 -0.55 -22.12
N ASN A 187 19.77 0.22 -21.39
CA ASN A 187 19.12 -0.22 -20.16
C ASN A 187 18.16 0.85 -19.64
N VAL A 188 17.10 0.42 -18.95
CA VAL A 188 16.08 1.32 -18.43
C VAL A 188 15.93 1.04 -16.94
N VAL A 189 17.02 0.61 -16.30
CA VAL A 189 16.93 0.09 -14.94
C VAL A 189 16.58 1.19 -13.94
N GLY A 190 17.10 2.39 -14.14
CA GLY A 190 16.98 3.43 -13.13
C GLY A 190 16.34 4.70 -13.65
N ASP A 191 15.65 5.39 -12.76
CA ASP A 191 15.06 6.69 -13.04
C ASP A 191 16.03 7.79 -12.64
N ARG A 192 15.55 9.04 -12.59
CA ARG A 192 16.45 10.17 -12.38
C ARG A 192 15.89 11.20 -11.40
N LYS A 193 14.95 10.84 -10.54
CA LYS A 193 14.36 11.78 -9.61
C LYS A 193 15.23 11.91 -8.36
N TYR A 194 14.95 12.93 -7.54
CA TYR A 194 15.71 13.20 -6.33
C TYR A 194 14.82 12.95 -5.12
N GLN A 195 15.30 12.10 -4.21
CA GLN A 195 14.66 11.86 -2.92
C GLN A 195 15.71 12.08 -1.83
N LYS A 196 15.42 12.97 -0.88
CA LYS A 196 16.40 13.33 0.14
C LYS A 196 16.79 12.12 0.98
N GLN A 197 15.81 11.30 1.37
CA GLN A 197 16.13 10.11 2.15
C GLN A 197 17.00 9.15 1.35
N LYS A 198 16.84 9.13 0.03
CA LYS A 198 17.74 8.33 -0.80
C LYS A 198 19.16 8.86 -0.70
N LEU A 199 19.33 10.18 -0.67
CA LEU A 199 20.67 10.75 -0.50
C LEU A 199 21.24 10.38 0.87
N ALA A 200 20.40 10.42 1.91
CA ALA A 200 20.88 10.03 3.23
C ALA A 200 21.35 8.59 3.26
N GLY A 201 20.55 7.68 2.67
CA GLY A 201 20.96 6.29 2.60
C GLY A 201 22.21 6.11 1.78
N ASP A 202 22.36 6.87 0.70
CA ASP A 202 23.56 6.81 -0.12
C ASP A 202 24.78 7.25 0.69
N LEU A 203 24.63 8.29 1.51
CA LEU A 203 25.71 8.71 2.39
C LEU A 203 26.05 7.61 3.39
N GLU A 204 25.04 6.93 3.92
CA GLU A 204 25.30 5.79 4.80
C GLU A 204 26.10 4.71 4.09
N THR A 205 25.74 4.42 2.84
CA THR A 205 26.47 3.41 2.08
C THR A 205 27.91 3.83 1.85
N LEU A 206 28.13 5.09 1.49
CA LEU A 206 29.50 5.58 1.30
C LEU A 206 30.31 5.47 2.59
N ARG A 207 29.70 5.88 3.71
CA ARG A 207 30.40 5.80 4.99
C ARG A 207 30.75 4.35 5.32
N SER A 208 29.82 3.42 5.11
CA SER A 208 30.11 2.02 5.37
C SER A 208 31.23 1.52 4.46
N TYR A 209 31.19 1.91 3.18
CA TYR A 209 32.20 1.50 2.23
C TYR A 209 33.59 1.93 2.66
N TYR A 210 33.72 3.16 3.16
CA TYR A 210 35.03 3.60 3.62
C TYR A 210 35.41 2.99 4.96
N LEU A 211 34.47 2.83 5.89
CA LEU A 211 34.84 2.38 7.23
C LEU A 211 35.18 0.90 7.25
N ASP A 212 34.42 0.07 6.53
CA ASP A 212 34.67 -1.37 6.59
C ASP A 212 35.97 -1.77 5.90
N ARG A 213 36.60 -0.87 5.17
CA ARG A 213 37.87 -1.15 4.52
C ARG A 213 39.07 -0.66 5.32
N GLY A 214 38.85 -0.16 6.54
CA GLY A 214 39.93 0.16 7.46
C GLY A 214 40.00 1.62 7.87
N TYR A 215 39.46 2.51 7.05
CA TYR A 215 39.57 3.95 7.27
C TYR A 215 38.66 4.35 8.43
N ALA A 216 39.16 4.14 9.65
CA ALA A 216 38.37 4.45 10.84
C ALA A 216 38.24 5.96 11.04
N ARG A 217 39.33 6.71 10.84
CA ARG A 217 39.30 8.15 11.00
C ARG A 217 38.61 8.79 9.81
N PHE A 218 37.31 8.56 9.66
CA PHE A 218 36.54 9.07 8.53
C PHE A 218 35.23 9.64 9.03
N ASN A 219 34.75 10.67 8.35
CA ASN A 219 33.47 11.28 8.63
C ASN A 219 32.94 11.92 7.35
N ILE A 220 31.86 12.67 7.48
CA ILE A 220 31.28 13.43 6.38
C ILE A 220 31.38 14.90 6.76
N ASP A 221 32.38 15.60 6.22
CA ASP A 221 32.57 17.00 6.58
C ASP A 221 31.39 17.86 6.17
N SER A 222 30.96 17.74 4.91
CA SER A 222 29.86 18.60 4.48
C SER A 222 29.28 18.13 3.16
N THR A 223 27.96 18.09 3.08
CA THR A 223 27.25 17.75 1.85
C THR A 223 26.34 18.89 1.44
N GLN A 224 26.38 19.24 0.16
CA GLN A 224 25.65 20.39 -0.36
C GLN A 224 24.84 19.99 -1.58
N VAL A 225 23.55 20.26 -1.55
CA VAL A 225 22.72 20.21 -2.76
C VAL A 225 22.70 21.60 -3.37
N SER A 226 22.41 21.66 -4.66
CA SER A 226 22.43 22.94 -5.36
C SER A 226 21.44 22.89 -6.50
N LEU A 227 20.82 24.04 -6.78
CA LEU A 227 19.80 24.17 -7.81
C LEU A 227 20.25 25.19 -8.85
N THR A 228 20.10 24.86 -10.12
CA THR A 228 20.38 25.80 -11.18
C THR A 228 19.33 26.91 -11.17
N PRO A 229 19.67 28.12 -11.67
CA PRO A 229 18.73 29.24 -11.65
C PRO A 229 17.65 29.12 -12.72
N ASP A 230 17.08 27.92 -12.84
CA ASP A 230 15.92 27.67 -13.68
C ASP A 230 14.89 26.75 -13.04
N LYS A 231 15.17 26.20 -11.85
CA LYS A 231 14.32 25.19 -11.22
C LYS A 231 14.11 23.99 -12.14
N LYS A 232 15.18 23.60 -12.85
CA LYS A 232 15.14 22.43 -13.71
C LYS A 232 16.37 21.54 -13.59
N GLY A 233 17.29 21.84 -12.67
CA GLY A 233 18.48 21.02 -12.52
C GLY A 233 19.08 21.08 -11.13
N ILE A 234 19.34 19.91 -10.54
CA ILE A 234 19.86 19.81 -9.18
C ILE A 234 21.16 19.00 -9.22
N TYR A 235 22.18 19.49 -8.52
CA TYR A 235 23.43 18.81 -8.35
C TYR A 235 23.66 18.53 -6.87
N VAL A 236 24.52 17.56 -6.57
CA VAL A 236 24.85 17.19 -5.20
C VAL A 236 26.35 16.98 -5.08
N THR A 237 26.94 17.48 -4.01
CA THR A 237 28.37 17.33 -3.75
C THR A 237 28.59 16.89 -2.30
N VAL A 238 29.68 16.17 -2.09
CA VAL A 238 30.07 15.66 -0.78
C VAL A 238 31.52 16.01 -0.53
N ASN A 239 31.86 16.26 0.75
CA ASN A 239 33.19 16.66 1.16
C ASN A 239 33.54 15.85 2.40
N ILE A 240 34.61 15.07 2.32
CA ILE A 240 34.97 14.05 3.30
C ILE A 240 36.41 14.27 3.74
N THR A 241 36.89 13.35 4.58
CA THR A 241 38.28 13.29 5.00
C THR A 241 38.74 11.84 4.90
N GLU A 242 39.75 11.60 4.07
CA GLU A 242 40.18 10.22 3.80
C GLU A 242 40.71 9.54 5.06
N GLY A 243 41.54 10.23 5.82
CA GLY A 243 42.15 9.65 7.00
C GLY A 243 43.28 8.72 6.67
N ASP A 244 43.33 7.55 7.32
CA ASP A 244 44.38 6.58 7.05
C ASP A 244 43.89 5.20 7.45
N GLN A 245 44.60 4.17 6.98
CA GLN A 245 44.26 2.81 7.28
C GLN A 245 44.66 2.46 8.71
N TYR A 246 44.06 1.38 9.23
CA TYR A 246 44.35 0.91 10.58
C TYR A 246 44.23 -0.61 10.62
N LYS A 247 44.99 -1.23 11.52
CA LYS A 247 45.04 -2.67 11.65
C LYS A 247 44.36 -3.12 12.93
N LEU A 248 43.74 -4.30 12.87
CA LEU A 248 43.05 -4.89 14.02
C LEU A 248 44.07 -5.65 14.85
N SER A 249 44.63 -4.98 15.85
CA SER A 249 45.65 -5.60 16.70
C SER A 249 45.05 -6.74 17.51
N GLY A 250 43.91 -6.50 18.15
CA GLY A 250 43.27 -7.53 18.95
C GLY A 250 42.03 -6.97 19.63
N VAL A 251 41.16 -7.90 20.02
CA VAL A 251 39.90 -7.55 20.67
C VAL A 251 39.85 -8.17 22.06
N GLU A 252 38.80 -7.88 22.80
CA GLU A 252 38.61 -8.43 24.14
C GLU A 252 37.11 -8.43 24.45
N VAL A 253 36.77 -8.71 25.71
CA VAL A 253 35.38 -8.71 26.15
C VAL A 253 35.37 -8.43 27.64
N SER A 254 34.36 -7.69 28.10
CA SER A 254 34.28 -7.27 29.49
C SER A 254 32.81 -7.34 29.92
N GLY A 255 32.54 -6.76 31.08
CA GLY A 255 31.19 -6.76 31.62
C GLY A 255 30.80 -8.09 32.23
N ASN A 256 29.67 -8.08 32.93
CA ASN A 256 29.12 -9.29 33.54
C ASN A 256 28.40 -10.08 32.46
N LEU A 257 29.10 -11.02 31.86
CA LEU A 257 28.55 -11.84 30.79
C LEU A 257 28.06 -13.18 31.35
N ALA A 258 27.65 -14.07 30.46
CA ALA A 258 27.21 -15.39 30.86
C ALA A 258 28.40 -16.22 31.35
N GLY A 259 28.10 -17.25 32.12
CA GLY A 259 29.12 -18.13 32.67
C GLY A 259 29.77 -19.02 31.61
N HIS A 260 29.26 -18.93 30.39
CA HIS A 260 29.73 -19.73 29.26
C HIS A 260 30.76 -18.99 28.42
N SER A 261 31.59 -18.16 29.04
CA SER A 261 32.41 -17.19 28.33
C SER A 261 33.27 -17.84 27.25
N ALA A 262 33.69 -19.09 27.46
CA ALA A 262 34.62 -19.75 26.56
C ALA A 262 34.16 -19.69 25.11
N GLU A 263 32.88 -20.01 24.88
CA GLU A 263 32.38 -19.98 23.50
C GLU A 263 32.25 -18.56 22.99
N ILE A 264 32.01 -17.58 23.86
CA ILE A 264 32.02 -16.18 23.43
C ILE A 264 33.40 -15.79 22.93
N GLU A 265 34.46 -16.16 23.65
CA GLU A 265 35.80 -15.89 23.13
C GLU A 265 36.07 -16.67 21.85
N GLN A 266 35.58 -17.91 21.78
CA GLN A 266 35.68 -18.70 20.55
C GLN A 266 35.11 -17.93 19.36
N LEU A 267 33.90 -17.39 19.53
CA LEU A 267 33.24 -16.67 18.46
C LEU A 267 33.91 -15.33 18.18
N THR A 268 34.57 -14.75 19.19
CA THR A 268 35.30 -13.50 19.03
C THR A 268 36.80 -13.72 18.89
N LYS A 269 37.23 -14.96 18.62
CA LYS A 269 38.63 -15.20 18.29
C LYS A 269 39.00 -14.47 17.02
N ILE A 270 39.93 -13.52 17.14
CA ILE A 270 40.35 -12.68 16.02
C ILE A 270 41.82 -12.94 15.74
N GLU A 271 42.14 -13.28 14.49
CA GLU A 271 43.50 -13.57 14.09
C GLU A 271 44.17 -12.28 13.61
N PRO A 272 45.29 -11.86 14.21
CA PRO A 272 45.91 -10.59 13.81
C PRO A 272 46.41 -10.58 12.36
N GLY A 273 46.93 -9.45 11.93
CA GLY A 273 47.40 -9.31 10.57
C GLY A 273 46.32 -9.02 9.55
N GLU A 274 45.11 -8.70 9.99
CA GLU A 274 43.99 -8.40 9.09
C GLU A 274 43.53 -6.96 9.34
N LEU A 275 43.18 -6.28 8.25
CA LEU A 275 42.77 -4.88 8.33
C LEU A 275 41.41 -4.76 9.02
N TYR A 276 41.02 -3.52 9.29
CA TYR A 276 39.78 -3.26 10.01
C TYR A 276 38.56 -3.44 9.11
N ASN A 277 37.44 -3.76 9.75
CA ASN A 277 36.16 -3.87 9.04
C ASN A 277 35.04 -3.61 10.03
N GLY A 278 34.37 -2.46 9.90
CA GLY A 278 33.32 -2.12 10.85
C GLY A 278 32.14 -3.06 10.77
N THR A 279 31.71 -3.41 9.56
CA THR A 279 30.58 -4.33 9.39
C THR A 279 30.88 -5.68 10.02
N LYS A 280 32.14 -6.11 10.01
CA LYS A 280 32.51 -7.31 10.74
C LYS A 280 32.18 -7.17 12.22
N VAL A 281 32.52 -6.02 12.81
CA VAL A 281 32.23 -5.78 14.22
C VAL A 281 30.72 -5.79 14.44
N THR A 282 29.96 -5.15 13.56
CA THR A 282 28.50 -5.10 13.70
C THR A 282 27.91 -6.50 13.69
N LYS A 283 28.36 -7.33 12.74
CA LYS A 283 27.95 -8.72 12.73
C LYS A 283 28.35 -9.43 14.01
N MET A 284 29.49 -9.03 14.59
CA MET A 284 29.90 -9.62 15.86
C MET A 284 28.90 -9.32 16.97
N GLU A 285 28.49 -8.05 17.11
CA GLU A 285 27.47 -7.78 18.13
C GLU A 285 26.19 -8.54 17.83
N ASP A 286 25.79 -8.60 16.55
CA ASP A 286 24.54 -9.25 16.20
C ASP A 286 24.55 -10.72 16.59
N ASP A 287 25.62 -11.44 16.25
CA ASP A 287 25.60 -12.87 16.54
C ASP A 287 25.98 -13.19 17.99
N ILE A 288 26.66 -12.29 18.69
CA ILE A 288 26.73 -12.44 20.15
C ILE A 288 25.34 -12.34 20.76
N LYS A 289 24.55 -11.37 20.30
CA LYS A 289 23.16 -11.27 20.76
C LYS A 289 22.40 -12.55 20.45
N LYS A 290 22.58 -13.08 19.24
CA LYS A 290 21.90 -14.32 18.86
C LYS A 290 22.29 -15.48 19.78
N LEU A 291 23.59 -15.62 20.06
CA LEU A 291 24.05 -16.75 20.88
C LEU A 291 23.56 -16.61 22.31
N LEU A 292 23.63 -15.41 22.89
CA LEU A 292 23.12 -15.22 24.24
C LEU A 292 21.62 -15.42 24.30
N GLY A 293 20.90 -15.08 23.23
CA GLY A 293 19.49 -15.45 23.16
C GLY A 293 19.29 -16.95 23.12
N ARG A 294 20.20 -17.65 22.44
CA ARG A 294 20.12 -19.10 22.38
C ARG A 294 20.31 -19.74 23.76
N TYR A 295 21.22 -19.20 24.57
CA TYR A 295 21.35 -19.71 25.93
C TYR A 295 20.12 -19.43 26.77
N GLY A 296 19.41 -18.34 26.51
CA GLY A 296 18.20 -18.06 27.26
C GLY A 296 18.09 -16.66 27.82
N TYR A 297 18.95 -15.76 27.36
CA TYR A 297 18.90 -14.36 27.77
C TYR A 297 18.41 -13.54 26.57
N ALA A 298 17.20 -12.99 26.69
CA ALA A 298 16.50 -12.44 25.53
C ALA A 298 16.60 -10.92 25.39
N TYR A 299 16.93 -10.20 26.45
CA TYR A 299 17.13 -8.75 26.40
C TYR A 299 18.52 -8.44 26.91
N PRO A 300 19.54 -8.64 26.09
CA PRO A 300 20.90 -8.29 26.49
C PRO A 300 21.18 -6.82 26.17
N ARG A 301 22.43 -6.41 26.41
CA ARG A 301 22.90 -5.08 26.06
C ARG A 301 24.36 -5.19 25.72
N VAL A 302 24.71 -4.83 24.49
CA VAL A 302 26.06 -4.96 23.96
C VAL A 302 26.46 -3.65 23.30
N GLN A 303 27.69 -3.22 23.58
CA GLN A 303 28.26 -2.08 22.90
C GLN A 303 29.76 -2.27 22.79
N SER A 304 30.41 -1.42 22.01
CA SER A 304 31.83 -1.59 21.74
C SER A 304 32.43 -0.27 21.27
N MET A 305 33.58 0.07 21.83
CA MET A 305 34.32 1.24 21.34
C MET A 305 35.66 0.83 20.77
N PRO A 306 35.99 1.33 19.57
CA PRO A 306 37.30 1.04 18.97
C PRO A 306 38.39 1.98 19.44
N GLU A 307 39.05 1.65 20.55
CA GLU A 307 40.20 2.44 20.99
C GLU A 307 41.25 2.45 19.88
N ILE A 308 41.50 3.63 19.32
CA ILE A 308 42.29 3.77 18.10
C ILE A 308 43.65 4.35 18.47
N ASN A 309 44.71 3.59 18.17
CA ASN A 309 46.08 4.05 18.36
C ASN A 309 46.51 4.70 17.04
N ASP A 310 46.37 6.02 16.98
CA ASP A 310 46.77 6.76 15.79
C ASP A 310 48.28 6.74 15.61
N ALA A 311 49.03 6.77 16.71
CA ALA A 311 50.49 6.75 16.61
C ALA A 311 50.98 5.44 15.99
N ASP A 312 50.40 4.31 16.40
CA ASP A 312 50.78 3.01 15.88
C ASP A 312 49.95 2.58 14.68
N LYS A 313 49.03 3.42 14.21
CA LYS A 313 48.21 3.14 13.04
C LYS A 313 47.42 1.84 13.20
N THR A 314 46.88 1.62 14.40
CA THR A 314 46.17 0.38 14.69
C THR A 314 44.93 0.70 15.51
N VAL A 315 44.12 -0.33 15.78
CA VAL A 315 42.93 -0.20 16.61
C VAL A 315 42.79 -1.46 17.45
N LYS A 316 42.07 -1.31 18.56
CA LYS A 316 41.61 -2.44 19.36
C LYS A 316 40.16 -2.16 19.74
N LEU A 317 39.40 -3.24 19.98
CA LEU A 317 37.99 -3.12 20.32
C LEU A 317 37.79 -3.46 21.79
N ARG A 318 37.08 -2.60 22.50
CA ARG A 318 36.64 -2.86 23.86
C ARG A 318 35.14 -3.13 23.80
N VAL A 319 34.75 -4.34 24.16
CA VAL A 319 33.36 -4.78 24.07
C VAL A 319 32.80 -4.91 25.48
N ASN A 320 31.55 -4.50 25.65
CA ASN A 320 30.83 -4.65 26.91
C ASN A 320 29.50 -5.32 26.63
N VAL A 321 29.27 -6.44 27.32
CA VAL A 321 28.03 -7.20 27.20
C VAL A 321 27.49 -7.44 28.60
N ASP A 322 26.19 -7.26 28.77
CA ASP A 322 25.57 -7.57 30.05
C ASP A 322 24.89 -8.94 29.99
N ALA A 323 24.78 -9.57 31.15
CA ALA A 323 24.15 -10.89 31.20
C ALA A 323 22.65 -10.82 30.98
N GLY A 324 22.04 -9.65 31.17
CA GLY A 324 20.60 -9.59 31.13
C GLY A 324 19.99 -10.37 32.29
N ASN A 325 18.82 -10.94 32.04
CA ASN A 325 18.16 -11.78 33.02
C ASN A 325 17.51 -12.97 32.32
N ARG A 326 17.57 -14.13 32.96
CA ARG A 326 16.97 -15.34 32.42
C ARG A 326 15.47 -15.12 32.22
N PHE A 327 15.03 -15.10 30.96
CA PHE A 327 13.64 -14.84 30.66
C PHE A 327 12.86 -16.16 30.52
N TYR A 328 11.55 -16.07 30.72
CA TYR A 328 10.71 -17.26 30.75
C TYR A 328 9.37 -16.96 30.12
N VAL A 329 8.83 -17.94 29.39
CA VAL A 329 7.57 -17.79 28.68
C VAL A 329 6.44 -18.20 29.62
N ARG A 330 5.72 -17.21 30.12
CA ARG A 330 4.57 -17.48 30.98
C ARG A 330 3.45 -18.16 30.18
N LYS A 331 2.95 -17.47 29.15
CA LYS A 331 1.91 -17.98 28.30
C LYS A 331 2.36 -17.94 26.84
N ILE A 332 1.97 -18.96 26.08
CA ILE A 332 2.11 -18.95 24.64
C ILE A 332 0.71 -18.78 24.06
N ARG A 333 0.58 -17.86 23.12
CA ARG A 333 -0.73 -17.43 22.63
C ARG A 333 -0.75 -17.40 21.11
N PHE A 334 -1.89 -17.76 20.54
CA PHE A 334 -2.11 -17.70 19.11
C PHE A 334 -3.21 -16.70 18.81
N GLU A 335 -3.15 -16.12 17.61
CA GLU A 335 -4.11 -15.09 17.23
C GLU A 335 -4.21 -15.03 15.71
N GLY A 336 -5.44 -15.08 15.21
CA GLY A 336 -5.72 -14.96 13.78
C GLY A 336 -6.43 -16.15 13.19
N ASN A 337 -6.24 -17.33 13.77
CA ASN A 337 -6.80 -18.55 13.21
C ASN A 337 -8.30 -18.67 13.45
N ASP A 338 -9.09 -18.30 12.45
CA ASP A 338 -10.54 -18.45 12.56
C ASP A 338 -10.97 -19.91 12.41
N THR A 339 -10.29 -20.67 11.56
CA THR A 339 -10.68 -22.04 11.25
C THR A 339 -9.89 -23.07 12.03
N SER A 340 -8.56 -23.05 11.92
CA SER A 340 -7.73 -24.03 12.59
C SER A 340 -7.82 -23.89 14.10
N LYS A 341 -7.86 -25.02 14.79
CA LYS A 341 -8.01 -25.00 16.24
C LYS A 341 -6.69 -24.64 16.92
N ASP A 342 -6.75 -24.52 18.25
CA ASP A 342 -5.54 -24.24 19.01
C ASP A 342 -4.58 -25.42 18.99
N ALA A 343 -5.12 -26.64 19.04
CA ALA A 343 -4.28 -27.82 19.21
C ALA A 343 -3.36 -28.03 18.01
N VAL A 344 -3.86 -27.81 16.80
CA VAL A 344 -3.06 -28.08 15.60
C VAL A 344 -1.82 -27.19 15.59
N LEU A 345 -1.98 -25.91 15.92
CA LEU A 345 -0.83 -25.02 15.95
C LEU A 345 0.07 -25.29 17.16
N ARG A 346 -0.53 -25.49 18.32
CA ARG A 346 0.24 -25.81 19.52
C ARG A 346 1.02 -27.10 19.36
N ARG A 347 0.53 -28.03 18.54
CA ARG A 347 1.26 -29.27 18.27
C ARG A 347 2.60 -29.00 17.62
N GLU A 348 2.72 -27.90 16.89
CA GLU A 348 3.95 -27.44 16.28
C GLU A 348 4.77 -26.72 17.35
N MET A 349 5.70 -25.86 16.95
CA MET A 349 6.36 -24.98 17.90
C MET A 349 7.22 -25.72 18.91
N ARG A 350 8.35 -26.26 18.45
CA ARG A 350 9.31 -26.91 19.33
C ARG A 350 9.63 -26.07 20.57
N GLN A 351 9.56 -24.74 20.46
CA GLN A 351 9.66 -23.91 21.65
C GLN A 351 8.49 -24.21 22.56
N MET A 352 8.77 -24.48 23.82
CA MET A 352 7.77 -25.00 24.74
C MET A 352 7.32 -23.88 25.67
N GLU A 353 6.09 -24.02 26.18
CA GLU A 353 5.52 -23.06 27.11
C GLU A 353 5.95 -23.40 28.54
N GLY A 354 6.39 -22.39 29.28
CA GLY A 354 6.83 -22.60 30.64
C GLY A 354 8.23 -23.15 30.73
N ALA A 355 9.20 -22.39 30.22
CA ALA A 355 10.60 -22.77 30.23
C ALA A 355 11.43 -21.52 29.92
N TRP A 356 12.73 -21.71 29.75
CA TRP A 356 13.63 -20.61 29.40
C TRP A 356 13.56 -20.37 27.90
N LEU A 357 13.22 -19.15 27.52
CA LEU A 357 13.03 -18.83 26.10
C LEU A 357 14.32 -18.98 25.32
N GLY A 358 14.21 -19.44 24.09
CA GLY A 358 15.31 -19.44 23.15
C GLY A 358 14.87 -18.89 21.81
N SER A 359 15.48 -17.79 21.37
CA SER A 359 15.06 -17.16 20.12
C SER A 359 15.20 -18.12 18.94
N ASP A 360 16.21 -19.00 18.97
CA ASP A 360 16.33 -19.99 17.92
C ASP A 360 15.13 -20.91 17.89
N LEU A 361 14.64 -21.32 19.06
CA LEU A 361 13.45 -22.16 19.12
C LEU A 361 12.23 -21.45 18.54
N VAL A 362 12.08 -20.16 18.86
CA VAL A 362 10.97 -19.39 18.33
C VAL A 362 11.05 -19.30 16.80
N ASP A 363 12.27 -19.07 16.29
CA ASP A 363 12.44 -19.00 14.84
C ASP A 363 12.11 -20.34 14.19
N GLN A 364 12.55 -21.44 14.80
CA GLN A 364 12.21 -22.76 14.28
C GLN A 364 10.70 -22.98 14.26
N GLY A 365 10.03 -22.55 15.32
CA GLY A 365 8.58 -22.69 15.36
C GLY A 365 7.89 -21.90 14.28
N LYS A 366 8.29 -20.64 14.10
CA LYS A 366 7.67 -19.83 13.05
C LYS A 366 7.96 -20.40 11.67
N GLU A 367 9.16 -20.93 11.45
CA GLU A 367 9.46 -21.56 10.17
C GLU A 367 8.60 -22.80 9.95
N ARG A 368 8.35 -23.58 11.00
CA ARG A 368 7.48 -24.74 10.87
C ARG A 368 6.05 -24.34 10.53
N LEU A 369 5.52 -23.32 11.23
CA LEU A 369 4.20 -22.81 10.89
C LEU A 369 4.14 -22.36 9.43
N ASN A 370 5.17 -21.66 8.97
CA ASN A 370 5.24 -21.34 7.54
C ASN A 370 5.30 -22.60 6.69
N ARG A 371 5.88 -23.67 7.21
CA ARG A 371 6.04 -24.90 6.43
C ARG A 371 4.72 -25.62 6.25
N LEU A 372 3.81 -25.52 7.23
CA LEU A 372 2.54 -26.23 7.11
C LEU A 372 1.79 -25.86 5.83
N GLY A 373 1.96 -24.63 5.34
CA GLY A 373 1.53 -24.27 4.01
C GLY A 373 0.12 -23.72 3.90
N PHE A 374 -0.66 -23.72 4.97
CA PHE A 374 -2.03 -23.19 4.93
C PHE A 374 -2.14 -21.96 5.82
N PHE A 375 -1.14 -21.09 5.75
CA PHE A 375 -1.17 -19.80 6.44
C PHE A 375 -0.47 -18.81 5.53
N GLU A 376 -1.26 -17.95 4.87
CA GLU A 376 -0.71 -17.01 3.90
C GLU A 376 0.37 -16.13 4.51
N THR A 377 0.24 -15.76 5.78
CA THR A 377 1.27 -14.99 6.46
C THR A 377 1.22 -15.30 7.95
N VAL A 378 2.40 -15.47 8.53
CA VAL A 378 2.57 -15.68 9.97
C VAL A 378 3.74 -14.85 10.43
N ASP A 379 3.59 -14.20 11.59
CA ASP A 379 4.69 -13.42 12.15
C ASP A 379 4.67 -13.51 13.67
N THR A 380 5.87 -13.57 14.25
CA THR A 380 6.03 -13.70 15.68
C THR A 380 6.20 -12.33 16.33
N ASP A 381 5.72 -12.22 17.56
CA ASP A 381 5.92 -11.03 18.37
C ASP A 381 6.19 -11.45 19.81
N THR A 382 7.11 -10.75 20.45
CA THR A 382 7.49 -11.02 21.84
C THR A 382 7.15 -9.80 22.68
N GLN A 383 6.49 -10.01 23.81
CA GLN A 383 6.04 -8.91 24.66
C GLN A 383 6.25 -9.34 26.11
N ARG A 384 7.11 -8.62 26.83
CA ARG A 384 7.28 -8.90 28.25
C ARG A 384 6.04 -8.44 29.01
N VAL A 385 5.63 -9.24 29.99
CA VAL A 385 4.45 -8.88 30.78
C VAL A 385 4.75 -7.62 31.58
N PRO A 386 3.78 -6.71 31.76
CA PRO A 386 4.04 -5.51 32.56
C PRO A 386 4.18 -5.80 34.05
N GLY A 387 4.24 -7.08 34.41
CA GLY A 387 4.36 -7.47 35.80
C GLY A 387 5.79 -7.73 36.22
N SER A 388 6.13 -9.01 36.40
CA SER A 388 7.44 -9.38 36.93
C SER A 388 8.55 -8.93 35.98
N PRO A 389 9.76 -8.69 36.50
CA PRO A 389 10.85 -8.19 35.64
C PRO A 389 11.22 -9.13 34.51
N ASP A 390 11.15 -10.46 34.72
CA ASP A 390 11.54 -11.42 33.68
C ASP A 390 10.42 -12.45 33.50
N GLN A 391 9.43 -12.07 32.69
CA GLN A 391 8.41 -12.99 32.18
C GLN A 391 7.90 -12.40 30.88
N VAL A 392 8.03 -13.14 29.79
CA VAL A 392 7.67 -12.66 28.46
C VAL A 392 6.70 -13.65 27.84
N ASP A 393 5.73 -13.12 27.10
CA ASP A 393 4.79 -13.95 26.37
C ASP A 393 4.96 -13.71 24.88
N VAL A 394 4.78 -14.77 24.10
CA VAL A 394 4.99 -14.73 22.66
C VAL A 394 3.66 -14.96 21.97
N VAL A 395 3.33 -14.10 21.01
CA VAL A 395 2.12 -14.23 20.22
C VAL A 395 2.49 -14.47 18.77
N TYR A 396 1.65 -15.21 18.08
CA TYR A 396 1.88 -15.58 16.69
C TYR A 396 0.69 -15.08 15.86
N LYS A 397 0.86 -13.93 15.22
CA LYS A 397 -0.23 -13.35 14.45
C LYS A 397 -0.25 -13.99 13.06
N VAL A 398 -1.40 -14.53 12.68
CA VAL A 398 -1.52 -15.29 11.44
C VAL A 398 -2.68 -14.74 10.62
N LYS A 399 -2.65 -15.06 9.33
CA LYS A 399 -3.78 -14.82 8.44
C LYS A 399 -3.88 -16.02 7.51
N GLU A 400 -4.84 -16.90 7.78
CA GLU A 400 -4.96 -18.14 7.03
C GLU A 400 -5.37 -17.85 5.59
N ARG A 401 -5.08 -18.82 4.72
CA ARG A 401 -5.43 -18.75 3.32
C ARG A 401 -6.37 -19.90 2.97
N ASN A 402 -7.27 -19.64 2.03
CA ASN A 402 -8.26 -20.64 1.65
C ASN A 402 -7.61 -21.68 0.74
N THR A 403 -7.63 -22.94 1.18
CA THR A 403 -7.07 -24.05 0.42
C THR A 403 -8.09 -25.18 0.38
N GLY A 404 -8.03 -25.98 -0.67
CA GLY A 404 -8.98 -27.06 -0.86
C GLY A 404 -10.31 -26.56 -1.36
N CYS A 405 -10.98 -27.43 -2.14
CA CYS A 405 -12.23 -27.03 -2.78
C CYS A 405 -13.02 -28.24 -3.25
N PHE A 406 -14.32 -28.07 -3.47
CA PHE A 406 -15.14 -29.10 -4.10
C PHE A 406 -15.73 -28.59 -5.41
N ASN A 407 -15.80 -29.50 -6.37
CA ASN A 407 -16.25 -29.21 -7.72
C ASN A 407 -17.34 -30.19 -8.13
N PHE A 408 -18.16 -29.75 -9.07
CA PHE A 408 -19.32 -30.49 -9.54
C PHE A 408 -19.61 -30.06 -10.96
N GLY A 409 -20.04 -31.00 -11.79
CA GLY A 409 -20.32 -30.66 -13.17
C GLY A 409 -20.91 -31.78 -14.01
N ILE A 410 -21.91 -31.44 -14.81
CA ILE A 410 -22.54 -32.38 -15.73
C ILE A 410 -22.23 -31.96 -17.16
N GLY A 411 -21.83 -32.93 -17.98
CA GLY A 411 -21.40 -32.65 -19.33
C GLY A 411 -22.28 -33.29 -20.39
N TYR A 412 -23.59 -33.19 -20.22
CA TYR A 412 -24.55 -33.79 -21.15
C TYR A 412 -24.24 -33.40 -22.59
N GLY A 413 -24.56 -34.30 -23.51
CA GLY A 413 -24.31 -34.08 -24.92
C GLY A 413 -24.65 -35.28 -25.77
N THR A 414 -25.24 -35.06 -26.95
CA THR A 414 -25.63 -36.17 -27.80
C THR A 414 -24.41 -37.00 -28.22
N GLU A 415 -23.31 -36.33 -28.57
CA GLU A 415 -22.09 -37.05 -28.93
C GLU A 415 -21.42 -37.69 -27.72
N SER A 416 -21.76 -37.24 -26.51
CA SER A 416 -21.14 -37.76 -25.30
C SER A 416 -22.12 -38.48 -24.37
N GLY A 417 -23.38 -38.64 -24.79
CA GLY A 417 -24.37 -39.25 -23.93
C GLY A 417 -24.64 -38.43 -22.68
N VAL A 418 -24.45 -39.05 -21.51
CA VAL A 418 -24.58 -38.37 -20.23
C VAL A 418 -23.29 -38.55 -19.45
N SER A 419 -22.70 -37.44 -19.02
CA SER A 419 -21.48 -37.46 -18.23
C SER A 419 -21.69 -36.65 -16.95
N PHE A 420 -20.87 -36.96 -15.95
CA PHE A 420 -21.10 -36.50 -14.59
C PHE A 420 -19.76 -36.48 -13.87
N GLN A 421 -19.57 -35.50 -12.98
CA GLN A 421 -18.31 -35.39 -12.27
C GLN A 421 -18.54 -34.63 -10.97
N ALA A 422 -17.88 -35.09 -9.90
CA ALA A 422 -17.93 -34.40 -8.62
C ALA A 422 -16.71 -34.79 -7.80
N GLY A 423 -16.38 -33.95 -6.82
CA GLY A 423 -15.30 -34.26 -5.92
C GLY A 423 -14.71 -33.11 -5.13
N VAL A 424 -14.24 -33.40 -3.92
CA VAL A 424 -13.65 -32.40 -3.03
C VAL A 424 -12.23 -32.82 -2.67
N GLN A 425 -11.28 -31.90 -2.82
CA GLN A 425 -9.90 -32.12 -2.39
C GLN A 425 -9.54 -31.01 -1.43
N GLN A 426 -9.40 -31.34 -0.14
CA GLN A 426 -9.14 -30.36 0.90
C GLN A 426 -7.92 -30.80 1.69
N ASP A 427 -6.92 -29.92 1.75
CA ASP A 427 -5.70 -30.22 2.50
C ASP A 427 -5.96 -30.20 4.00
N ASN A 428 -6.81 -29.28 4.47
CA ASN A 428 -7.12 -29.15 5.89
C ASN A 428 -8.64 -29.09 6.03
N TRP A 429 -9.25 -30.24 6.31
CA TRP A 429 -10.70 -30.32 6.40
C TRP A 429 -11.20 -29.62 7.65
N LEU A 430 -11.95 -28.55 7.46
CA LEU A 430 -12.61 -27.81 8.55
C LEU A 430 -11.63 -27.36 9.62
N GLY A 431 -10.33 -27.36 9.31
CA GLY A 431 -9.33 -26.91 10.24
C GLY A 431 -8.84 -27.95 11.22
N THR A 432 -9.38 -29.16 11.20
CA THR A 432 -8.95 -30.16 12.17
C THR A 432 -7.56 -30.70 11.90
N GLY A 433 -6.98 -30.41 10.74
CA GLY A 433 -5.68 -30.91 10.36
C GLY A 433 -5.71 -32.13 9.47
N TYR A 434 -6.83 -32.83 9.41
CA TYR A 434 -6.94 -33.97 8.52
C TYR A 434 -6.96 -33.51 7.06
N ALA A 435 -6.58 -34.41 6.16
CA ALA A 435 -6.60 -34.14 4.73
C ALA A 435 -7.47 -35.16 4.03
N VAL A 436 -8.27 -34.70 3.07
CA VAL A 436 -9.26 -35.57 2.44
C VAL A 436 -9.31 -35.29 0.94
N GLY A 437 -9.56 -36.36 0.18
CA GLY A 437 -9.76 -36.26 -1.25
C GLY A 437 -10.78 -37.27 -1.75
N ILE A 438 -11.84 -36.79 -2.38
CA ILE A 438 -12.95 -37.61 -2.83
C ILE A 438 -13.24 -37.20 -4.27
N ASN A 439 -13.46 -38.17 -5.15
CA ASN A 439 -13.97 -37.80 -6.46
C ASN A 439 -14.72 -38.98 -7.08
N GLY A 440 -15.59 -38.64 -8.03
CA GLY A 440 -16.35 -39.61 -8.78
C GLY A 440 -16.81 -39.04 -10.11
N THR A 441 -16.54 -39.77 -11.20
CA THR A 441 -16.81 -39.30 -12.54
C THR A 441 -17.41 -40.46 -13.32
N LYS A 442 -18.48 -40.19 -14.07
CA LYS A 442 -19.26 -41.25 -14.71
C LYS A 442 -19.64 -40.84 -16.12
N ASN A 443 -19.44 -41.75 -17.07
CA ASN A 443 -19.85 -41.56 -18.46
C ASN A 443 -19.79 -42.93 -19.13
N ASP A 444 -20.35 -43.00 -20.34
CA ASP A 444 -20.21 -44.22 -21.14
C ASP A 444 -18.74 -44.53 -21.41
N TYR A 445 -17.91 -43.49 -21.52
CA TYR A 445 -16.49 -43.68 -21.77
C TYR A 445 -15.68 -44.00 -20.53
N GLN A 446 -16.15 -43.61 -19.34
CA GLN A 446 -15.34 -43.76 -18.14
C GLN A 446 -16.23 -43.87 -16.91
N THR A 447 -15.79 -44.69 -15.96
CA THR A 447 -16.39 -44.77 -14.63
C THR A 447 -15.23 -44.83 -13.63
N TYR A 448 -15.02 -43.74 -12.90
CA TYR A 448 -13.86 -43.61 -12.03
C TYR A 448 -14.30 -43.01 -10.69
N ALA A 449 -13.58 -43.37 -9.64
CA ALA A 449 -13.88 -42.85 -8.32
C ALA A 449 -12.69 -43.12 -7.40
N GLU A 450 -12.53 -42.25 -6.40
CA GLU A 450 -11.50 -42.51 -5.40
C GLU A 450 -11.84 -41.79 -4.10
N LEU A 451 -11.34 -42.37 -3.02
CA LEU A 451 -11.45 -41.89 -1.65
C LEU A 451 -10.07 -41.89 -1.03
N SER A 452 -9.75 -40.86 -0.25
CA SER A 452 -8.46 -40.77 0.39
C SER A 452 -8.59 -39.93 1.64
N VAL A 453 -8.05 -40.43 2.76
CA VAL A 453 -8.12 -39.73 4.03
C VAL A 453 -6.81 -39.91 4.77
N THR A 454 -6.35 -38.86 5.43
CA THR A 454 -5.11 -39.00 6.19
C THR A 454 -5.09 -38.04 7.37
N ASN A 455 -4.44 -38.50 8.44
CA ASN A 455 -4.15 -37.73 9.64
C ASN A 455 -2.63 -37.69 9.79
N PRO A 456 -2.01 -36.51 9.82
CA PRO A 456 -0.55 -36.45 9.96
C PRO A 456 -0.05 -36.70 11.37
N TYR A 457 -0.95 -36.75 12.36
CA TYR A 457 -0.55 -36.79 13.78
C TYR A 457 -1.34 -37.85 14.52
N PHE A 458 -1.34 -39.07 14.00
CA PHE A 458 -1.92 -40.22 14.68
C PHE A 458 -1.63 -40.22 16.18
N THR A 459 -0.35 -40.14 16.54
CA THR A 459 0.03 -39.92 17.93
C THR A 459 0.40 -38.45 18.13
N VAL A 460 0.86 -38.10 19.31
CA VAL A 460 1.27 -36.73 19.61
C VAL A 460 2.67 -36.44 19.09
N ASP A 461 3.47 -37.47 18.85
CA ASP A 461 4.83 -37.29 18.36
C ASP A 461 4.90 -36.90 16.89
N GLY A 462 4.01 -37.42 16.06
CA GLY A 462 3.99 -37.01 14.67
C GLY A 462 3.86 -38.12 13.66
N VAL A 463 3.60 -39.35 14.10
CA VAL A 463 3.41 -40.44 13.15
C VAL A 463 2.16 -40.18 12.34
N SER A 464 2.22 -40.52 11.05
CA SER A 464 1.11 -40.27 10.13
C SER A 464 0.29 -41.52 9.92
N LEU A 465 -0.84 -41.35 9.23
CA LEU A 465 -1.70 -42.46 8.85
C LEU A 465 -2.53 -42.00 7.67
N GLY A 466 -2.72 -42.91 6.71
CA GLY A 466 -3.49 -42.57 5.53
C GLY A 466 -4.06 -43.81 4.88
N GLY A 467 -5.19 -43.63 4.21
CA GLY A 467 -5.84 -44.70 3.49
C GLY A 467 -6.40 -44.19 2.19
N ARG A 468 -6.37 -45.06 1.18
CA ARG A 468 -6.79 -44.68 -0.15
C ARG A 468 -7.48 -45.86 -0.84
N LEU A 469 -8.64 -45.60 -1.42
CA LEU A 469 -9.42 -46.57 -2.17
C LEU A 469 -9.72 -45.97 -3.53
N PHE A 470 -9.73 -46.81 -4.57
CA PHE A 470 -9.94 -46.28 -5.91
C PHE A 470 -10.58 -47.36 -6.79
N TYR A 471 -11.26 -46.87 -7.83
CA TYR A 471 -12.05 -47.66 -8.77
C TYR A 471 -11.90 -47.03 -10.14
N ASN A 472 -11.43 -47.79 -11.12
CA ASN A 472 -11.09 -47.23 -12.43
C ASN A 472 -11.63 -48.11 -13.55
N ASP A 473 -12.92 -48.46 -13.48
CA ASP A 473 -13.58 -49.22 -14.55
C ASP A 473 -14.06 -48.25 -15.63
N PHE A 474 -13.09 -47.70 -16.37
CA PHE A 474 -13.43 -46.68 -17.36
C PHE A 474 -14.20 -47.25 -18.54
N GLN A 475 -13.71 -48.35 -19.11
CA GLN A 475 -14.36 -49.02 -20.24
C GLN A 475 -14.51 -48.05 -21.43
N ALA A 476 -13.36 -47.66 -21.98
CA ALA A 476 -13.33 -46.86 -23.21
C ALA A 476 -13.67 -47.79 -24.38
N ASP A 477 -14.95 -48.11 -24.51
CA ASP A 477 -15.42 -49.14 -25.41
C ASP A 477 -15.63 -48.64 -26.84
N ASP A 478 -16.22 -47.46 -27.00
CA ASP A 478 -16.65 -47.00 -28.31
C ASP A 478 -15.48 -46.89 -29.27
N ALA A 479 -15.67 -47.44 -30.48
CA ALA A 479 -14.75 -47.38 -31.61
C ALA A 479 -13.52 -48.25 -31.40
N ASP A 480 -13.36 -48.80 -30.19
CA ASP A 480 -12.31 -49.78 -29.85
C ASP A 480 -10.98 -49.44 -30.51
N LEU A 481 -10.57 -48.18 -30.40
CA LEU A 481 -9.43 -47.67 -31.14
C LEU A 481 -8.29 -47.32 -30.17
N SER A 482 -7.12 -47.91 -30.42
CA SER A 482 -5.86 -47.50 -29.80
C SER A 482 -5.95 -47.43 -28.27
N ASP A 483 -6.57 -48.44 -27.68
CA ASP A 483 -6.68 -48.52 -26.23
C ASP A 483 -6.87 -49.98 -25.84
N TYR A 484 -7.21 -50.20 -24.56
CA TYR A 484 -7.44 -51.55 -24.06
C TYR A 484 -8.30 -51.43 -22.80
N THR A 485 -9.48 -52.07 -22.83
CA THR A 485 -10.46 -51.86 -21.78
C THR A 485 -9.97 -52.45 -20.46
N ASN A 486 -10.16 -51.71 -19.37
CA ASN A 486 -9.74 -52.19 -18.06
C ASN A 486 -10.75 -51.81 -16.98
N LYS A 487 -10.93 -52.73 -16.04
CA LYS A 487 -11.65 -52.47 -14.80
C LYS A 487 -10.69 -52.75 -13.65
N SER A 488 -10.40 -51.73 -12.85
CA SER A 488 -9.40 -51.86 -11.81
C SER A 488 -9.86 -51.16 -10.54
N TYR A 489 -9.43 -51.69 -9.41
CA TYR A 489 -9.74 -51.09 -8.12
C TYR A 489 -8.65 -51.50 -7.13
N GLY A 490 -8.59 -50.78 -6.02
CA GLY A 490 -7.55 -51.04 -5.04
C GLY A 490 -7.75 -50.27 -3.76
N THR A 491 -7.15 -50.80 -2.69
CA THR A 491 -7.17 -50.20 -1.38
C THR A 491 -5.79 -50.33 -0.75
N ASP A 492 -5.28 -49.23 -0.18
CA ASP A 492 -3.98 -49.27 0.47
C ASP A 492 -4.02 -48.42 1.75
N VAL A 493 -3.21 -48.83 2.72
CA VAL A 493 -3.08 -48.14 4.00
C VAL A 493 -1.60 -47.94 4.28
N THR A 494 -1.25 -46.72 4.68
CA THR A 494 0.14 -46.33 4.93
C THR A 494 0.25 -45.60 6.26
N LEU A 495 1.42 -45.70 6.87
CA LEU A 495 1.76 -44.93 8.05
C LEU A 495 3.21 -44.49 7.96
N GLY A 496 3.49 -43.29 8.47
CA GLY A 496 4.83 -42.74 8.42
C GLY A 496 5.14 -41.94 9.68
N PHE A 497 6.42 -41.94 10.03
CA PHE A 497 6.90 -41.35 11.27
C PHE A 497 8.11 -40.47 11.02
N PRO A 498 8.24 -39.36 11.75
CA PRO A 498 9.43 -38.52 11.61
C PRO A 498 10.60 -39.05 12.40
N ILE A 499 11.78 -38.97 11.80
CA ILE A 499 12.98 -39.58 12.36
C ILE A 499 13.99 -38.52 12.83
N ASN A 500 14.01 -37.34 12.24
CA ASN A 500 14.91 -36.28 12.69
C ASN A 500 14.14 -34.96 12.60
N GLU A 501 14.88 -33.86 12.62
CA GLU A 501 14.24 -32.55 12.52
C GLU A 501 13.50 -32.36 11.20
N TYR A 502 13.91 -33.06 10.14
CA TYR A 502 13.33 -32.77 8.83
C TYR A 502 13.05 -34.01 7.98
N ASN A 503 13.02 -35.21 8.54
CA ASN A 503 12.79 -36.41 7.74
C ASN A 503 11.70 -37.26 8.37
N SER A 504 10.87 -37.85 7.51
CA SER A 504 9.81 -38.76 7.96
C SER A 504 9.80 -39.97 7.02
N LEU A 505 10.12 -41.13 7.57
CA LEU A 505 10.01 -42.36 6.80
C LEU A 505 8.54 -42.76 6.68
N ARG A 506 8.25 -43.55 5.65
CA ARG A 506 6.89 -43.97 5.36
C ARG A 506 6.90 -45.44 4.95
N ALA A 507 5.98 -46.22 5.50
CA ALA A 507 5.76 -47.59 5.09
C ALA A 507 4.27 -47.79 4.85
N GLY A 508 3.92 -48.80 4.07
CA GLY A 508 2.52 -49.07 3.84
C GLY A 508 2.31 -50.33 3.03
N LEU A 509 1.09 -50.83 3.08
CA LEU A 509 0.66 -52.01 2.34
C LEU A 509 -0.49 -51.64 1.42
N GLY A 510 -0.67 -52.43 0.38
CA GLY A 510 -1.74 -52.18 -0.57
C GLY A 510 -2.16 -53.43 -1.29
N TYR A 511 -3.43 -53.45 -1.71
CA TYR A 511 -3.99 -54.50 -2.53
C TYR A 511 -4.65 -53.86 -3.73
N VAL A 512 -4.54 -54.50 -4.89
CA VAL A 512 -5.11 -53.94 -6.12
C VAL A 512 -5.48 -55.07 -7.07
N HIS A 513 -6.71 -55.04 -7.56
CA HIS A 513 -7.15 -55.94 -8.60
C HIS A 513 -7.29 -55.19 -9.91
N ASN A 514 -6.86 -55.82 -10.99
CA ASN A 514 -7.01 -55.27 -12.33
C ASN A 514 -7.57 -56.35 -13.25
N SER A 515 -8.32 -55.91 -14.24
CA SER A 515 -8.90 -56.83 -15.22
C SER A 515 -8.84 -56.17 -16.57
N LEU A 516 -8.02 -56.72 -17.46
CA LEU A 516 -7.86 -56.21 -18.81
C LEU A 516 -8.71 -57.02 -19.78
N SER A 517 -9.26 -56.35 -20.79
CA SER A 517 -10.26 -56.93 -21.67
C SER A 517 -10.26 -56.19 -23.01
N ASN A 518 -10.67 -56.93 -24.04
CA ASN A 518 -10.70 -56.49 -25.43
C ASN A 518 -9.29 -56.24 -25.98
N MET A 519 -8.61 -55.20 -25.49
CA MET A 519 -7.27 -54.82 -25.94
C MET A 519 -7.33 -54.41 -27.41
N GLN A 520 -6.19 -54.50 -28.09
CA GLN A 520 -5.98 -54.15 -29.48
C GLN A 520 -4.62 -54.71 -29.83
N PRO A 521 -4.43 -55.28 -31.02
CA PRO A 521 -3.14 -55.91 -31.35
C PRO A 521 -2.05 -54.87 -31.63
N GLN A 522 -1.02 -54.86 -30.79
CA GLN A 522 0.18 -54.08 -31.03
C GLN A 522 1.33 -54.67 -30.22
N VAL A 523 2.55 -54.39 -30.66
CA VAL A 523 3.75 -55.02 -30.12
C VAL A 523 4.06 -54.45 -28.74
N ALA A 524 4.98 -55.07 -28.02
CA ALA A 524 5.57 -54.67 -26.74
C ALA A 524 4.64 -54.92 -25.56
N MET A 525 3.39 -55.33 -25.78
CA MET A 525 2.54 -55.80 -24.70
C MET A 525 2.52 -57.31 -24.61
N TRP A 526 2.64 -58.00 -25.75
CA TRP A 526 2.62 -59.46 -25.76
C TRP A 526 3.81 -60.05 -25.02
N ARG A 527 4.92 -59.30 -24.92
CA ARG A 527 6.05 -59.78 -24.12
C ARG A 527 5.64 -59.97 -22.67
N TYR A 528 4.87 -59.01 -22.13
CA TYR A 528 4.39 -59.13 -20.75
C TYR A 528 3.51 -60.35 -20.57
N LEU A 529 2.59 -60.59 -21.51
CA LEU A 529 1.72 -61.75 -21.40
C LEU A 529 2.50 -63.05 -21.52
N TYR A 530 3.43 -63.13 -22.47
CA TYR A 530 4.22 -64.33 -22.65
C TYR A 530 5.12 -64.60 -21.45
N SER A 531 5.54 -63.55 -20.74
CA SER A 531 6.34 -63.75 -19.54
C SER A 531 5.59 -64.51 -18.47
N MET A 532 4.25 -64.54 -18.53
CA MET A 532 3.44 -65.26 -17.57
C MET A 532 3.12 -66.68 -18.02
N GLY A 533 3.56 -67.09 -19.21
CA GLY A 533 3.38 -68.45 -19.67
C GLY A 533 2.24 -68.69 -20.62
N GLU A 534 1.50 -67.66 -21.01
CA GLU A 534 0.40 -67.79 -21.96
C GLU A 534 0.76 -67.08 -23.26
N HIS A 535 0.35 -67.68 -24.38
CA HIS A 535 0.68 -67.19 -25.72
C HIS A 535 -0.59 -67.04 -26.54
N PRO A 536 -1.33 -65.95 -26.34
CA PRO A 536 -2.51 -65.71 -27.18
C PRO A 536 -2.10 -65.33 -28.60
N SER A 537 -3.05 -65.51 -29.52
CA SER A 537 -2.81 -65.18 -30.92
C SER A 537 -2.61 -63.68 -31.10
N THR A 538 -1.97 -63.32 -32.21
CA THR A 538 -1.68 -61.92 -32.52
C THR A 538 -2.64 -61.32 -33.54
N SER A 539 -3.31 -62.14 -34.34
CA SER A 539 -4.25 -61.62 -35.33
C SER A 539 -5.54 -61.14 -34.68
N ASP A 540 -6.03 -61.86 -33.68
CA ASP A 540 -7.29 -61.50 -33.05
C ASP A 540 -7.13 -60.25 -32.17
N GLN A 541 -8.21 -59.48 -32.06
CA GLN A 541 -8.22 -58.26 -31.25
C GLN A 541 -9.11 -58.39 -30.02
N ASP A 542 -9.60 -59.59 -29.73
CA ASP A 542 -10.47 -59.84 -28.57
C ASP A 542 -9.61 -60.32 -27.40
N ASN A 543 -10.19 -60.92 -26.35
CA ASN A 543 -9.57 -61.65 -25.24
C ASN A 543 -9.54 -60.82 -23.96
N SER A 544 -9.06 -61.43 -22.87
CA SER A 544 -9.04 -60.78 -21.56
C SER A 544 -8.16 -61.53 -20.57
N PHE A 545 -7.96 -60.94 -19.40
CA PHE A 545 -7.12 -61.51 -18.34
C PHE A 545 -7.35 -60.76 -17.03
N LYS A 546 -7.11 -61.42 -15.90
CA LYS A 546 -7.34 -60.84 -14.58
C LYS A 546 -6.09 -60.98 -13.73
N THR A 547 -5.91 -60.05 -12.78
CA THR A 547 -4.73 -60.07 -11.93
C THR A 547 -5.05 -59.44 -10.58
N ASP A 548 -4.43 -59.98 -9.53
CA ASP A 548 -4.50 -59.46 -8.18
C ASP A 548 -3.08 -59.26 -7.66
N ASP A 549 -2.85 -58.14 -6.98
CA ASP A 549 -1.51 -57.76 -6.57
C ASP A 549 -1.51 -57.27 -5.13
N PHE A 550 -0.59 -57.82 -4.34
CA PHE A 550 -0.29 -57.32 -3.00
C PHE A 550 1.05 -56.59 -3.06
N THR A 551 1.09 -55.37 -2.53
CA THR A 551 2.28 -54.53 -2.65
C THR A 551 2.67 -53.96 -1.30
N PHE A 552 3.97 -53.84 -1.11
CA PHE A 552 4.57 -53.14 0.03
C PHE A 552 5.31 -51.92 -0.50
N ASN A 553 4.97 -50.74 0.00
CA ASN A 553 5.57 -49.51 -0.48
C ASN A 553 6.16 -48.73 0.68
N TYR A 554 7.14 -47.90 0.35
CA TYR A 554 7.88 -47.13 1.33
C TYR A 554 8.28 -45.81 0.70
N GLY A 555 8.59 -44.84 1.57
CA GLY A 555 8.88 -43.50 1.13
C GLY A 555 9.76 -42.77 2.12
N TRP A 556 10.39 -41.71 1.63
CA TRP A 556 11.33 -40.93 2.42
C TRP A 556 11.34 -39.51 1.88
N THR A 557 10.86 -38.57 2.69
CA THR A 557 10.66 -37.17 2.27
C THR A 557 11.51 -36.25 3.13
N TYR A 558 12.67 -35.87 2.60
CA TYR A 558 13.49 -34.84 3.23
C TYR A 558 12.99 -33.48 2.76
N ASN A 559 12.46 -32.68 3.68
CA ASN A 559 11.89 -31.39 3.33
C ASN A 559 12.48 -30.32 4.23
N LYS A 560 12.96 -29.23 3.63
CA LYS A 560 13.35 -28.05 4.39
C LYS A 560 13.09 -26.87 3.47
N LEU A 561 11.96 -26.21 3.66
CA LEU A 561 11.54 -25.08 2.86
C LEU A 561 11.21 -23.92 3.79
N ASP A 562 10.87 -22.77 3.20
CA ASP A 562 10.49 -21.61 3.99
C ASP A 562 8.98 -21.42 4.05
N ARG A 563 8.25 -21.85 3.03
CA ARG A 563 6.79 -21.72 3.00
C ARG A 563 6.23 -22.99 2.34
N GLY A 564 4.94 -22.95 2.01
CA GLY A 564 4.28 -24.11 1.45
C GLY A 564 3.90 -23.99 -0.01
N TYR A 565 4.18 -22.82 -0.60
CA TYR A 565 3.79 -22.56 -1.98
C TYR A 565 4.78 -21.59 -2.61
N PHE A 566 5.31 -21.95 -3.79
CA PHE A 566 6.37 -21.23 -4.48
C PHE A 566 7.38 -20.64 -3.49
N PRO A 567 8.11 -21.51 -2.79
CA PRO A 567 9.03 -21.04 -1.74
C PRO A 567 10.18 -20.21 -2.26
N THR A 568 11.04 -19.76 -1.35
CA THR A 568 12.20 -18.95 -1.70
C THR A 568 13.50 -19.49 -1.11
N ASP A 569 13.50 -20.71 -0.58
CA ASP A 569 14.70 -21.25 0.06
C ASP A 569 14.51 -22.73 0.31
N GLY A 570 15.63 -23.45 0.37
CA GLY A 570 15.65 -24.82 0.80
C GLY A 570 15.58 -25.83 -0.33
N SER A 571 15.19 -27.05 0.04
CA SER A 571 15.08 -28.15 -0.91
C SER A 571 14.20 -29.24 -0.32
N ARG A 572 13.67 -30.07 -1.22
CA ARG A 572 12.83 -31.19 -0.84
C ARG A 572 13.08 -32.34 -1.80
N VAL A 573 13.37 -33.51 -1.25
CA VAL A 573 13.59 -34.73 -2.02
C VAL A 573 12.64 -35.81 -1.51
N ASN A 574 12.09 -36.57 -2.43
CA ASN A 574 11.10 -37.60 -2.14
C ASN A 574 11.51 -38.90 -2.81
N LEU A 575 11.50 -39.99 -2.03
CA LEU A 575 11.75 -41.33 -2.53
C LEU A 575 10.50 -42.17 -2.29
N THR A 576 10.08 -42.92 -3.32
CA THR A 576 8.95 -43.82 -3.19
C THR A 576 9.27 -45.11 -3.92
N GLY A 577 9.30 -46.22 -3.20
CA GLY A 577 9.60 -47.51 -3.78
C GLY A 577 8.58 -48.55 -3.39
N LYS A 578 8.15 -49.33 -4.36
CA LYS A 578 7.17 -50.38 -4.12
C LYS A 578 7.67 -51.71 -4.65
N VAL A 579 7.32 -52.78 -3.93
CA VAL A 579 7.65 -54.14 -4.31
C VAL A 579 6.40 -54.99 -4.09
N THR A 580 6.44 -56.23 -4.59
CA THR A 580 5.35 -57.17 -4.44
C THR A 580 5.78 -58.33 -3.56
N ILE A 581 4.93 -58.69 -2.60
CA ILE A 581 5.20 -59.77 -1.66
C ILE A 581 4.88 -61.10 -2.34
N PRO A 582 5.40 -62.22 -1.85
CA PRO A 582 5.03 -63.52 -2.45
C PRO A 582 3.54 -63.77 -2.34
N GLY A 583 3.00 -64.46 -3.35
CA GLY A 583 1.58 -64.70 -3.43
C GLY A 583 0.81 -63.71 -4.25
N SER A 584 1.45 -63.03 -5.20
CA SER A 584 0.81 -62.05 -6.05
C SER A 584 1.05 -62.40 -7.52
N ASP A 585 0.09 -62.04 -8.37
CA ASP A 585 0.21 -62.35 -9.79
C ASP A 585 1.37 -61.59 -10.43
N ASN A 586 1.45 -60.29 -10.18
CA ASN A 586 2.57 -59.50 -10.68
C ASN A 586 3.81 -59.73 -9.83
N GLU A 587 4.97 -59.69 -10.48
CA GLU A 587 6.26 -59.83 -9.82
C GLU A 587 7.20 -58.78 -10.41
N TYR A 588 7.42 -57.70 -9.67
CA TYR A 588 8.19 -56.57 -10.16
C TYR A 588 8.53 -55.66 -8.99
N TYR A 589 9.24 -54.58 -9.29
CA TYR A 589 9.51 -53.54 -8.30
C TYR A 589 9.68 -52.22 -9.03
N LYS A 590 9.57 -51.15 -8.26
CA LYS A 590 9.35 -49.80 -8.77
C LYS A 590 10.00 -48.79 -7.84
N VAL A 591 10.69 -47.79 -8.41
CA VAL A 591 11.37 -46.76 -7.62
C VAL A 591 11.21 -45.42 -8.32
N THR A 592 10.91 -44.38 -7.54
CA THR A 592 10.86 -43.03 -8.06
C THR A 592 11.48 -42.05 -7.06
N LEU A 593 12.07 -40.98 -7.60
CA LEU A 593 12.74 -39.93 -6.86
C LEU A 593 12.31 -38.58 -7.42
N ASP A 594 12.18 -37.60 -6.53
CA ASP A 594 11.90 -36.23 -6.93
C ASP A 594 12.76 -35.29 -6.11
N THR A 595 13.16 -34.18 -6.71
CA THR A 595 14.03 -33.21 -6.04
C THR A 595 13.72 -31.81 -6.55
N ALA A 596 13.23 -30.95 -5.66
CA ALA A 596 12.96 -29.56 -5.99
C ALA A 596 13.72 -28.68 -4.99
N THR A 597 14.60 -27.83 -5.50
CA THR A 597 15.40 -26.95 -4.66
C THR A 597 15.26 -25.52 -5.14
N TYR A 598 15.46 -24.57 -4.22
CA TYR A 598 15.31 -23.16 -4.50
C TYR A 598 16.55 -22.42 -4.02
N VAL A 599 17.16 -21.64 -4.90
CA VAL A 599 18.38 -20.91 -4.55
C VAL A 599 18.19 -19.43 -4.84
N PRO A 600 18.12 -18.58 -3.82
CA PRO A 600 17.98 -17.14 -4.06
C PRO A 600 19.29 -16.51 -4.48
N ILE A 601 19.17 -15.31 -5.06
CA ILE A 601 20.33 -14.54 -5.47
C ILE A 601 20.28 -13.19 -4.77
N ASP A 602 19.07 -12.76 -4.41
CA ASP A 602 18.86 -11.54 -3.66
C ASP A 602 18.55 -11.88 -2.21
N ASP A 603 19.12 -11.12 -1.28
CA ASP A 603 18.91 -11.37 0.14
C ASP A 603 17.45 -11.20 0.52
N ASP A 604 16.76 -10.25 -0.11
CA ASP A 604 15.34 -10.05 0.14
C ASP A 604 14.47 -11.17 -0.43
N HIS A 605 15.06 -12.08 -1.21
CA HIS A 605 14.36 -13.23 -1.77
C HIS A 605 13.20 -12.80 -2.66
N LYS A 606 13.55 -12.10 -3.74
CA LYS A 606 12.60 -11.73 -4.78
C LYS A 606 12.98 -12.27 -6.15
N TRP A 607 14.27 -12.45 -6.43
CA TRP A 607 14.74 -13.10 -7.64
C TRP A 607 15.47 -14.37 -7.23
N VAL A 608 15.09 -15.49 -7.82
CA VAL A 608 15.52 -16.80 -7.32
C VAL A 608 15.55 -17.79 -8.48
N VAL A 609 16.54 -18.68 -8.45
CA VAL A 609 16.60 -19.79 -9.40
C VAL A 609 15.98 -21.02 -8.74
N LEU A 610 15.46 -21.90 -9.59
CA LEU A 610 14.65 -23.02 -9.17
C LEU A 610 15.13 -24.26 -9.91
N GLY A 611 15.36 -25.34 -9.18
CA GLY A 611 15.82 -26.57 -9.80
C GLY A 611 14.91 -27.74 -9.51
N ARG A 612 14.25 -28.25 -10.54
CA ARG A 612 13.38 -29.41 -10.44
C ARG A 612 14.01 -30.60 -11.15
N THR A 613 13.78 -31.78 -10.60
CA THR A 613 14.18 -32.99 -11.31
C THR A 613 13.36 -34.17 -10.79
N ARG A 614 13.07 -35.09 -11.71
CA ARG A 614 12.35 -36.31 -11.40
C ARG A 614 13.09 -37.47 -12.04
N TRP A 615 13.16 -38.58 -11.32
CA TRP A 615 13.86 -39.77 -11.78
C TRP A 615 12.99 -40.97 -11.47
N GLY A 616 13.03 -41.97 -12.33
CA GLY A 616 12.22 -43.15 -12.08
C GLY A 616 12.66 -44.38 -12.84
N TYR A 617 12.67 -45.52 -12.16
CA TYR A 617 13.15 -46.75 -12.76
C TYR A 617 12.48 -47.93 -12.06
N GLY A 618 12.15 -48.96 -12.83
CA GLY A 618 11.55 -50.15 -12.27
C GLY A 618 11.43 -51.22 -13.32
N ASP A 619 11.25 -52.46 -12.86
CA ASP A 619 11.22 -53.60 -13.77
C ASP A 619 10.77 -54.83 -13.00
N GLY A 620 10.54 -55.91 -13.74
CA GLY A 620 10.15 -57.17 -13.13
C GLY A 620 11.31 -57.88 -12.47
N LEU A 621 10.98 -58.99 -11.80
CA LEU A 621 11.96 -59.77 -11.08
C LEU A 621 11.62 -61.25 -11.16
N GLY A 622 12.61 -62.09 -10.86
CA GLY A 622 12.43 -63.52 -10.98
C GLY A 622 12.21 -64.00 -12.40
N GLY A 623 12.86 -63.36 -13.36
CA GLY A 623 12.69 -63.69 -14.76
C GLY A 623 11.43 -63.13 -15.41
N LYS A 624 10.64 -62.35 -14.68
CA LYS A 624 9.40 -61.79 -15.18
C LYS A 624 9.55 -60.30 -15.44
N GLU A 625 8.50 -59.69 -15.99
CA GLU A 625 8.53 -58.32 -16.44
C GLU A 625 7.52 -57.47 -15.69
N MET A 626 7.84 -56.18 -15.55
CA MET A 626 6.95 -55.25 -14.87
C MET A 626 5.69 -54.99 -15.72
N PRO A 627 4.56 -54.70 -15.07
CA PRO A 627 3.32 -54.48 -15.82
C PRO A 627 3.39 -53.20 -16.67
N PHE A 628 2.83 -53.29 -17.88
CA PHE A 628 2.90 -52.17 -18.81
C PHE A 628 2.14 -50.95 -18.29
N TYR A 629 0.97 -51.19 -17.69
CA TYR A 629 0.10 -50.06 -17.33
C TYR A 629 0.72 -49.19 -16.25
N GLU A 630 1.44 -49.81 -15.31
CA GLU A 630 2.06 -49.08 -14.20
C GLU A 630 3.34 -48.35 -14.60
N ASN A 631 3.63 -48.22 -15.90
CA ASN A 631 4.91 -47.71 -16.35
C ASN A 631 4.90 -46.18 -16.33
N PHE A 632 6.01 -45.57 -16.74
CA PHE A 632 6.18 -44.13 -16.70
C PHE A 632 5.64 -43.44 -17.95
N TYR A 633 5.26 -42.19 -17.76
CA TYR A 633 4.73 -41.30 -18.77
C TYR A 633 5.40 -39.94 -18.57
N ALA A 634 5.50 -39.17 -19.65
CA ALA A 634 6.13 -37.87 -19.57
C ALA A 634 5.48 -36.93 -20.57
N GLY A 635 5.27 -35.69 -20.16
CA GLY A 635 4.61 -34.72 -21.00
C GLY A 635 3.37 -34.13 -20.37
N GLY A 636 3.32 -32.81 -20.26
CA GLY A 636 2.21 -32.11 -19.66
C GLY A 636 2.67 -31.07 -18.66
N SER A 637 1.70 -30.48 -17.98
CA SER A 637 2.01 -29.50 -16.94
C SER A 637 2.79 -30.16 -15.81
N SER A 638 3.76 -29.41 -15.28
CA SER A 638 4.63 -29.81 -14.17
C SER A 638 5.63 -30.88 -14.60
N THR A 639 5.44 -31.42 -15.80
CA THR A 639 6.42 -32.23 -16.50
C THR A 639 7.12 -31.35 -17.52
N VAL A 640 7.87 -31.98 -18.45
CA VAL A 640 8.26 -31.27 -19.65
C VAL A 640 7.01 -30.70 -20.30
N ARG A 641 7.04 -29.41 -20.61
CA ARG A 641 5.85 -28.70 -21.05
C ARG A 641 5.97 -28.33 -22.52
N GLY A 642 4.85 -27.88 -23.07
CA GLY A 642 4.81 -27.44 -24.46
C GLY A 642 4.67 -28.58 -25.45
N PHE A 643 5.15 -29.77 -25.11
CA PHE A 643 5.15 -30.87 -26.07
C PHE A 643 3.75 -31.44 -26.24
N GLN A 644 3.20 -32.04 -25.18
CA GLN A 644 1.81 -32.43 -25.09
C GLN A 644 1.63 -33.12 -23.76
N SER A 645 0.38 -33.19 -23.28
CA SER A 645 0.08 -33.93 -22.07
C SER A 645 0.29 -35.42 -22.31
N ASN A 646 1.31 -36.00 -21.66
CA ASN A 646 1.59 -37.43 -21.73
C ASN A 646 1.88 -37.87 -23.17
N THR A 647 3.00 -37.36 -23.69
CA THR A 647 3.42 -37.67 -25.06
C THR A 647 4.82 -38.22 -25.18
N ILE A 648 5.71 -37.97 -24.24
CA ILE A 648 7.10 -38.39 -24.35
C ILE A 648 7.20 -39.89 -24.10
N GLY A 649 7.83 -40.60 -25.02
CA GLY A 649 8.02 -42.02 -24.88
C GLY A 649 8.05 -42.74 -26.21
N PRO A 650 8.62 -43.94 -26.23
CA PRO A 650 8.63 -44.73 -27.47
C PRO A 650 7.21 -45.06 -27.90
N LYS A 651 6.98 -45.02 -29.20
CA LYS A 651 5.68 -45.31 -29.77
C LYS A 651 5.59 -46.80 -30.10
N ALA A 652 4.43 -47.39 -29.83
CA ALA A 652 4.22 -48.80 -30.11
C ALA A 652 4.18 -49.03 -31.62
N VAL A 653 4.05 -50.30 -32.00
CA VAL A 653 3.89 -50.70 -33.38
C VAL A 653 2.77 -51.73 -33.46
N TYR A 654 1.90 -51.57 -34.45
CA TYR A 654 0.70 -52.39 -34.56
C TYR A 654 0.95 -53.64 -35.39
N PHE A 655 0.31 -54.74 -34.98
CA PHE A 655 0.37 -55.97 -35.76
C PHE A 655 -0.42 -55.82 -37.05
N PRO A 656 -0.06 -56.57 -38.10
CA PRO A 656 -0.87 -56.58 -39.32
C PRO A 656 -2.24 -57.17 -39.07
N HIS A 657 -3.23 -56.66 -39.80
CA HIS A 657 -4.60 -57.10 -39.66
C HIS A 657 -5.43 -56.74 -40.90
N ASP A 678 3.11 -54.62 -43.08
CA ASP A 678 3.33 -55.56 -41.98
C ASP A 678 3.02 -54.89 -40.65
N LEU A 679 4.06 -54.36 -40.02
CA LEU A 679 3.96 -53.74 -38.70
C LEU A 679 3.77 -52.24 -38.86
N CYS A 680 2.74 -51.70 -38.18
CA CYS A 680 2.36 -50.30 -38.33
C CYS A 680 2.77 -49.51 -37.10
N LYS A 681 3.55 -48.45 -37.31
CA LYS A 681 4.04 -47.63 -36.21
C LYS A 681 2.89 -46.82 -35.59
N SER A 682 2.81 -46.83 -34.27
CA SER A 682 1.77 -46.08 -33.56
C SER A 682 2.11 -44.59 -33.53
N ASP A 683 1.06 -43.78 -33.39
CA ASP A 683 1.26 -42.34 -33.22
C ASP A 683 1.62 -42.00 -31.78
N ASP A 684 0.81 -42.45 -30.82
CA ASP A 684 1.04 -42.19 -29.42
C ASP A 684 2.05 -43.17 -28.85
N ALA A 685 2.46 -42.91 -27.61
CA ALA A 685 3.48 -43.72 -26.94
C ALA A 685 2.81 -44.70 -25.99
N VAL A 686 3.62 -45.57 -25.37
CA VAL A 686 3.13 -46.52 -24.38
C VAL A 686 3.82 -46.38 -23.03
N GLY A 687 5.06 -45.90 -22.98
CA GLY A 687 5.70 -45.65 -21.70
C GLY A 687 6.92 -46.48 -21.42
N GLY A 688 8.07 -45.82 -21.29
CA GLY A 688 9.31 -46.49 -20.96
C GLY A 688 9.48 -46.67 -19.46
N ASN A 689 10.33 -47.62 -19.10
CA ASN A 689 10.52 -48.01 -17.71
C ASN A 689 11.52 -47.13 -16.96
N ALA A 690 12.11 -46.14 -17.63
CA ALA A 690 13.07 -45.26 -16.96
C ALA A 690 12.89 -43.85 -17.49
N MET A 691 12.54 -42.92 -16.60
CA MET A 691 12.39 -41.52 -16.97
C MET A 691 13.31 -40.65 -16.12
N ALA A 692 13.74 -39.53 -16.70
CA ALA A 692 14.57 -38.56 -16.01
C ALA A 692 14.33 -37.20 -16.63
N VAL A 693 13.88 -36.24 -15.81
CA VAL A 693 13.54 -34.90 -16.27
C VAL A 693 14.22 -33.90 -15.35
N ALA A 694 14.74 -32.82 -15.94
CA ALA A 694 15.37 -31.74 -15.20
C ALA A 694 14.84 -30.41 -15.69
N SER A 695 14.90 -29.41 -14.82
CA SER A 695 14.40 -28.08 -15.17
C SER A 695 15.10 -27.04 -14.30
N LEU A 696 15.52 -25.95 -14.94
CA LEU A 696 16.02 -24.78 -14.25
C LEU A 696 15.12 -23.60 -14.59
N GLU A 697 14.89 -22.74 -13.60
CA GLU A 697 13.84 -21.74 -13.72
C GLU A 697 14.31 -20.45 -13.05
N PHE A 698 13.99 -19.32 -13.67
CA PHE A 698 14.41 -18.00 -13.21
C PHE A 698 13.15 -17.19 -12.89
N ILE A 699 12.95 -16.88 -11.60
CA ILE A 699 11.72 -16.26 -11.12
C ILE A 699 11.88 -14.74 -11.14
N THR A 700 10.79 -14.04 -11.51
CA THR A 700 10.83 -12.58 -11.47
C THR A 700 9.43 -12.03 -11.22
N PRO A 701 9.27 -11.03 -10.35
CA PRO A 701 7.95 -10.42 -10.18
C PRO A 701 7.47 -9.74 -11.45
N THR A 702 6.15 -9.72 -11.63
CA THR A 702 5.54 -9.09 -12.80
C THR A 702 5.48 -7.58 -12.59
N PRO A 703 6.00 -6.78 -13.52
CA PRO A 703 6.08 -5.34 -13.32
C PRO A 703 4.79 -4.58 -13.65
N PHE A 704 3.65 -5.25 -13.79
CA PHE A 704 2.42 -4.54 -14.12
C PHE A 704 1.57 -4.26 -12.88
N ILE A 705 1.20 -5.28 -12.15
CA ILE A 705 0.27 -5.13 -11.03
C ILE A 705 1.03 -4.64 -9.80
N SER A 706 0.29 -4.01 -8.89
CA SER A 706 0.87 -3.32 -7.74
C SER A 706 1.28 -4.34 -6.68
N ASP A 707 1.69 -3.83 -5.51
CA ASP A 707 2.19 -4.66 -4.43
C ASP A 707 1.09 -5.24 -3.54
N LYS A 708 -0.15 -4.79 -3.69
CA LYS A 708 -1.25 -5.41 -2.96
C LYS A 708 -1.45 -6.85 -3.41
N TYR A 709 -1.41 -7.09 -4.72
CA TYR A 709 -1.55 -8.42 -5.28
C TYR A 709 -0.21 -9.10 -5.56
N ALA A 710 0.92 -8.45 -5.28
CA ALA A 710 2.21 -8.95 -5.73
C ALA A 710 2.55 -10.30 -5.12
N ASN A 711 2.24 -10.50 -3.84
CA ASN A 711 2.58 -11.77 -3.18
C ASN A 711 1.84 -12.94 -3.81
N SER A 712 0.66 -12.68 -4.38
CA SER A 712 -0.18 -13.77 -4.89
C SER A 712 0.44 -14.44 -6.10
N VAL A 713 0.89 -13.66 -7.07
CA VAL A 713 1.25 -14.17 -8.38
C VAL A 713 2.75 -14.41 -8.44
N ARG A 714 3.18 -15.16 -9.45
CA ARG A 714 4.60 -15.36 -9.69
C ARG A 714 4.82 -15.82 -11.12
N THR A 715 5.66 -15.10 -11.87
CA THR A 715 5.99 -15.49 -13.23
C THR A 715 7.50 -15.70 -13.35
N SER A 716 7.89 -16.36 -14.43
CA SER A 716 9.27 -16.80 -14.55
C SER A 716 9.56 -17.29 -15.95
N PHE A 717 10.85 -17.51 -16.21
CA PHE A 717 11.32 -18.20 -17.41
C PHE A 717 11.78 -19.61 -17.01
N PHE A 718 11.68 -20.55 -17.95
CA PHE A 718 12.00 -21.93 -17.62
C PHE A 718 12.53 -22.67 -18.84
N TRP A 719 13.26 -23.76 -18.55
CA TRP A 719 14.02 -24.52 -19.54
C TRP A 719 13.85 -26.02 -19.26
N ASP A 720 12.86 -26.62 -19.90
CA ASP A 720 12.50 -28.02 -19.62
C ASP A 720 13.45 -28.99 -20.30
N MET A 721 14.10 -29.85 -19.49
CA MET A 721 15.04 -30.89 -19.96
C MET A 721 14.54 -32.24 -19.44
N GLY A 722 13.95 -33.04 -20.32
CA GLY A 722 13.45 -34.35 -19.95
C GLY A 722 13.71 -35.42 -20.99
N THR A 723 13.57 -36.67 -20.55
CA THR A 723 13.71 -37.82 -21.43
C THR A 723 13.23 -39.10 -20.75
N VAL A 724 12.44 -39.90 -21.46
CA VAL A 724 12.01 -41.20 -20.97
C VAL A 724 12.35 -42.25 -22.00
N TRP A 725 12.60 -43.47 -21.52
CA TRP A 725 13.02 -44.55 -22.40
C TRP A 725 12.70 -45.88 -21.72
N ASP A 726 12.65 -46.93 -22.53
CA ASP A 726 12.43 -48.29 -22.06
C ASP A 726 13.70 -49.09 -22.29
N THR A 727 14.27 -49.61 -21.20
CA THR A 727 15.46 -50.45 -21.32
C THR A 727 15.14 -51.75 -22.05
N ASN A 728 14.01 -52.37 -21.70
CA ASN A 728 13.59 -53.61 -22.36
C ASN A 728 13.08 -53.27 -23.75
N TRP A 729 13.82 -53.73 -24.77
CA TRP A 729 13.49 -53.38 -26.16
C TRP A 729 14.16 -54.41 -27.06
N ASP A 730 13.35 -55.20 -27.78
CA ASP A 730 13.90 -56.20 -28.68
C ASP A 730 14.38 -55.52 -29.96
N SER A 731 15.64 -55.09 -29.97
CA SER A 731 16.19 -54.44 -31.16
C SER A 731 16.24 -55.39 -32.34
N SER A 732 16.55 -56.67 -32.09
CA SER A 732 16.65 -57.63 -33.18
C SER A 732 15.31 -57.84 -33.89
N GLN A 733 14.20 -57.65 -33.17
CA GLN A 733 12.89 -57.91 -33.76
C GLN A 733 12.60 -56.96 -34.92
N TYR A 734 12.74 -55.66 -34.69
CA TYR A 734 12.37 -54.65 -35.66
C TYR A 734 13.44 -53.56 -35.74
N SER A 735 14.70 -53.99 -35.89
CA SER A 735 15.80 -53.05 -36.07
C SER A 735 15.63 -52.16 -37.29
N GLY A 736 14.81 -52.58 -38.26
CA GLY A 736 14.49 -51.70 -39.37
C GLY A 736 13.82 -50.42 -38.90
N TYR A 737 12.86 -50.55 -37.99
CA TYR A 737 12.34 -49.38 -37.29
C TYR A 737 13.39 -48.88 -36.30
N PRO A 738 13.38 -47.58 -35.99
CA PRO A 738 14.43 -47.02 -35.13
C PRO A 738 14.44 -47.67 -33.76
N ASP A 739 15.66 -47.79 -33.19
CA ASP A 739 15.85 -48.32 -31.86
C ASP A 739 15.78 -47.21 -30.83
N TYR A 740 14.91 -47.37 -29.83
CA TYR A 740 14.73 -46.36 -28.79
C TYR A 740 15.11 -46.88 -27.41
N SER A 741 15.85 -47.99 -27.34
CA SER A 741 16.42 -48.41 -26.07
C SER A 741 17.47 -47.40 -25.59
N ASP A 742 18.22 -46.83 -26.52
CA ASP A 742 19.17 -45.77 -26.20
C ASP A 742 18.41 -44.52 -25.77
N PRO A 743 18.68 -43.97 -24.59
CA PRO A 743 17.99 -42.76 -24.15
C PRO A 743 18.51 -41.47 -24.77
N SER A 744 19.33 -41.55 -25.83
CA SER A 744 19.96 -40.37 -26.39
C SER A 744 18.96 -39.44 -27.08
N ASN A 745 17.77 -39.92 -27.44
CA ASN A 745 16.78 -39.11 -28.13
C ASN A 745 16.11 -38.18 -27.11
N ILE A 746 16.76 -37.05 -26.87
CA ILE A 746 16.32 -36.12 -25.84
C ILE A 746 15.16 -35.28 -26.36
N ARG A 747 14.19 -35.02 -25.50
CA ARG A 747 13.14 -34.05 -25.77
C ARG A 747 13.26 -32.88 -24.80
N MET A 748 13.22 -31.67 -25.34
CA MET A 748 13.45 -30.50 -24.49
C MET A 748 12.90 -29.26 -25.16
N SER A 749 12.68 -28.22 -24.34
CA SER A 749 12.09 -26.97 -24.80
C SER A 749 12.41 -25.89 -23.77
N ALA A 750 11.81 -24.72 -23.96
CA ALA A 750 11.99 -23.59 -23.05
C ALA A 750 10.86 -22.59 -23.30
N GLY A 751 10.69 -21.69 -22.34
CA GLY A 751 9.65 -20.68 -22.47
C GLY A 751 9.42 -19.92 -21.17
N ILE A 752 8.17 -19.49 -20.98
CA ILE A 752 7.78 -18.71 -19.82
C ILE A 752 6.65 -19.43 -19.10
N ALA A 753 6.53 -19.15 -17.80
CA ALA A 753 5.51 -19.75 -16.95
C ALA A 753 4.94 -18.71 -16.00
N LEU A 754 3.69 -18.91 -15.60
CA LEU A 754 3.00 -18.00 -14.71
C LEU A 754 2.09 -18.80 -13.78
N GLN A 755 2.09 -18.45 -12.50
CA GLN A 755 1.27 -19.09 -11.49
C GLN A 755 0.48 -18.01 -10.74
N TRP A 756 -0.82 -18.24 -10.60
CA TRP A 756 -1.74 -17.29 -10.00
C TRP A 756 -2.55 -18.00 -8.93
N MET A 757 -2.53 -17.45 -7.71
CA MET A 757 -3.26 -18.05 -6.58
C MET A 757 -4.59 -17.31 -6.42
N SER A 758 -5.54 -17.66 -7.27
CA SER A 758 -6.84 -17.01 -7.22
C SER A 758 -7.61 -17.50 -6.00
N PRO A 759 -8.61 -16.73 -5.55
CA PRO A 759 -9.54 -17.26 -4.54
C PRO A 759 -10.26 -18.51 -5.01
N LEU A 760 -10.33 -18.74 -6.33
CA LEU A 760 -10.90 -19.97 -6.85
C LEU A 760 -9.90 -21.13 -6.86
N GLY A 761 -8.62 -20.87 -6.62
CA GLY A 761 -7.64 -21.92 -6.52
C GLY A 761 -6.34 -21.62 -7.22
N PRO A 762 -5.46 -22.62 -7.31
CA PRO A 762 -4.22 -22.45 -8.07
C PRO A 762 -4.50 -22.43 -9.57
N LEU A 763 -3.71 -21.64 -10.29
CA LEU A 763 -3.79 -21.58 -11.74
C LEU A 763 -2.38 -21.51 -12.30
N VAL A 764 -2.15 -22.22 -13.40
CA VAL A 764 -0.85 -22.21 -14.08
C VAL A 764 -1.07 -21.96 -15.57
N PHE A 765 -0.13 -21.25 -16.17
CA PHE A 765 -0.21 -20.93 -17.59
C PHE A 765 1.21 -20.87 -18.14
N SER A 766 1.49 -21.70 -19.14
CA SER A 766 2.85 -21.85 -19.63
C SER A 766 2.89 -21.75 -21.15
N TYR A 767 3.97 -21.16 -21.65
CA TYR A 767 4.26 -21.07 -23.07
C TYR A 767 5.65 -21.63 -23.31
N ALA A 768 5.78 -22.53 -24.27
CA ALA A 768 7.06 -23.18 -24.52
C ALA A 768 7.20 -23.49 -26.00
N GLN A 769 8.45 -23.72 -26.41
CA GLN A 769 8.73 -24.06 -27.80
C GLN A 769 9.71 -25.23 -27.88
N PRO A 770 9.28 -26.39 -28.38
CA PRO A 770 10.20 -27.52 -28.51
C PRO A 770 11.35 -27.20 -29.43
N PHE A 771 12.54 -27.67 -29.08
CA PHE A 771 13.74 -27.48 -29.88
C PHE A 771 14.27 -28.79 -30.44
N LYS A 772 14.56 -29.76 -29.58
CA LYS A 772 14.97 -31.09 -30.03
C LYS A 772 13.77 -32.04 -30.09
N LYS A 773 12.83 -31.70 -30.97
CA LYS A 773 11.63 -32.49 -31.13
C LYS A 773 11.92 -33.80 -31.85
N TYR A 774 10.92 -34.68 -31.85
CA TYR A 774 10.97 -35.93 -32.61
C TYR A 774 9.57 -36.17 -33.18
N ASP A 775 9.35 -37.37 -33.69
CA ASP A 775 8.03 -37.73 -34.19
C ASP A 775 7.02 -37.79 -33.05
N GLY A 776 5.76 -37.54 -33.38
CA GLY A 776 4.69 -37.60 -32.39
C GLY A 776 4.81 -36.56 -31.30
N ASP A 777 5.08 -35.31 -31.67
CA ASP A 777 5.21 -34.26 -30.66
C ASP A 777 3.84 -33.70 -30.26
N LYS A 778 2.93 -33.57 -31.21
CA LYS A 778 1.61 -32.94 -31.04
C LYS A 778 1.71 -31.72 -30.12
N ALA A 779 2.54 -30.78 -30.55
CA ALA A 779 2.89 -29.62 -29.72
C ALA A 779 1.71 -28.70 -29.52
N GLU A 780 1.62 -28.14 -28.32
CA GLU A 780 0.71 -27.04 -28.03
C GLU A 780 1.53 -25.85 -27.57
N GLN A 781 0.85 -24.78 -27.18
CA GLN A 781 1.49 -23.54 -26.79
C GLN A 781 1.06 -23.02 -25.44
N PHE A 782 -0.21 -23.20 -25.05
CA PHE A 782 -0.70 -22.75 -23.76
C PHE A 782 -1.38 -23.91 -23.04
N GLN A 783 -1.36 -23.84 -21.72
CA GLN A 783 -2.02 -24.84 -20.88
C GLN A 783 -2.74 -24.14 -19.73
N PHE A 784 -3.79 -24.78 -19.24
CA PHE A 784 -4.64 -24.22 -18.20
C PHE A 784 -4.91 -25.24 -17.10
N ASN A 785 -3.85 -25.91 -16.66
CA ASN A 785 -3.96 -26.89 -15.59
C ASN A 785 -4.31 -26.19 -14.28
N ILE A 786 -5.05 -26.90 -13.42
CA ILE A 786 -5.41 -26.36 -12.12
C ILE A 786 -4.85 -27.24 -11.01
N VAL B 10 3.84 19.31 -17.79
CA VAL B 10 4.83 20.34 -18.08
C VAL B 10 4.16 21.69 -18.27
N VAL B 11 4.71 22.72 -17.63
CA VAL B 11 4.20 24.07 -17.75
C VAL B 11 5.37 25.02 -18.03
N LYS B 12 5.28 25.77 -19.13
CA LYS B 12 6.20 26.85 -19.43
C LYS B 12 5.68 27.61 -20.64
N MET B 13 5.82 28.93 -20.61
CA MET B 13 5.45 29.79 -21.73
C MET B 13 6.72 30.28 -22.41
N SER B 14 6.80 30.11 -23.73
CA SER B 14 8.00 30.43 -24.50
C SER B 14 7.61 31.36 -25.64
N PRO B 15 7.45 32.65 -25.35
CA PRO B 15 7.14 33.61 -26.41
C PRO B 15 8.31 33.76 -27.38
N LEU B 16 7.97 34.05 -28.64
CA LEU B 16 8.97 34.22 -29.67
C LEU B 16 9.19 35.71 -29.92
N PRO B 17 10.37 36.25 -29.65
CA PRO B 17 10.66 37.62 -30.08
C PRO B 17 10.50 37.75 -31.59
N THR B 18 9.81 38.79 -32.02
CA THR B 18 9.49 38.94 -33.42
C THR B 18 10.70 39.44 -34.21
N VAL B 19 10.55 39.45 -35.53
CA VAL B 19 11.67 39.75 -36.44
C VAL B 19 11.58 41.24 -36.77
N GLU B 20 12.31 42.05 -36.01
CA GLU B 20 12.48 43.46 -36.29
C GLU B 20 13.94 43.72 -36.60
N ASN B 21 14.20 44.44 -37.69
CA ASN B 21 15.56 44.64 -38.15
C ASN B 21 15.80 46.09 -38.54
N GLN B 22 16.94 46.61 -38.10
CA GLN B 22 17.50 47.88 -38.55
C GLN B 22 18.93 47.72 -39.06
N PHE B 23 19.71 46.86 -38.44
CA PHE B 23 21.07 46.55 -38.86
C PHE B 23 21.17 45.08 -39.25
N THR B 24 22.20 44.75 -40.01
CA THR B 24 22.44 43.38 -40.46
C THR B 24 23.89 42.99 -40.14
N PRO B 25 24.20 42.73 -38.88
CA PRO B 25 25.53 42.24 -38.53
C PRO B 25 25.66 40.74 -38.79
N THR B 26 26.91 40.27 -38.72
CA THR B 26 27.22 38.88 -39.00
C THR B 26 28.24 38.36 -37.99
N THR B 27 28.37 37.04 -37.93
CA THR B 27 29.34 36.43 -37.06
C THR B 27 30.75 36.66 -37.60
N ALA B 28 31.66 37.05 -36.71
CA ALA B 28 33.04 37.32 -37.13
C ALA B 28 33.73 36.04 -37.59
N TRP B 29 33.68 35.00 -36.78
CA TRP B 29 34.26 33.70 -37.10
C TRP B 29 33.77 32.69 -36.07
N SER B 30 34.23 31.45 -36.20
CA SER B 30 33.89 30.40 -35.23
C SER B 30 35.01 29.38 -35.25
N THR B 31 35.89 29.44 -34.24
CA THR B 31 36.93 28.42 -34.12
C THR B 31 36.32 27.06 -33.87
N SER B 32 35.14 27.00 -33.27
CA SER B 32 34.36 25.77 -33.10
C SER B 32 35.17 24.72 -32.32
N VAL B 33 35.43 25.07 -31.05
CA VAL B 33 36.10 24.14 -30.14
C VAL B 33 35.38 22.81 -30.10
N GLY B 34 34.07 22.81 -30.33
CA GLY B 34 33.29 21.59 -30.37
C GLY B 34 32.58 21.33 -29.05
N SER B 35 32.94 20.25 -28.39
CA SER B 35 32.44 20.00 -27.04
C SER B 35 32.87 21.13 -26.12
N GLY B 36 31.90 21.91 -25.64
CA GLY B 36 32.21 22.99 -24.72
C GLY B 36 31.82 22.65 -23.30
N ILE B 37 30.68 23.16 -22.85
CA ILE B 37 30.14 22.84 -21.54
C ILE B 37 29.05 21.78 -21.64
N GLY B 38 28.18 21.90 -22.64
CA GLY B 38 27.12 20.92 -22.82
C GLY B 38 25.93 21.19 -21.92
N ASN B 39 25.27 20.10 -21.51
CA ASN B 39 24.10 20.20 -20.64
C ASN B 39 24.44 20.74 -19.25
N PHE B 40 25.73 20.79 -18.89
CA PHE B 40 26.14 21.31 -17.60
C PHE B 40 25.84 22.81 -17.51
N TYR B 41 26.05 23.38 -16.32
CA TYR B 41 25.86 24.80 -16.08
C TYR B 41 27.07 25.32 -15.33
N SER B 42 27.59 26.47 -15.75
CA SER B 42 28.73 27.09 -15.09
C SER B 42 28.72 28.58 -15.43
N ASN B 43 29.82 29.25 -15.12
CA ASN B 43 29.96 30.69 -15.36
C ASN B 43 31.12 31.01 -16.29
N LEU B 44 31.53 30.05 -17.12
CA LEU B 44 32.68 30.24 -17.99
C LEU B 44 32.45 31.37 -18.99
N HIS B 45 33.54 32.06 -19.34
CA HIS B 45 33.55 33.03 -20.42
C HIS B 45 35.01 33.30 -20.80
N PRO B 46 35.35 33.27 -22.09
CA PRO B 46 36.73 33.51 -22.50
C PRO B 46 37.19 34.91 -22.10
N ALA B 47 38.46 35.02 -21.72
CA ALA B 47 39.02 36.28 -21.25
C ALA B 47 39.97 36.83 -22.30
N LEU B 48 39.79 38.09 -22.67
CA LEU B 48 40.56 38.73 -23.71
C LEU B 48 41.46 39.82 -23.13
N ALA B 49 42.67 39.93 -23.67
CA ALA B 49 43.62 40.94 -23.26
C ALA B 49 44.70 41.05 -24.32
N ASP B 50 45.06 42.29 -24.66
CA ASP B 50 46.16 42.58 -25.59
C ASP B 50 46.05 41.77 -26.87
N ASN B 51 44.85 41.80 -27.48
CA ASN B 51 44.57 41.19 -28.77
C ASN B 51 44.72 39.66 -28.72
N VAL B 52 44.68 39.08 -27.52
CA VAL B 52 44.78 37.63 -27.35
C VAL B 52 43.65 37.18 -26.42
N VAL B 53 42.89 36.18 -26.86
CA VAL B 53 41.80 35.65 -26.07
C VAL B 53 42.17 34.28 -25.53
N TYR B 54 41.56 33.90 -24.42
CA TYR B 54 41.81 32.62 -23.78
C TYR B 54 40.47 31.94 -23.51
N ALA B 55 40.34 30.69 -23.95
CA ALA B 55 39.12 29.91 -23.76
C ALA B 55 39.48 28.55 -23.18
N ALA B 56 38.46 27.89 -22.62
CA ALA B 56 38.68 26.63 -21.91
C ALA B 56 37.59 25.64 -22.26
N ASP B 57 37.86 24.37 -21.97
CA ASP B 57 36.94 23.28 -22.22
C ASP B 57 36.65 22.53 -20.93
N ARG B 58 35.49 21.88 -20.90
CA ARG B 58 35.09 21.11 -19.72
C ARG B 58 36.04 19.97 -19.45
N ALA B 59 36.45 19.25 -20.50
CA ALA B 59 37.30 18.08 -20.33
C ALA B 59 38.69 18.43 -19.80
N GLY B 60 39.16 19.67 -20.01
CA GLY B 60 40.47 20.05 -19.55
C GLY B 60 41.36 20.64 -20.63
N LEU B 61 40.74 21.09 -21.72
CA LEU B 61 41.47 21.67 -22.84
C LEU B 61 41.37 23.19 -22.76
N VAL B 62 42.51 23.87 -22.80
CA VAL B 62 42.57 25.32 -22.77
C VAL B 62 43.33 25.80 -24.01
N LYS B 63 42.77 26.81 -24.67
CA LYS B 63 43.29 27.36 -25.91
C LYS B 63 43.57 28.84 -25.74
N ALA B 64 44.70 29.29 -26.27
CA ALA B 64 45.03 30.71 -26.37
C ALA B 64 44.97 31.09 -27.84
N LEU B 65 43.97 31.86 -28.22
CA LEU B 65 43.74 32.24 -29.60
C LEU B 65 44.12 33.70 -29.81
N ASN B 66 44.48 34.03 -31.04
CA ASN B 66 44.74 35.42 -31.40
C ASN B 66 43.43 36.09 -31.75
N ALA B 67 43.19 37.28 -31.19
CA ALA B 67 41.92 37.94 -31.40
C ALA B 67 41.83 38.55 -32.79
N ASP B 68 40.60 38.91 -33.17
CA ASP B 68 40.23 39.50 -34.46
C ASP B 68 40.27 38.47 -35.58
N ASP B 69 40.84 37.30 -35.31
CA ASP B 69 40.75 36.18 -36.25
C ASP B 69 40.49 34.84 -35.59
N GLY B 70 40.78 34.67 -34.31
CA GLY B 70 40.63 33.37 -33.66
C GLY B 70 41.74 32.40 -33.95
N LYS B 71 42.90 32.87 -34.41
CA LYS B 71 43.98 31.97 -34.76
C LYS B 71 44.60 31.35 -33.52
N GLU B 72 44.79 30.05 -33.56
CA GLU B 72 45.27 29.29 -32.41
C GLU B 72 46.77 29.50 -32.21
N ILE B 73 47.18 29.73 -30.97
CA ILE B 73 48.58 29.94 -30.63
C ILE B 73 49.11 28.71 -29.91
N TRP B 74 48.57 28.42 -28.74
CA TRP B 74 48.86 27.16 -28.05
C TRP B 74 47.56 26.61 -27.48
N SER B 75 47.58 25.31 -27.20
CA SER B 75 46.41 24.62 -26.69
C SER B 75 46.88 23.38 -25.95
N VAL B 76 46.60 23.30 -24.65
CA VAL B 76 47.06 22.18 -23.84
C VAL B 76 45.87 21.54 -23.13
N SER B 77 45.92 20.22 -23.01
CA SER B 77 44.96 19.48 -22.19
C SER B 77 45.41 19.50 -20.73
N LEU B 78 44.46 19.19 -19.85
CA LEU B 78 44.71 19.13 -18.41
C LEU B 78 44.32 17.77 -17.86
N ALA B 79 44.78 16.72 -18.53
CA ALA B 79 44.55 15.36 -18.03
C ALA B 79 45.14 15.20 -16.64
N GLU B 80 44.39 14.53 -15.78
CA GLU B 80 44.74 14.44 -14.35
C GLU B 80 45.83 13.40 -14.16
N LYS B 81 47.06 13.79 -14.52
CA LYS B 81 48.21 12.91 -14.36
C LYS B 81 48.44 12.54 -12.90
N ASP B 82 47.95 13.33 -11.95
CA ASP B 82 48.06 12.97 -10.54
C ASP B 82 47.15 11.79 -10.19
N GLY B 83 46.09 11.59 -10.96
CA GLY B 83 45.19 10.48 -10.72
C GLY B 83 45.80 9.14 -11.08
N TRP B 84 45.09 8.09 -10.68
CA TRP B 84 45.58 6.73 -10.91
C TRP B 84 45.68 6.42 -12.41
N PHE B 85 44.64 6.77 -13.16
CA PHE B 85 44.65 6.53 -14.60
C PHE B 85 45.49 7.54 -15.37
N SER B 86 45.78 8.68 -14.76
CA SER B 86 46.58 9.80 -15.29
C SER B 86 45.83 10.59 -16.36
N LYS B 87 44.61 10.19 -16.74
CA LYS B 87 43.85 10.91 -17.75
C LYS B 87 42.38 11.01 -17.37
N GLU B 88 42.08 11.11 -16.08
CA GLU B 88 40.70 11.17 -15.62
C GLU B 88 40.06 12.51 -16.02
N PRO B 89 38.73 12.55 -16.13
CA PRO B 89 38.06 13.82 -16.44
C PRO B 89 38.35 14.87 -15.37
N ALA B 90 38.51 16.11 -15.81
CA ALA B 90 38.94 17.20 -14.95
C ALA B 90 37.81 18.08 -14.47
N LEU B 91 36.81 18.36 -15.31
CA LEU B 91 35.63 19.14 -14.96
C LEU B 91 36.01 20.55 -14.50
N LEU B 92 36.56 21.32 -15.44
CA LEU B 92 36.85 22.71 -15.18
C LEU B 92 35.56 23.52 -15.16
N SER B 93 35.37 24.31 -14.10
CA SER B 93 34.23 25.21 -14.01
C SER B 93 34.60 26.60 -13.54
N GLY B 94 35.85 26.84 -13.15
CA GLY B 94 36.26 28.18 -12.77
C GLY B 94 36.33 29.11 -13.95
N GLY B 95 36.09 30.40 -13.68
CA GLY B 95 36.11 31.38 -14.74
C GLY B 95 37.50 31.58 -15.33
N VAL B 96 37.54 31.91 -16.60
CA VAL B 96 38.80 32.21 -17.28
C VAL B 96 39.21 33.62 -16.91
N THR B 97 40.33 33.75 -16.19
CA THR B 97 40.85 35.09 -15.91
C THR B 97 42.34 35.11 -16.21
N VAL B 98 42.89 36.30 -16.41
CA VAL B 98 44.29 36.44 -16.79
C VAL B 98 44.81 37.77 -16.27
N SER B 99 46.03 37.75 -15.72
CA SER B 99 46.66 38.97 -15.23
C SER B 99 48.16 38.73 -15.11
N GLY B 100 48.91 39.82 -15.20
CA GLY B 100 50.36 39.73 -15.14
C GLY B 100 50.89 38.83 -16.24
N GLY B 101 51.72 37.87 -15.85
CA GLY B 101 52.22 36.89 -16.78
C GLY B 101 51.55 35.54 -16.63
N HIS B 102 50.40 35.51 -15.96
CA HIS B 102 49.73 34.26 -15.64
C HIS B 102 48.27 34.31 -16.07
N VAL B 103 47.71 33.12 -16.27
CA VAL B 103 46.29 32.94 -16.54
C VAL B 103 45.75 31.93 -15.53
N TYR B 104 44.62 32.25 -14.92
CA TYR B 104 44.07 31.49 -13.81
C TYR B 104 42.76 30.85 -14.22
N ILE B 105 42.62 29.55 -13.90
CA ILE B 105 41.42 28.78 -14.14
C ILE B 105 41.12 27.95 -12.89
N GLY B 106 39.86 27.50 -12.79
CA GLY B 106 39.45 26.66 -11.70
C GLY B 106 38.64 25.48 -12.22
N SER B 107 38.54 24.45 -11.37
CA SER B 107 37.86 23.22 -11.73
C SER B 107 36.80 22.87 -10.70
N GLU B 108 35.82 22.08 -11.12
CA GLU B 108 34.79 21.58 -10.22
C GLU B 108 35.33 20.59 -9.20
N LYS B 109 36.56 20.11 -9.38
CA LYS B 109 37.20 19.17 -8.45
C LYS B 109 38.06 19.90 -7.42
N ALA B 110 37.70 21.14 -7.09
CA ALA B 110 38.38 21.92 -6.06
C ALA B 110 39.88 22.05 -6.35
N GLN B 111 40.21 22.41 -7.58
CA GLN B 111 41.59 22.59 -7.98
C GLN B 111 41.72 23.83 -8.84
N VAL B 112 42.72 24.66 -8.55
CA VAL B 112 42.98 25.88 -9.27
C VAL B 112 44.30 25.73 -10.02
N TYR B 113 44.32 26.17 -11.28
CA TYR B 113 45.49 26.10 -12.14
C TYR B 113 45.96 27.54 -12.41
N ALA B 114 47.24 27.80 -12.20
CA ALA B 114 47.85 29.06 -12.60
C ALA B 114 48.87 28.73 -13.67
N LEU B 115 48.59 29.10 -14.91
CA LEU B 115 49.47 28.84 -16.03
C LEU B 115 50.39 30.05 -16.23
N ASN B 116 51.11 30.09 -17.34
CA ASN B 116 52.05 31.17 -17.63
C ASN B 116 51.81 31.72 -19.02
N THR B 117 50.53 31.84 -19.40
CA THR B 117 50.11 32.45 -20.66
C THR B 117 50.77 31.81 -21.89
N SER B 118 51.66 32.56 -22.55
CA SER B 118 52.17 32.15 -23.85
C SER B 118 52.86 30.80 -23.80
N ASP B 119 53.52 30.48 -22.68
CA ASP B 119 54.21 29.20 -22.57
C ASP B 119 53.24 28.01 -22.66
N GLY B 120 52.07 28.12 -22.02
CA GLY B 120 51.09 27.06 -22.04
C GLY B 120 51.21 26.06 -20.92
N THR B 121 52.35 26.01 -20.22
CA THR B 121 52.50 25.13 -19.08
C THR B 121 51.88 25.77 -17.84
N VAL B 122 52.13 25.17 -16.68
CA VAL B 122 51.54 25.62 -15.43
C VAL B 122 52.57 26.40 -14.63
N ALA B 123 52.19 27.60 -14.19
CA ALA B 123 53.04 28.34 -13.26
C ALA B 123 53.03 27.68 -11.89
N TRP B 124 51.85 27.35 -11.39
CA TRP B 124 51.75 26.54 -10.18
C TRP B 124 50.36 25.94 -10.05
N GLN B 125 50.33 24.78 -9.39
CA GLN B 125 49.12 24.05 -9.05
C GLN B 125 48.96 24.02 -7.53
N THR B 126 47.80 24.43 -7.04
CA THR B 126 47.51 24.45 -5.62
C THR B 126 46.10 23.92 -5.39
N LYS B 127 45.89 23.36 -4.20
CA LYS B 127 44.62 22.78 -3.84
C LYS B 127 43.79 23.77 -3.02
N VAL B 128 42.47 23.74 -3.25
CA VAL B 128 41.53 24.63 -2.58
C VAL B 128 40.48 23.79 -1.89
N ALA B 129 40.17 24.14 -0.64
CA ALA B 129 39.15 23.43 0.12
C ALA B 129 37.77 23.87 -0.37
N GLY B 130 37.10 23.00 -1.10
CA GLY B 130 35.80 23.30 -1.65
C GLY B 130 35.87 23.52 -3.16
N GLU B 131 34.78 23.14 -3.84
CA GLU B 131 34.75 23.20 -5.29
C GLU B 131 34.81 24.64 -5.78
N ALA B 132 35.57 24.86 -6.84
CA ALA B 132 35.73 26.20 -7.43
C ALA B 132 34.55 26.45 -8.36
N LEU B 133 33.60 27.27 -7.90
CA LEU B 133 32.42 27.64 -8.67
C LEU B 133 32.28 29.15 -8.73
N SER B 134 33.40 29.86 -8.79
CA SER B 134 33.41 31.31 -8.76
C SER B 134 34.38 31.84 -9.80
N ARG B 135 34.13 33.07 -10.24
CA ARG B 135 35.04 33.75 -11.14
C ARG B 135 36.27 34.23 -10.37
N PRO B 136 37.47 33.79 -10.72
CA PRO B 136 38.65 34.22 -9.97
C PRO B 136 38.99 35.67 -10.24
N VAL B 137 39.35 36.38 -9.17
CA VAL B 137 39.73 37.79 -9.25
C VAL B 137 41.08 37.97 -8.58
N VAL B 138 41.83 38.96 -9.04
CA VAL B 138 43.20 39.18 -8.63
C VAL B 138 43.43 40.67 -8.39
N SER B 139 44.09 41.01 -7.29
CA SER B 139 44.43 42.38 -6.95
C SER B 139 45.32 42.37 -5.72
N ASP B 140 46.10 43.45 -5.58
CA ASP B 140 46.98 43.67 -4.42
C ASP B 140 47.85 42.44 -4.16
N GLY B 141 48.40 41.88 -5.25
CA GLY B 141 49.27 40.74 -5.14
C GLY B 141 48.62 39.52 -4.53
N LEU B 142 47.31 39.35 -4.70
CA LEU B 142 46.61 38.21 -4.14
C LEU B 142 45.33 37.91 -4.92
N VAL B 143 44.94 36.65 -4.90
CA VAL B 143 43.84 36.13 -5.70
C VAL B 143 42.75 35.61 -4.76
N LEU B 144 41.51 35.98 -5.04
CA LEU B 144 40.36 35.53 -4.25
C LEU B 144 39.67 34.37 -4.94
N ILE B 145 39.45 33.29 -4.19
CA ILE B 145 38.74 32.11 -4.68
C ILE B 145 37.62 31.80 -3.70
N HIS B 146 36.39 31.73 -4.21
CA HIS B 146 35.23 31.39 -3.40
C HIS B 146 34.74 30.01 -3.79
N THR B 147 34.54 29.15 -2.78
CA THR B 147 34.19 27.76 -3.01
C THR B 147 32.72 27.51 -2.67
N SER B 148 32.22 26.37 -3.12
CA SER B 148 30.84 25.98 -2.83
C SER B 148 30.74 25.30 -1.46
N ASN B 149 31.36 25.93 -0.46
CA ASN B 149 31.19 25.52 0.93
C ASN B 149 31.08 26.73 1.85
N GLY B 150 31.17 27.94 1.33
CA GLY B 150 31.08 29.15 2.11
C GLY B 150 32.40 29.82 2.40
N GLN B 151 33.51 29.27 1.92
CA GLN B 151 34.83 29.82 2.21
C GLN B 151 35.32 30.69 1.06
N LEU B 152 35.87 31.84 1.40
CA LEU B 152 36.72 32.60 0.51
C LEU B 152 38.17 32.46 0.96
N GLN B 153 39.07 32.36 0.00
CA GLN B 153 40.48 32.12 0.24
C GLN B 153 41.31 33.10 -0.59
N ALA B 154 42.48 33.44 -0.06
CA ALA B 154 43.42 34.34 -0.71
C ALA B 154 44.70 33.57 -1.04
N LEU B 155 45.20 33.77 -2.25
CA LEU B 155 46.38 33.07 -2.75
C LEU B 155 47.39 34.10 -3.24
N ASN B 156 48.65 33.70 -3.28
CA ASN B 156 49.72 34.54 -3.79
C ASN B 156 50.11 34.08 -5.19
N GLU B 157 50.21 35.04 -6.11
CA GLU B 157 50.57 34.71 -7.49
C GLU B 157 52.01 34.22 -7.61
N ALA B 158 52.85 34.45 -6.60
CA ALA B 158 54.19 33.86 -6.60
C ALA B 158 54.10 32.34 -6.61
N ASP B 159 53.59 31.77 -5.52
CA ASP B 159 53.28 30.34 -5.48
C ASP B 159 52.27 30.10 -4.35
N GLY B 160 50.99 29.94 -4.73
CA GLY B 160 49.99 29.51 -3.78
C GLY B 160 49.84 30.41 -2.56
N ALA B 161 50.34 29.93 -1.42
CA ALA B 161 50.35 30.68 -0.17
C ALA B 161 48.93 31.05 0.27
N VAL B 162 48.16 30.00 0.60
CA VAL B 162 46.81 30.18 1.10
C VAL B 162 46.86 31.07 2.33
N LYS B 163 46.26 32.26 2.24
CA LYS B 163 46.30 33.20 3.35
C LYS B 163 45.28 32.84 4.43
N TRP B 164 44.11 32.36 4.04
CA TRP B 164 43.04 32.04 4.98
C TRP B 164 41.97 31.27 4.23
N THR B 165 41.12 30.58 5.00
CA THR B 165 39.93 29.92 4.47
C THR B 165 38.76 30.39 5.34
N VAL B 166 38.18 31.54 4.98
CA VAL B 166 37.16 32.16 5.81
C VAL B 166 35.80 31.67 5.33
N ASN B 167 35.13 30.87 6.15
CA ASN B 167 33.82 30.34 5.81
C ASN B 167 32.73 31.30 6.22
N LEU B 168 31.62 31.29 5.47
CA LEU B 168 30.47 32.12 5.84
C LEU B 168 29.26 31.29 6.20
N ASP B 169 28.68 30.51 5.28
CA ASP B 169 27.52 29.67 5.57
C ASP B 169 27.07 28.88 4.34
N MET B 170 26.41 27.75 4.58
CA MET B 170 25.52 27.11 3.61
C MET B 170 24.20 26.78 4.28
N PRO B 171 23.09 27.35 3.83
CA PRO B 171 21.77 27.04 4.40
C PRO B 171 21.12 25.83 3.74
N SER B 172 21.80 24.68 3.87
CA SER B 172 21.36 23.43 3.24
C SER B 172 21.11 23.62 1.75
N LEU B 173 19.85 23.62 1.35
CA LEU B 173 19.50 23.83 -0.06
C LEU B 173 19.86 25.26 -0.46
N SER B 174 20.47 25.39 -1.64
CA SER B 174 20.88 26.69 -2.15
C SER B 174 21.04 26.58 -3.66
N LEU B 175 21.64 27.59 -4.27
CA LEU B 175 21.85 27.63 -5.71
C LEU B 175 23.30 28.00 -6.02
N ARG B 176 23.73 27.63 -7.22
CA ARG B 176 25.13 27.73 -7.62
C ARG B 176 25.53 29.13 -8.06
N GLY B 177 26.68 29.24 -8.70
CA GLY B 177 27.18 30.51 -9.19
C GLY B 177 27.60 31.47 -8.10
N GLU B 178 28.38 30.99 -7.13
CA GLU B 178 28.78 31.81 -5.99
C GLU B 178 29.49 33.07 -6.47
N SER B 179 29.16 34.19 -5.83
CA SER B 179 29.55 35.50 -6.34
C SER B 179 31.07 35.67 -6.33
N ALA B 180 31.56 36.36 -7.35
CA ALA B 180 32.96 36.76 -7.41
C ALA B 180 33.12 38.11 -6.75
N PRO B 181 33.94 38.23 -5.70
CA PRO B 181 34.05 39.51 -5.01
C PRO B 181 34.68 40.59 -5.87
N THR B 182 34.29 41.82 -5.60
CA THR B 182 34.86 43.00 -6.24
C THR B 182 35.68 43.77 -5.21
N THR B 183 36.84 44.24 -5.64
CA THR B 183 37.80 44.86 -4.74
C THR B 183 38.09 46.30 -5.16
N ALA B 184 38.13 47.19 -4.17
CA ALA B 184 38.40 48.61 -4.37
C ALA B 184 38.57 49.26 -3.01
N PHE B 185 39.22 50.42 -3.01
CA PHE B 185 39.41 51.24 -1.81
C PHE B 185 40.01 50.41 -0.67
N GLY B 186 40.91 49.50 -1.03
CA GLY B 186 41.55 48.65 -0.04
C GLY B 186 40.62 47.70 0.68
N ALA B 187 39.60 47.18 0.00
CA ALA B 187 38.70 46.20 0.59
C ALA B 187 38.00 45.44 -0.52
N ALA B 188 37.74 44.16 -0.28
CA ALA B 188 37.07 43.30 -1.25
C ALA B 188 35.75 42.80 -0.65
N VAL B 189 34.66 43.03 -1.38
CA VAL B 189 33.33 42.67 -0.90
C VAL B 189 32.77 41.59 -1.81
N VAL B 190 32.08 40.61 -1.20
CA VAL B 190 31.51 39.48 -1.89
C VAL B 190 30.09 39.28 -1.37
N GLY B 191 29.29 38.55 -2.16
CA GLY B 191 27.95 38.22 -1.75
C GLY B 191 27.90 37.13 -0.71
N GLY B 192 26.86 36.32 -0.73
CA GLY B 192 26.73 35.23 0.22
C GLY B 192 25.47 34.42 0.05
N ASP B 193 25.54 33.13 0.40
CA ASP B 193 24.39 32.26 0.23
C ASP B 193 23.30 32.49 1.27
N ASN B 194 23.39 33.52 2.11
CA ASN B 194 22.30 33.86 3.00
C ASN B 194 22.03 35.36 3.04
N GLY B 195 22.64 36.14 2.16
CA GLY B 195 22.39 37.57 2.08
C GLY B 195 23.40 38.44 2.80
N ARG B 196 24.30 37.87 3.59
CA ARG B 196 25.29 38.66 4.32
C ARG B 196 26.40 39.07 3.35
N VAL B 197 26.13 40.15 2.60
CA VAL B 197 27.14 40.72 1.72
C VAL B 197 28.29 41.22 2.58
N SER B 198 29.44 40.57 2.47
CA SER B 198 30.53 40.72 3.42
C SER B 198 31.76 41.35 2.78
N ALA B 199 32.37 42.28 3.50
CA ALA B 199 33.59 42.95 3.05
C ALA B 199 34.76 42.50 3.90
N VAL B 200 35.93 42.40 3.27
CA VAL B 200 37.13 41.88 3.89
C VAL B 200 38.31 42.77 3.55
N LEU B 201 39.13 43.08 4.56
CA LEU B 201 40.42 43.72 4.34
C LEU B 201 41.43 42.65 3.98
N MET B 202 42.08 42.80 2.82
CA MET B 202 43.01 41.79 2.35
C MET B 202 44.30 41.73 3.15
N GLU B 203 44.55 42.69 4.04
CA GLU B 203 45.76 42.65 4.85
C GLU B 203 45.74 41.45 5.80
N GLN B 204 44.59 41.17 6.42
CA GLN B 204 44.51 40.07 7.37
C GLN B 204 43.25 39.22 7.19
N GLY B 205 42.43 39.49 6.18
CA GLY B 205 41.25 38.68 5.92
C GLY B 205 40.23 38.73 7.04
N GLN B 206 39.95 39.94 7.53
CA GLN B 206 39.03 40.12 8.65
C GLN B 206 37.63 40.46 8.15
N MET B 207 36.64 40.11 8.97
CA MET B 207 35.23 40.34 8.66
C MET B 207 34.81 41.65 9.32
N ILE B 208 34.53 42.67 8.51
CA ILE B 208 34.28 44.00 9.04
C ILE B 208 32.77 44.24 9.22
N TRP B 209 32.02 44.16 8.14
CA TRP B 209 30.62 44.55 8.16
C TRP B 209 29.82 43.79 7.11
N GLN B 210 28.60 43.41 7.48
CA GLN B 210 27.68 42.76 6.55
C GLN B 210 26.26 42.98 7.05
N GLN B 211 25.30 42.80 6.16
CA GLN B 211 23.90 42.96 6.51
C GLN B 211 23.03 42.12 5.60
N ARG B 212 21.87 41.72 6.11
CA ARG B 212 20.94 40.94 5.31
C ARG B 212 20.38 41.77 4.17
N ILE B 213 20.36 41.18 2.98
CA ILE B 213 19.81 41.81 1.78
C ILE B 213 18.55 41.10 1.30
N SER B 214 18.60 39.77 1.20
CA SER B 214 17.50 39.02 0.63
C SER B 214 16.29 39.03 1.55
N GLN B 215 15.12 39.36 1.00
CA GLN B 215 13.88 39.37 1.76
C GLN B 215 13.15 38.06 1.51
N ALA B 216 12.85 37.34 2.60
CA ALA B 216 12.09 36.10 2.54
C ALA B 216 10.96 36.20 3.57
N THR B 217 9.87 36.83 3.18
CA THR B 217 8.69 36.98 4.03
C THR B 217 7.64 35.90 3.75
N GLY B 218 8.07 34.64 3.77
CA GLY B 218 7.21 33.51 3.52
C GLY B 218 7.04 32.61 4.74
N SER B 219 6.20 31.58 4.54
CA SER B 219 5.91 30.66 5.63
C SER B 219 7.13 29.81 5.98
N THR B 220 7.75 29.21 4.96
CA THR B 220 8.93 28.37 5.17
C THR B 220 10.05 28.85 4.26
N GLU B 221 11.29 28.62 4.71
CA GLU B 221 12.47 29.05 3.97
C GLU B 221 12.99 27.99 3.01
N ILE B 222 12.33 26.84 2.92
CA ILE B 222 12.79 25.79 2.01
C ILE B 222 12.69 26.27 0.57
N ASP B 223 11.53 26.79 0.17
CA ASP B 223 11.38 27.33 -1.17
C ASP B 223 12.01 28.71 -1.30
N ARG B 224 12.17 29.42 -0.18
CA ARG B 224 12.80 30.74 -0.17
C ARG B 224 14.31 30.55 -0.10
N LEU B 225 14.93 30.35 -1.27
CA LEU B 225 16.38 30.27 -1.33
C LEU B 225 17.00 31.58 -0.85
N SER B 226 16.57 32.70 -1.44
CA SER B 226 16.87 34.05 -0.95
C SER B 226 18.35 34.22 -0.66
N ASP B 227 19.17 34.11 -1.70
CA ASP B 227 20.61 34.27 -1.57
C ASP B 227 21.13 35.15 -2.70
N VAL B 228 22.28 35.78 -2.45
CA VAL B 228 22.93 36.64 -3.41
C VAL B 228 24.21 35.96 -3.89
N ASP B 229 24.30 35.71 -5.18
CA ASP B 229 25.44 35.05 -5.81
C ASP B 229 25.85 35.79 -7.07
N THR B 230 25.92 37.12 -6.97
CA THR B 230 26.30 37.97 -8.09
C THR B 230 27.38 38.95 -7.64
N THR B 231 28.21 39.36 -8.58
CA THR B 231 29.30 40.28 -8.27
C THR B 231 28.75 41.68 -8.03
N PRO B 232 29.14 42.34 -6.95
CA PRO B 232 28.72 43.73 -6.73
C PRO B 232 29.58 44.69 -7.53
N VAL B 233 29.18 45.97 -7.49
CA VAL B 233 29.91 47.03 -8.17
C VAL B 233 29.94 48.25 -7.26
N VAL B 234 31.09 48.91 -7.20
CA VAL B 234 31.30 50.09 -6.35
C VAL B 234 31.45 51.31 -7.24
N VAL B 235 30.82 52.41 -6.83
CA VAL B 235 30.92 53.66 -7.58
C VAL B 235 31.73 54.67 -6.78
N ASN B 236 31.18 55.11 -5.65
CA ASN B 236 31.93 55.96 -4.72
C ASN B 236 31.26 55.82 -3.35
N GLY B 237 31.86 55.01 -2.48
CA GLY B 237 31.25 54.76 -1.19
C GLY B 237 29.91 54.08 -1.25
N VAL B 238 29.54 53.50 -2.38
CA VAL B 238 28.24 52.86 -2.56
C VAL B 238 28.43 51.62 -3.44
N VAL B 239 27.71 50.55 -3.11
CA VAL B 239 27.73 49.34 -3.90
C VAL B 239 26.30 48.87 -4.16
N PHE B 240 26.18 48.03 -5.19
CA PHE B 240 24.90 47.54 -5.69
C PHE B 240 24.92 46.01 -5.70
N ALA B 241 23.79 45.41 -5.31
CA ALA B 241 23.68 43.96 -5.30
C ALA B 241 22.23 43.56 -5.51
N LEU B 242 22.03 42.33 -5.97
CA LEU B 242 20.70 41.80 -6.26
C LEU B 242 20.57 40.40 -5.69
N ALA B 243 19.46 40.15 -5.00
CA ALA B 243 19.11 38.83 -4.50
C ALA B 243 18.10 38.17 -5.42
N TYR B 244 17.92 36.86 -5.23
CA TYR B 244 16.99 36.13 -6.08
C TYR B 244 15.55 36.59 -5.88
N ASN B 245 15.18 36.88 -4.64
CA ASN B 245 13.83 37.32 -4.32
C ASN B 245 13.63 38.81 -4.50
N GLY B 246 14.67 39.55 -4.86
CA GLY B 246 14.55 40.97 -5.07
C GLY B 246 15.57 41.78 -4.31
N ASN B 247 15.12 42.86 -3.69
CA ASN B 247 15.94 43.68 -2.79
C ASN B 247 17.11 44.32 -3.52
N LEU B 248 16.80 45.02 -4.61
CA LEU B 248 17.75 45.96 -5.19
C LEU B 248 18.09 47.02 -4.16
N THR B 249 19.39 47.29 -3.99
CA THR B 249 19.78 48.27 -2.99
C THR B 249 21.14 48.85 -3.33
N ALA B 250 21.32 50.11 -2.94
CA ALA B 250 22.62 50.77 -2.93
C ALA B 250 23.00 50.97 -1.47
N LEU B 251 24.14 50.43 -1.07
CA LEU B 251 24.51 50.44 0.33
C LEU B 251 25.93 50.95 0.51
N ASP B 252 26.16 51.62 1.64
CA ASP B 252 27.35 52.43 1.85
C ASP B 252 28.58 51.57 2.11
N LEU B 253 29.74 52.09 1.68
CA LEU B 253 31.02 51.47 1.99
C LEU B 253 31.49 51.76 3.42
N ARG B 254 30.99 52.83 4.03
CA ARG B 254 31.42 53.17 5.38
C ARG B 254 31.06 52.07 6.37
N SER B 255 29.86 51.55 6.28
CA SER B 255 29.37 50.51 7.17
C SER B 255 28.11 49.91 6.55
N GLY B 256 27.40 49.09 7.31
CA GLY B 256 26.18 48.48 6.83
C GLY B 256 24.98 49.40 6.87
N GLN B 257 24.94 50.36 5.94
CA GLN B 257 23.83 51.30 5.84
C GLN B 257 23.26 51.27 4.43
N ILE B 258 21.96 51.50 4.32
CA ILE B 258 21.24 51.48 3.06
C ILE B 258 20.66 52.87 2.80
N MET B 259 21.03 53.48 1.68
CA MET B 259 20.40 54.73 1.29
C MET B 259 18.96 54.50 0.82
N TRP B 260 18.74 53.50 -0.03
CA TRP B 260 17.41 53.26 -0.57
C TRP B 260 17.25 51.80 -0.96
N LYS B 261 15.99 51.39 -1.09
CA LYS B 261 15.63 50.02 -1.40
C LYS B 261 14.61 49.99 -2.52
N ARG B 262 14.67 48.94 -3.34
CA ARG B 262 13.73 48.72 -4.43
C ARG B 262 13.46 47.22 -4.48
N GLU B 263 12.28 46.81 -4.05
CA GLU B 263 11.98 45.39 -3.87
C GLU B 263 11.85 44.61 -5.18
N LEU B 264 12.12 45.17 -6.36
CA LEU B 264 12.02 44.38 -7.59
C LEU B 264 13.15 43.36 -7.67
N GLY B 265 14.39 43.83 -7.77
CA GLY B 265 15.57 42.98 -7.81
C GLY B 265 15.43 41.74 -8.67
N SER B 266 15.63 40.57 -8.06
CA SER B 266 15.34 39.28 -8.68
C SER B 266 16.20 39.05 -9.93
N VAL B 267 17.51 39.23 -9.77
CA VAL B 267 18.47 38.96 -10.83
C VAL B 267 19.70 38.30 -10.22
N ASN B 268 20.31 37.38 -10.95
CA ASN B 268 21.55 36.75 -10.53
C ASN B 268 22.77 37.30 -11.26
N ASP B 269 22.60 38.26 -12.17
CA ASP B 269 23.73 38.94 -12.80
C ASP B 269 23.27 40.23 -13.49
N PHE B 270 23.83 41.36 -13.07
CA PHE B 270 23.43 42.65 -13.61
C PHE B 270 24.66 43.38 -14.15
N ILE B 271 24.43 44.59 -14.67
CA ILE B 271 25.49 45.44 -15.19
C ILE B 271 25.08 46.89 -14.97
N VAL B 272 26.09 47.75 -14.82
CA VAL B 272 25.89 49.17 -14.59
C VAL B 272 26.66 49.95 -15.64
N ASP B 273 26.04 51.01 -16.16
CA ASP B 273 26.68 51.87 -17.14
C ASP B 273 27.61 52.89 -16.53
N GLY B 274 27.70 52.95 -15.20
CA GLY B 274 28.36 54.01 -14.50
C GLY B 274 27.45 55.19 -14.19
N ASN B 275 26.40 55.37 -15.00
CA ASN B 275 25.36 56.36 -14.76
C ASN B 275 24.00 55.73 -14.53
N ARG B 276 23.63 54.74 -15.34
CA ARG B 276 22.38 54.01 -15.20
C ARG B 276 22.67 52.51 -15.08
N ILE B 277 21.66 51.76 -14.69
CA ILE B 277 21.79 50.33 -14.44
C ILE B 277 20.79 49.57 -15.29
N TYR B 278 21.26 48.54 -15.99
CA TYR B 278 20.40 47.67 -16.78
C TYR B 278 20.47 46.26 -16.20
N LEU B 279 19.30 45.67 -15.96
CA LEU B 279 19.25 44.36 -15.33
C LEU B 279 18.17 43.51 -15.98
N VAL B 280 18.26 42.19 -15.78
CA VAL B 280 17.38 41.22 -16.44
C VAL B 280 16.78 40.34 -15.35
N ASP B 281 15.50 40.57 -15.03
CA ASP B 281 14.80 39.72 -14.09
C ASP B 281 14.69 38.30 -14.63
N GLN B 282 14.43 37.35 -13.73
CA GLN B 282 14.25 35.96 -14.15
C GLN B 282 13.09 35.80 -15.11
N ASN B 283 12.11 36.72 -15.08
CA ASN B 283 11.04 36.76 -16.06
C ASN B 283 11.45 37.50 -17.33
N ASP B 284 12.75 37.66 -17.56
CA ASP B 284 13.33 38.33 -18.72
C ASP B 284 12.97 39.81 -18.77
N ARG B 285 12.39 40.36 -17.71
CA ARG B 285 12.01 41.76 -17.69
C ARG B 285 13.27 42.61 -17.57
N VAL B 286 13.75 43.11 -18.70
CA VAL B 286 14.90 44.02 -18.68
C VAL B 286 14.46 45.37 -18.13
N MET B 287 15.02 45.75 -16.98
CA MET B 287 14.70 46.99 -16.31
C MET B 287 15.88 47.95 -16.37
N ALA B 288 15.55 49.23 -16.57
CA ALA B 288 16.51 50.32 -16.58
C ALA B 288 16.28 51.18 -15.34
N LEU B 289 17.36 51.62 -14.71
CA LEU B 289 17.27 52.25 -13.40
C LEU B 289 18.27 53.39 -13.29
N THR B 290 17.89 54.40 -12.52
CA THR B 290 18.79 55.48 -12.13
C THR B 290 19.40 55.18 -10.76
N ILE B 291 20.62 55.69 -10.55
CA ILE B 291 21.34 55.40 -9.31
C ILE B 291 20.64 56.02 -8.11
N ASP B 292 20.17 57.26 -8.23
CA ASP B 292 19.67 57.99 -7.08
C ASP B 292 18.16 57.84 -6.92
N GLY B 293 17.40 58.25 -7.94
CA GLY B 293 15.95 58.24 -7.83
C GLY B 293 15.35 56.86 -7.76
N GLY B 294 16.04 55.85 -8.28
CA GLY B 294 15.50 54.50 -8.28
C GLY B 294 14.22 54.37 -9.08
N VAL B 295 14.17 54.98 -10.24
CA VAL B 295 12.99 54.95 -11.10
C VAL B 295 13.19 53.94 -12.22
N THR B 296 12.16 53.14 -12.48
CA THR B 296 12.18 52.18 -13.58
C THR B 296 12.07 52.96 -14.89
N LEU B 297 13.21 53.14 -15.56
CA LEU B 297 13.23 53.98 -16.76
C LEU B 297 12.35 53.41 -17.86
N TRP B 298 12.43 52.11 -18.10
CA TRP B 298 11.61 51.44 -19.10
C TRP B 298 11.74 49.93 -18.88
N THR B 299 11.01 49.17 -19.71
CA THR B 299 11.03 47.72 -19.61
C THR B 299 10.73 47.13 -20.98
N GLN B 300 11.09 45.85 -21.14
CA GLN B 300 10.74 45.09 -22.33
C GLN B 300 10.59 43.64 -21.88
N SER B 301 9.36 43.22 -21.61
CA SER B 301 9.06 41.90 -21.09
C SER B 301 8.45 40.98 -22.16
N ASP B 302 8.89 41.10 -23.40
CA ASP B 302 8.37 40.24 -24.46
C ASP B 302 8.69 38.77 -24.18
N LEU B 303 9.79 38.50 -23.50
CA LEU B 303 10.20 37.15 -23.18
C LEU B 303 9.74 36.80 -21.77
N LEU B 304 9.30 35.56 -21.59
CA LEU B 304 8.68 35.08 -20.35
C LEU B 304 9.54 33.96 -19.77
N HIS B 305 10.49 34.32 -18.92
CA HIS B 305 11.39 33.36 -18.27
C HIS B 305 12.11 32.49 -19.31
N ARG B 306 12.64 33.14 -20.34
CA ARG B 306 13.28 32.44 -21.45
C ARG B 306 14.75 32.15 -21.21
N LEU B 307 15.22 32.23 -19.96
CA LEU B 307 16.58 31.86 -19.59
C LEU B 307 17.61 32.65 -20.39
N LEU B 308 17.59 33.97 -20.19
CA LEU B 308 18.49 34.85 -20.91
C LEU B 308 19.86 34.83 -20.26
N THR B 309 20.75 35.73 -20.67
CA THR B 309 22.09 35.83 -20.13
C THR B 309 22.35 37.24 -19.63
N SER B 310 23.57 37.48 -19.18
CA SER B 310 23.95 38.80 -18.70
C SER B 310 23.98 39.79 -19.86
N PRO B 311 23.60 41.05 -19.62
CA PRO B 311 23.62 42.05 -20.69
C PRO B 311 24.93 42.81 -20.75
N VAL B 312 25.31 43.19 -21.97
CA VAL B 312 26.54 43.94 -22.21
C VAL B 312 26.24 45.06 -23.21
N LEU B 313 26.86 46.22 -22.98
CA LEU B 313 26.69 47.36 -23.86
C LEU B 313 27.60 47.24 -25.07
N TYR B 314 27.09 47.62 -26.24
CA TYR B 314 27.85 47.54 -27.48
C TYR B 314 27.18 48.45 -28.50
N ASN B 315 27.95 49.41 -29.03
CA ASN B 315 27.48 50.36 -30.04
C ASN B 315 26.24 51.14 -29.59
N GLY B 316 26.02 51.23 -28.28
CA GLY B 316 24.86 51.91 -27.75
C GLY B 316 23.67 51.03 -27.45
N ASN B 317 23.66 49.80 -27.96
CA ASN B 317 22.58 48.86 -27.75
C ASN B 317 23.04 47.74 -26.82
N LEU B 318 22.09 47.08 -26.17
CA LEU B 318 22.41 46.05 -25.20
C LEU B 318 22.22 44.67 -25.82
N VAL B 319 23.16 43.76 -25.52
CA VAL B 319 23.25 42.48 -26.20
C VAL B 319 22.72 41.39 -25.30
N VAL B 320 21.89 40.50 -25.85
CA VAL B 320 21.24 39.44 -25.08
C VAL B 320 21.30 38.14 -25.89
N GLY B 321 21.68 37.05 -25.22
CA GLY B 321 21.66 35.73 -25.80
C GLY B 321 20.42 34.95 -25.40
N ASP B 322 20.47 33.65 -25.62
CA ASP B 322 19.35 32.78 -25.26
C ASP B 322 19.78 31.34 -25.38
N SER B 323 19.04 30.46 -24.68
CA SER B 323 19.23 29.03 -24.85
C SER B 323 18.79 28.55 -26.24
N GLU B 324 18.04 29.38 -26.96
CA GLU B 324 17.76 29.13 -28.37
C GLU B 324 18.95 29.44 -29.27
N GLY B 325 20.00 30.05 -28.72
CA GLY B 325 21.19 30.37 -29.48
C GLY B 325 21.00 31.42 -30.56
N TYR B 326 20.26 32.48 -30.27
CA TYR B 326 20.01 33.55 -31.23
C TYR B 326 20.44 34.88 -30.61
N LEU B 327 21.24 35.64 -31.35
CA LEU B 327 21.71 36.93 -30.85
C LEU B 327 20.60 37.98 -30.92
N HIS B 328 20.51 38.81 -29.89
CA HIS B 328 19.46 39.82 -29.82
C HIS B 328 20.05 41.14 -29.35
N TRP B 329 19.52 42.23 -29.90
CA TRP B 329 19.82 43.58 -29.42
C TRP B 329 18.56 44.21 -28.85
N ILE B 330 18.76 45.06 -27.86
CA ILE B 330 17.69 45.92 -27.36
C ILE B 330 18.18 47.36 -27.39
N ASN B 331 17.27 48.26 -27.80
CA ASN B 331 17.60 49.67 -27.94
C ASN B 331 17.68 50.34 -26.57
N VAL B 332 18.63 51.26 -26.44
CA VAL B 332 18.72 52.09 -25.24
C VAL B 332 17.50 53.00 -25.11
N GLU B 333 16.77 53.22 -26.20
CA GLU B 333 15.60 54.10 -26.20
C GLU B 333 14.37 53.29 -25.83
N ASP B 334 14.07 53.24 -24.53
CA ASP B 334 12.83 52.70 -23.97
C ASP B 334 12.72 51.19 -24.14
N GLY B 335 13.65 50.57 -24.86
CA GLY B 335 13.64 49.13 -25.03
C GLY B 335 12.87 48.69 -26.25
N ARG B 336 13.58 48.24 -27.28
CA ARG B 336 12.96 47.81 -28.53
C ARG B 336 13.76 46.64 -29.10
N PHE B 337 13.32 46.14 -30.25
CA PHE B 337 14.01 45.05 -30.95
C PHE B 337 14.74 45.67 -32.13
N VAL B 338 16.00 46.05 -31.92
CA VAL B 338 16.78 46.65 -32.98
C VAL B 338 17.04 45.63 -34.09
N ALA B 339 17.51 44.44 -33.73
CA ALA B 339 17.83 43.41 -34.71
C ALA B 339 17.93 42.06 -34.02
N GLN B 340 17.75 41.00 -34.81
CA GLN B 340 17.90 39.62 -34.36
C GLN B 340 18.80 38.88 -35.34
N GLN B 341 19.76 38.11 -34.82
CA GLN B 341 20.69 37.37 -35.66
C GLN B 341 20.59 35.89 -35.36
N LYS B 342 20.42 35.09 -36.41
CA LYS B 342 20.31 33.64 -36.29
C LYS B 342 21.72 33.04 -36.34
N VAL B 343 22.49 33.32 -35.28
CA VAL B 343 23.91 32.99 -35.29
C VAL B 343 24.13 31.48 -35.36
N ASP B 344 23.36 30.72 -34.58
CA ASP B 344 23.49 29.27 -34.57
C ASP B 344 22.24 28.68 -33.93
N SER B 345 22.28 27.37 -33.66
CA SER B 345 21.16 26.70 -33.02
C SER B 345 21.56 25.91 -31.78
N SER B 346 22.79 26.09 -31.27
CA SER B 346 23.24 25.30 -30.14
C SER B 346 22.54 25.71 -28.85
N GLY B 347 22.68 26.97 -28.48
CA GLY B 347 22.15 27.47 -27.22
C GLY B 347 23.27 28.20 -26.51
N PHE B 348 22.90 29.19 -25.70
CA PHE B 348 23.88 30.04 -25.05
C PHE B 348 23.57 30.19 -23.58
N GLN B 349 24.61 30.16 -22.74
CA GLN B 349 24.45 30.32 -21.30
C GLN B 349 25.46 31.28 -20.68
N THR B 350 26.59 31.56 -21.33
CA THR B 350 27.70 32.26 -20.73
C THR B 350 27.42 33.75 -20.61
N GLU B 351 28.40 34.47 -20.07
CA GLU B 351 28.35 35.93 -19.97
C GLU B 351 29.13 36.52 -21.13
N PRO B 352 28.51 37.30 -22.01
CA PRO B 352 29.24 37.91 -23.12
C PRO B 352 30.27 38.91 -22.63
N VAL B 353 31.35 39.07 -23.41
CA VAL B 353 32.40 40.03 -23.09
C VAL B 353 32.53 40.99 -24.27
N ALA B 354 32.75 42.27 -23.97
CA ALA B 354 32.82 43.31 -24.99
C ALA B 354 33.99 44.23 -24.64
N ALA B 355 35.03 44.21 -25.48
CA ALA B 355 36.17 45.10 -25.29
C ALA B 355 36.96 45.18 -26.58
N ASP B 356 37.72 46.29 -26.71
CA ASP B 356 38.57 46.53 -27.87
C ASP B 356 37.77 46.48 -29.17
N GLY B 357 36.54 46.99 -29.12
CA GLY B 357 35.66 46.92 -30.28
C GLY B 357 35.38 45.51 -30.74
N LYS B 358 35.23 44.59 -29.79
CA LYS B 358 35.02 43.19 -30.12
C LYS B 358 34.07 42.57 -29.09
N LEU B 359 33.06 41.87 -29.58
CA LEU B 359 32.10 41.17 -28.72
C LEU B 359 32.27 39.66 -28.93
N LEU B 360 32.54 38.97 -27.83
CA LEU B 360 32.77 37.53 -27.79
C LEU B 360 31.75 36.87 -26.88
N ILE B 361 31.23 35.74 -27.33
CA ILE B 361 30.30 34.95 -26.54
C ILE B 361 30.50 33.50 -26.93
N GLN B 362 30.21 32.59 -25.99
CA GLN B 362 30.54 31.18 -26.14
C GLN B 362 29.27 30.36 -26.02
N ALA B 363 29.27 29.20 -26.70
CA ALA B 363 28.10 28.34 -26.76
C ALA B 363 28.44 26.94 -26.32
N LYS B 364 27.40 26.17 -25.97
CA LYS B 364 27.60 24.81 -25.49
C LYS B 364 28.38 23.97 -26.50
N ASP B 365 28.08 24.14 -27.78
CA ASP B 365 28.78 23.40 -28.83
C ASP B 365 29.39 24.34 -29.85
N GLY B 366 28.76 25.50 -30.05
CA GLY B 366 29.31 26.49 -30.95
C GLY B 366 30.63 27.06 -30.44
N THR B 367 30.75 27.21 -29.13
CA THR B 367 31.97 27.65 -28.44
C THR B 367 32.31 29.07 -28.95
N VAL B 368 33.53 29.32 -29.42
CA VAL B 368 34.00 30.69 -29.62
C VAL B 368 33.22 31.34 -30.76
N TYR B 369 32.34 32.28 -30.42
CA TYR B 369 31.64 33.10 -31.39
C TYR B 369 31.98 34.56 -31.16
N SER B 370 32.20 35.29 -32.25
CA SER B 370 32.50 36.71 -32.22
C SER B 370 31.60 37.44 -33.19
N ILE B 371 31.32 38.72 -32.91
CA ILE B 371 30.40 39.47 -33.75
C ILE B 371 31.19 40.38 -34.70
N THR B 372 30.59 40.68 -35.84
CA THR B 372 31.03 41.72 -36.76
C THR B 372 29.83 42.57 -37.14
N ARG B 373 30.02 43.89 -37.16
CA ARG B 373 28.96 44.83 -37.49
C ARG B 373 28.30 44.53 -38.83
N GLU C 7 -28.07 10.34 -9.33
CA GLU C 7 -28.18 9.07 -8.60
C GLU C 7 -28.95 9.26 -7.29
N VAL C 8 -28.94 10.49 -6.78
CA VAL C 8 -29.70 10.84 -5.59
C VAL C 8 -30.43 12.16 -5.85
N PRO C 9 -31.64 12.34 -5.32
CA PRO C 9 -32.36 13.61 -5.52
C PRO C 9 -31.99 14.65 -4.48
N ASP C 10 -31.44 15.76 -4.93
CA ASP C 10 -31.14 16.87 -4.04
C ASP C 10 -32.40 17.70 -3.82
N ASN C 11 -33.27 17.24 -2.93
CA ASN C 11 -34.56 17.85 -2.63
C ASN C 11 -34.71 18.03 -1.14
N PRO C 12 -35.68 18.82 -0.70
CA PRO C 12 -35.87 19.09 0.75
C PRO C 12 -35.85 17.83 1.60
N PRO C 13 -35.48 17.95 2.88
CA PRO C 13 -35.12 16.75 3.65
C PRO C 13 -36.30 15.88 4.09
N ASN C 14 -37.48 16.48 4.28
CA ASN C 14 -38.60 15.74 4.87
C ASN C 14 -38.89 14.48 4.08
N GLU C 15 -38.96 14.60 2.75
CA GLU C 15 -39.29 13.46 1.91
C GLU C 15 -38.18 12.41 1.92
N ILE C 16 -36.90 12.81 1.95
CA ILE C 16 -35.84 11.81 1.93
C ILE C 16 -35.81 11.03 3.24
N TYR C 17 -35.99 11.70 4.38
CA TYR C 17 -36.17 10.95 5.63
C TYR C 17 -37.36 10.00 5.55
N ALA C 18 -38.50 10.51 5.08
CA ALA C 18 -39.71 9.68 5.06
C ALA C 18 -39.50 8.44 4.20
N THR C 19 -38.93 8.61 3.00
CA THR C 19 -38.66 7.49 2.12
C THR C 19 -37.63 6.55 2.74
N ALA C 20 -36.64 7.10 3.44
CA ALA C 20 -35.61 6.27 4.06
C ALA C 20 -36.22 5.34 5.09
N GLN C 21 -37.02 5.89 6.01
CA GLN C 21 -37.65 5.02 7.01
C GLN C 21 -38.64 4.07 6.35
N GLN C 22 -39.33 4.51 5.30
CA GLN C 22 -40.32 3.65 4.65
C GLN C 22 -39.65 2.44 4.00
N LYS C 23 -38.53 2.64 3.33
CA LYS C 23 -37.90 1.55 2.60
C LYS C 23 -36.97 0.72 3.47
N LEU C 24 -36.44 1.29 4.56
CA LEU C 24 -35.87 0.44 5.60
C LEU C 24 -36.95 -0.42 6.22
N GLN C 25 -38.15 0.15 6.40
CA GLN C 25 -39.31 -0.63 6.84
C GLN C 25 -39.61 -1.78 5.88
N ASP C 26 -39.27 -1.62 4.60
CA ASP C 26 -39.42 -2.71 3.66
C ASP C 26 -38.35 -3.78 3.88
N GLY C 27 -37.11 -3.35 4.12
CA GLY C 27 -36.01 -4.28 4.28
C GLY C 27 -35.08 -4.27 3.08
N ASN C 28 -35.02 -3.13 2.39
CA ASN C 28 -34.19 -2.97 1.19
C ASN C 28 -32.85 -2.37 1.59
N TRP C 29 -32.07 -3.18 2.33
CA TRP C 29 -30.85 -2.68 2.94
C TRP C 29 -29.82 -2.25 1.89
N ARG C 30 -29.68 -3.02 0.82
CA ARG C 30 -28.68 -2.71 -0.20
C ARG C 30 -28.87 -1.30 -0.77
N GLN C 31 -30.12 -0.86 -0.90
CA GLN C 31 -30.39 0.51 -1.33
C GLN C 31 -30.59 1.47 -0.17
N ALA C 32 -30.87 0.96 1.03
CA ALA C 32 -31.09 1.83 2.18
C ALA C 32 -29.78 2.39 2.74
N ILE C 33 -28.71 1.59 2.72
CA ILE C 33 -27.45 2.03 3.30
C ILE C 33 -26.91 3.24 2.55
N THR C 34 -26.96 3.22 1.21
CA THR C 34 -26.46 4.34 0.42
C THR C 34 -27.28 5.60 0.70
N GLN C 35 -28.61 5.47 0.70
CA GLN C 35 -29.45 6.63 0.95
C GLN C 35 -29.19 7.21 2.33
N LEU C 36 -29.09 6.35 3.34
CA LEU C 36 -28.86 6.83 4.70
C LEU C 36 -27.50 7.49 4.84
N GLU C 37 -26.45 6.90 4.25
CA GLU C 37 -25.13 7.50 4.39
C GLU C 37 -25.04 8.82 3.65
N ALA C 38 -25.65 8.92 2.46
CA ALA C 38 -25.68 10.19 1.75
C ALA C 38 -26.47 11.24 2.54
N LEU C 39 -27.60 10.83 3.11
CA LEU C 39 -28.41 11.76 3.91
C LEU C 39 -27.62 12.28 5.10
N ASP C 40 -26.92 11.38 5.80
CA ASP C 40 -26.13 11.79 6.96
C ASP C 40 -25.00 12.72 6.55
N ASN C 41 -24.28 12.37 5.47
CA ASN C 41 -23.17 13.19 5.02
C ASN C 41 -23.60 14.54 4.46
N ARG C 42 -24.87 14.67 4.04
CA ARG C 42 -25.37 15.94 3.56
C ARG C 42 -26.25 16.66 4.57
N TYR C 43 -26.61 16.00 5.68
CA TYR C 43 -27.35 16.62 6.77
C TYR C 43 -26.64 16.28 8.08
N PRO C 44 -25.44 16.82 8.29
CA PRO C 44 -24.62 16.38 9.43
C PRO C 44 -25.25 16.64 10.79
N PHE C 45 -26.03 17.73 10.94
CA PHE C 45 -26.59 18.12 12.23
C PHE C 45 -28.06 18.44 12.09
N GLY C 46 -28.80 17.53 11.46
CA GLY C 46 -30.23 17.63 11.38
C GLY C 46 -30.87 17.59 12.75
N PRO C 47 -32.17 17.87 12.82
CA PRO C 47 -32.85 17.91 14.13
C PRO C 47 -32.77 16.59 14.89
N TYR C 48 -32.78 15.46 14.19
CA TYR C 48 -32.75 14.16 14.84
C TYR C 48 -31.75 13.24 14.14
N SER C 49 -30.54 13.75 13.91
CA SER C 49 -29.49 12.94 13.28
C SER C 49 -29.12 11.73 14.12
N GLN C 50 -29.41 11.74 15.42
CA GLN C 50 -29.16 10.57 16.26
C GLN C 50 -29.95 9.38 15.74
N GLN C 51 -31.23 9.60 15.42
CA GLN C 51 -32.06 8.55 14.86
C GLN C 51 -31.50 8.05 13.54
N VAL C 52 -30.92 8.95 12.74
CA VAL C 52 -30.25 8.56 11.51
C VAL C 52 -29.10 7.60 11.82
N GLN C 53 -28.28 7.96 12.80
CA GLN C 53 -27.13 7.12 13.13
C GLN C 53 -27.57 5.75 13.62
N LEU C 54 -28.61 5.71 14.46
CA LEU C 54 -29.13 4.41 14.92
C LEU C 54 -29.65 3.57 13.76
N ASP C 55 -30.36 4.18 12.82
CA ASP C 55 -30.78 3.40 11.65
C ASP C 55 -29.58 2.93 10.85
N LEU C 56 -28.52 3.73 10.78
CA LEU C 56 -27.32 3.29 10.10
C LEU C 56 -26.72 2.06 10.79
N ILE C 57 -26.72 2.07 12.12
CA ILE C 57 -26.26 0.91 12.89
C ILE C 57 -27.09 -0.32 12.53
N TYR C 58 -28.41 -0.15 12.58
CA TYR C 58 -29.31 -1.26 12.26
C TYR C 58 -29.04 -1.81 10.88
N ALA C 59 -28.95 -0.94 9.88
CA ALA C 59 -28.71 -1.35 8.51
C ALA C 59 -27.38 -2.08 8.38
N TYR C 60 -26.32 -1.50 8.95
CA TYR C 60 -24.99 -2.11 8.83
C TYR C 60 -24.97 -3.50 9.46
N TYR C 61 -25.57 -3.65 10.64
CA TYR C 61 -25.61 -4.96 11.26
C TYR C 61 -26.40 -5.94 10.41
N LYS C 62 -27.59 -5.54 9.96
CA LYS C 62 -28.44 -6.46 9.20
C LYS C 62 -27.88 -6.73 7.82
N ASN C 63 -27.12 -5.78 7.27
CA ASN C 63 -26.46 -5.98 5.99
C ASN C 63 -25.13 -6.72 6.12
N ALA C 64 -24.78 -7.17 7.32
CA ALA C 64 -23.59 -7.94 7.61
C ALA C 64 -22.29 -7.21 7.29
N ASP C 65 -22.29 -5.88 7.33
CA ASP C 65 -21.05 -5.11 7.23
C ASP C 65 -20.55 -4.71 8.61
N LEU C 66 -20.13 -5.72 9.38
CA LEU C 66 -19.87 -5.53 10.81
C LEU C 66 -18.75 -4.53 11.10
N PRO C 67 -17.59 -4.55 10.44
CA PRO C 67 -16.51 -3.61 10.84
C PRO C 67 -16.90 -2.15 10.73
N LEU C 68 -17.56 -1.77 9.63
CA LEU C 68 -18.01 -0.38 9.52
C LEU C 68 -19.05 -0.06 10.59
N ALA C 69 -19.86 -1.05 10.96
CA ALA C 69 -20.78 -0.86 12.08
C ALA C 69 -20.03 -0.60 13.37
N GLN C 70 -18.92 -1.32 13.60
CA GLN C 70 -18.11 -1.09 14.78
C GLN C 70 -17.54 0.33 14.78
N ALA C 71 -17.08 0.78 13.63
CA ALA C 71 -16.59 2.15 13.50
C ALA C 71 -17.70 3.16 13.81
N ALA C 72 -18.91 2.88 13.34
CA ALA C 72 -20.02 3.77 13.65
C ALA C 72 -20.33 3.76 15.14
N ILE C 73 -20.21 2.60 15.79
CA ILE C 73 -20.43 2.51 17.23
C ILE C 73 -19.43 3.37 17.98
N ASP C 74 -18.15 3.23 17.67
CA ASP C 74 -17.16 3.97 18.45
C ASP C 74 -17.12 5.44 18.06
N ARG C 75 -17.72 5.79 16.90
CA ARG C 75 -17.97 7.19 16.61
C ARG C 75 -19.10 7.74 17.47
N PHE C 76 -20.20 6.99 17.58
CA PHE C 76 -21.36 7.48 18.32
C PHE C 76 -21.07 7.61 19.80
N ILE C 77 -20.30 6.67 20.36
CA ILE C 77 -20.05 6.70 21.80
C ILE C 77 -19.30 7.98 22.18
N ARG C 78 -18.30 8.38 21.39
CA ARG C 78 -17.60 9.62 21.66
C ARG C 78 -18.39 10.84 21.23
N LEU C 79 -19.30 10.69 20.25
CA LEU C 79 -20.10 11.82 19.82
C LEU C 79 -20.98 12.35 20.95
N ASN C 80 -21.59 11.45 21.71
CA ASN C 80 -22.41 11.84 22.86
C ASN C 80 -22.39 10.71 23.87
N PRO C 81 -21.44 10.71 24.79
CA PRO C 81 -21.34 9.61 25.77
C PRO C 81 -22.53 9.54 26.73
N THR C 82 -23.45 10.50 26.63
CA THR C 82 -24.64 10.55 27.48
C THR C 82 -25.86 10.70 26.59
N HIS C 83 -26.49 9.57 26.25
CA HIS C 83 -27.70 9.53 25.46
C HIS C 83 -28.69 8.59 26.15
N PRO C 84 -29.99 8.88 26.11
CA PRO C 84 -30.96 8.06 26.84
C PRO C 84 -31.24 6.71 26.18
N ASN C 85 -30.45 6.35 25.17
CA ASN C 85 -30.62 5.08 24.47
C ASN C 85 -29.31 4.33 24.27
N ILE C 86 -28.24 4.70 24.98
CA ILE C 86 -26.93 4.08 24.78
C ILE C 86 -26.94 2.59 25.10
N ASP C 87 -27.92 2.11 25.85
CA ASP C 87 -28.01 0.68 26.12
C ASP C 87 -28.18 -0.11 24.82
N TYR C 88 -29.03 0.39 23.92
CA TYR C 88 -29.21 -0.26 22.63
C TYR C 88 -27.90 -0.27 21.84
N VAL C 89 -27.17 0.84 21.85
CA VAL C 89 -25.92 0.91 21.09
C VAL C 89 -24.90 -0.07 21.65
N MET C 90 -24.77 -0.12 22.98
CA MET C 90 -23.83 -1.05 23.60
C MET C 90 -24.20 -2.49 23.32
N TYR C 91 -25.49 -2.81 23.39
CA TYR C 91 -25.92 -4.17 23.09
C TYR C 91 -25.67 -4.52 21.63
N MET C 92 -25.88 -3.57 20.73
CA MET C 92 -25.61 -3.81 19.32
C MET C 92 -24.12 -4.04 19.09
N ARG C 93 -23.27 -3.30 19.81
CA ARG C 93 -21.83 -3.50 19.68
C ARG C 93 -21.44 -4.90 20.14
N GLY C 94 -21.94 -5.33 21.31
CA GLY C 94 -21.65 -6.67 21.79
C GLY C 94 -22.17 -7.74 20.84
N LEU C 95 -23.37 -7.54 20.31
CA LEU C 95 -23.93 -8.48 19.34
C LEU C 95 -23.07 -8.54 18.09
N THR C 96 -22.57 -7.39 17.64
CA THR C 96 -21.69 -7.37 16.48
C THR C 96 -20.43 -8.17 16.74
N ASN C 97 -19.81 -7.98 17.91
CA ASN C 97 -18.63 -8.77 18.26
C ASN C 97 -18.95 -10.26 18.21
N MET C 98 -20.01 -10.68 18.90
CA MET C 98 -20.31 -12.10 18.98
C MET C 98 -20.62 -12.68 17.60
N ALA C 99 -21.38 -11.95 16.78
CA ALA C 99 -21.71 -12.44 15.45
C ALA C 99 -20.45 -12.55 14.59
N LEU C 100 -19.55 -11.57 14.68
CA LEU C 100 -18.29 -11.65 13.98
C LEU C 100 -17.44 -12.83 14.46
N ASP C 101 -17.62 -13.26 15.71
CA ASP C 101 -16.72 -14.25 16.27
C ASP C 101 -16.93 -15.62 15.64
N ASP C 102 -18.11 -16.21 15.82
CA ASP C 102 -18.32 -17.64 15.57
C ASP C 102 -19.54 -17.89 14.69
N SER C 103 -19.30 -18.07 13.39
CA SER C 103 -20.30 -18.58 12.46
C SER C 103 -19.59 -18.99 11.19
N ALA C 104 -19.73 -20.27 10.81
CA ALA C 104 -19.04 -20.79 9.64
C ALA C 104 -19.70 -22.10 9.24
N LEU C 105 -19.03 -22.85 8.35
CA LEU C 105 -19.51 -24.17 7.96
C LEU C 105 -19.63 -25.09 9.17
N GLN C 106 -18.82 -24.87 10.20
CA GLN C 106 -18.96 -25.64 11.43
C GLN C 106 -20.35 -25.49 12.03
N GLY C 107 -20.99 -24.34 11.83
CA GLY C 107 -22.35 -24.16 12.30
C GLY C 107 -23.31 -25.15 11.66
N PHE C 108 -23.17 -25.38 10.35
CA PHE C 108 -23.93 -26.44 9.70
C PHE C 108 -23.51 -27.81 10.19
N PHE C 109 -22.20 -28.01 10.39
CA PHE C 109 -21.70 -29.30 10.84
C PHE C 109 -21.80 -29.47 12.35
N GLY C 110 -22.19 -28.44 13.10
CA GLY C 110 -22.27 -28.56 14.54
C GLY C 110 -20.94 -28.77 15.22
N VAL C 111 -19.83 -28.43 14.56
CA VAL C 111 -18.52 -28.63 15.16
C VAL C 111 -18.34 -27.69 16.34
N ASP C 112 -17.89 -28.24 17.46
CA ASP C 112 -17.70 -27.46 18.67
C ASP C 112 -16.66 -26.38 18.44
N ARG C 113 -17.08 -25.12 18.46
CA ARG C 113 -16.22 -23.98 18.19
C ARG C 113 -15.41 -23.55 19.40
N SER C 114 -15.30 -24.42 20.41
CA SER C 114 -14.61 -24.04 21.65
C SER C 114 -13.15 -23.69 21.41
N ASP C 115 -12.36 -24.65 20.96
CA ASP C 115 -10.91 -24.48 20.86
C ASP C 115 -10.53 -23.71 19.59
N ARG C 116 -11.13 -22.53 19.44
CA ARG C 116 -10.83 -21.63 18.34
C ARG C 116 -10.25 -20.35 18.93
N ASP C 117 -9.88 -19.42 18.05
CA ASP C 117 -9.27 -18.17 18.49
C ASP C 117 -10.29 -17.36 19.28
N PRO C 118 -10.04 -17.10 20.57
CA PRO C 118 -11.03 -16.37 21.38
C PRO C 118 -11.25 -14.92 20.96
N GLN C 119 -10.18 -14.13 20.98
CA GLN C 119 -10.19 -12.68 20.77
C GLN C 119 -11.56 -12.03 20.86
N HIS C 120 -12.34 -12.20 19.80
CA HIS C 120 -13.67 -11.60 19.72
C HIS C 120 -14.56 -12.06 20.85
N ALA C 121 -14.39 -13.30 21.30
CA ALA C 121 -15.17 -13.78 22.44
C ALA C 121 -14.86 -12.97 23.70
N ARG C 122 -13.58 -12.74 23.97
CA ARG C 122 -13.19 -11.93 25.12
C ARG C 122 -13.72 -10.51 24.99
N ALA C 123 -13.61 -9.93 23.78
CA ALA C 123 -14.09 -8.58 23.56
C ALA C 123 -15.59 -8.48 23.79
N ALA C 124 -16.34 -9.45 23.28
CA ALA C 124 -17.79 -9.49 23.43
C ALA C 124 -18.16 -9.63 24.90
N PHE C 125 -17.44 -10.48 25.62
CA PHE C 125 -17.72 -10.63 27.05
C PHE C 125 -17.49 -9.31 27.77
N SER C 126 -16.38 -8.64 27.46
CA SER C 126 -16.10 -7.36 28.11
C SER C 126 -17.19 -6.34 27.82
N ASP C 127 -17.61 -6.26 26.56
CA ASP C 127 -18.64 -5.30 26.19
C ASP C 127 -19.94 -5.58 26.91
N PHE C 128 -20.38 -6.84 26.89
CA PHE C 128 -21.64 -7.20 27.53
C PHE C 128 -21.57 -6.99 29.03
N SER C 129 -20.43 -7.30 29.65
CA SER C 129 -20.27 -7.07 31.09
C SER C 129 -20.33 -5.59 31.42
N LYS C 130 -19.69 -4.76 30.60
CA LYS C 130 -19.77 -3.32 30.82
C LYS C 130 -21.21 -2.83 30.71
N LEU C 131 -21.95 -3.34 29.72
CA LEU C 131 -23.36 -2.97 29.59
C LEU C 131 -24.14 -3.36 30.84
N VAL C 132 -24.03 -4.62 31.26
CA VAL C 132 -24.90 -5.10 32.33
C VAL C 132 -24.55 -4.42 33.65
N ARG C 133 -23.26 -4.23 33.93
CA ARG C 133 -22.88 -3.51 35.13
C ARG C 133 -23.15 -2.02 35.03
N GLY C 134 -23.40 -1.50 33.84
CA GLY C 134 -23.72 -0.09 33.72
C GLY C 134 -25.16 0.24 34.05
N TYR C 135 -26.10 -0.41 33.37
CA TYR C 135 -27.52 -0.05 33.44
C TYR C 135 -28.37 -1.30 33.62
N PRO C 136 -28.44 -1.82 34.85
CA PRO C 136 -29.25 -3.03 35.10
C PRO C 136 -30.74 -2.80 34.90
N ASN C 137 -31.21 -1.56 34.91
CA ASN C 137 -32.63 -1.27 34.75
C ASN C 137 -33.07 -1.20 33.29
N SER C 138 -32.17 -1.48 32.35
CA SER C 138 -32.48 -1.40 30.94
C SER C 138 -33.29 -2.61 30.49
N GLN C 139 -33.66 -2.62 29.21
CA GLN C 139 -34.44 -3.70 28.62
C GLN C 139 -33.56 -4.80 28.01
N TYR C 140 -32.24 -4.66 28.06
CA TYR C 140 -31.35 -5.61 27.41
C TYR C 140 -30.42 -6.25 28.43
N THR C 141 -30.95 -6.71 29.55
CA THR C 141 -30.16 -7.31 30.61
C THR C 141 -30.26 -8.83 30.67
N THR C 142 -31.48 -9.37 30.53
CA THR C 142 -31.68 -10.81 30.66
C THR C 142 -30.89 -11.58 29.61
N ASP C 143 -31.21 -11.36 28.34
CA ASP C 143 -30.46 -12.00 27.27
C ASP C 143 -28.99 -11.67 27.35
N ALA C 144 -28.66 -10.46 27.79
CA ALA C 144 -27.26 -10.11 28.01
C ALA C 144 -26.62 -11.03 29.04
N THR C 145 -27.29 -11.24 30.16
CA THR C 145 -26.75 -12.12 31.20
C THR C 145 -26.56 -13.54 30.68
N LYS C 146 -27.53 -14.03 29.91
CA LYS C 146 -27.39 -15.35 29.31
C LYS C 146 -26.17 -15.40 28.40
N ARG C 147 -25.95 -14.34 27.61
CA ARG C 147 -24.77 -14.28 26.76
C ARG C 147 -23.49 -14.26 27.59
N LEU C 148 -23.48 -13.54 28.71
CA LEU C 148 -22.33 -13.57 29.60
C LEU C 148 -22.02 -14.99 30.04
N VAL C 149 -23.05 -15.72 30.46
CA VAL C 149 -22.85 -17.09 30.92
C VAL C 149 -22.26 -17.94 29.79
N PHE C 150 -22.83 -17.82 28.59
CA PHE C 150 -22.36 -18.62 27.46
C PHE C 150 -20.91 -18.30 27.12
N LEU C 151 -20.54 -17.02 27.11
CA LEU C 151 -19.18 -16.64 26.77
C LEU C 151 -18.19 -17.11 27.83
N LYS C 152 -18.58 -17.02 29.11
CA LYS C 152 -17.72 -17.55 30.16
C LYS C 152 -17.46 -19.04 29.96
N ASP C 153 -18.52 -19.79 29.65
CA ASP C 153 -18.36 -21.22 29.40
C ASP C 153 -17.42 -21.46 28.22
N ARG C 154 -17.58 -20.67 27.15
CA ARG C 154 -16.74 -20.86 25.97
C ARG C 154 -15.26 -20.62 26.29
N LEU C 155 -14.97 -19.52 26.99
CA LEU C 155 -13.57 -19.22 27.31
C LEU C 155 -12.98 -20.29 28.21
N ALA C 156 -13.75 -20.75 29.19
CA ALA C 156 -13.28 -21.81 30.08
C ALA C 156 -12.99 -23.09 29.30
N LYS C 157 -13.87 -23.44 28.35
CA LYS C 157 -13.66 -24.64 27.55
C LYS C 157 -12.41 -24.51 26.70
N TYR C 158 -12.16 -23.33 26.13
CA TYR C 158 -10.94 -23.11 25.35
C TYR C 158 -9.70 -23.36 26.19
N GLU C 159 -9.65 -22.75 27.38
CA GLU C 159 -8.49 -22.95 28.23
C GLU C 159 -8.35 -24.40 28.66
N TYR C 160 -9.47 -25.07 28.94
CA TYR C 160 -9.42 -26.49 29.26
C TYR C 160 -8.83 -27.30 28.10
N SER C 161 -9.22 -26.95 26.87
CA SER C 161 -8.72 -27.68 25.70
C SER C 161 -7.20 -27.53 25.57
N VAL C 162 -6.69 -26.32 25.75
CA VAL C 162 -5.24 -26.15 25.62
C VAL C 162 -4.52 -26.89 26.75
N ALA C 163 -5.08 -26.85 27.96
CA ALA C 163 -4.50 -27.63 29.05
C ALA C 163 -4.51 -29.11 28.75
N GLU C 164 -5.58 -29.59 28.11
CA GLU C 164 -5.66 -30.99 27.73
C GLU C 164 -4.59 -31.36 26.73
N TYR C 165 -4.34 -30.49 25.75
CA TYR C 165 -3.26 -30.81 24.81
C TYR C 165 -1.92 -30.88 25.52
N TYR C 166 -1.64 -29.93 26.42
CA TYR C 166 -0.39 -30.00 27.16
C TYR C 166 -0.29 -31.27 28.01
N THR C 167 -1.41 -31.70 28.58
CA THR C 167 -1.41 -32.98 29.28
C THR C 167 -1.08 -34.12 28.33
N GLU C 168 -1.60 -34.04 27.10
CA GLU C 168 -1.27 -35.06 26.10
C GLU C 168 0.22 -35.07 25.78
N ARG C 169 0.86 -33.90 25.74
CA ARG C 169 2.29 -33.85 25.45
C ARG C 169 3.11 -34.41 26.60
N GLY C 170 3.01 -33.78 27.78
CA GLY C 170 3.79 -34.23 28.91
C GLY C 170 4.62 -33.13 29.55
N ALA C 171 4.30 -31.88 29.24
CA ALA C 171 4.96 -30.72 29.84
C ALA C 171 4.26 -30.37 31.15
N TRP C 172 4.59 -31.14 32.19
CA TRP C 172 3.81 -31.08 33.42
C TRP C 172 4.21 -29.91 34.32
N VAL C 173 4.32 -28.71 33.74
CA VAL C 173 4.38 -27.48 34.52
C VAL C 173 3.40 -26.48 33.93
N ALA C 174 3.49 -26.25 32.62
CA ALA C 174 2.61 -25.30 31.96
C ALA C 174 1.14 -25.67 32.18
N VAL C 175 0.84 -26.96 32.28
CA VAL C 175 -0.52 -27.39 32.59
C VAL C 175 -0.94 -26.87 33.96
N VAL C 176 -0.02 -26.92 34.94
CA VAL C 176 -0.35 -26.42 36.26
C VAL C 176 -0.68 -24.94 36.21
N ASN C 177 0.14 -24.16 35.51
CA ASN C 177 -0.09 -22.73 35.42
C ASN C 177 -1.40 -22.42 34.70
N ARG C 178 -1.67 -23.12 33.60
CA ARG C 178 -2.88 -22.84 32.83
C ARG C 178 -4.14 -23.19 33.63
N VAL C 179 -4.16 -24.35 34.28
CA VAL C 179 -5.35 -24.72 35.04
C VAL C 179 -5.47 -23.86 36.29
N GLU C 180 -4.35 -23.43 36.89
CA GLU C 180 -4.43 -22.50 38.00
C GLU C 180 -5.06 -21.18 37.56
N GLY C 181 -4.65 -20.67 36.41
CA GLY C 181 -5.30 -19.48 35.87
C GLY C 181 -6.78 -19.71 35.60
N MET C 182 -7.11 -20.89 35.09
CA MET C 182 -8.52 -21.23 34.86
C MET C 182 -9.32 -21.13 36.15
N LEU C 183 -8.86 -21.82 37.20
CA LEU C 183 -9.62 -21.87 38.44
C LEU C 183 -9.59 -20.53 39.19
N ARG C 184 -8.55 -19.74 38.99
CA ARG C 184 -8.53 -18.40 39.56
C ARG C 184 -9.52 -17.49 38.84
N ASP C 185 -9.66 -17.65 37.53
CA ASP C 185 -10.55 -16.79 36.75
C ASP C 185 -11.95 -17.39 36.61
N TYR C 186 -12.04 -18.71 36.42
CA TYR C 186 -13.28 -19.35 35.97
C TYR C 186 -13.68 -20.46 36.94
N PRO C 187 -13.79 -20.15 38.23
CA PRO C 187 -13.93 -21.23 39.22
C PRO C 187 -15.31 -21.88 39.24
N ASP C 188 -16.28 -21.33 38.53
CA ASP C 188 -17.68 -21.76 38.64
C ASP C 188 -18.20 -22.33 37.33
N THR C 189 -17.41 -23.18 36.67
CA THR C 189 -17.80 -23.71 35.37
C THR C 189 -17.40 -25.17 35.27
N GLN C 190 -17.99 -25.84 34.27
CA GLN C 190 -17.71 -27.26 34.04
C GLN C 190 -16.25 -27.51 33.66
N ALA C 191 -15.62 -26.53 33.00
CA ALA C 191 -14.27 -26.74 32.48
C ALA C 191 -13.30 -27.04 33.61
N THR C 192 -13.33 -26.25 34.68
CA THR C 192 -12.51 -26.59 35.84
C THR C 192 -12.96 -27.91 36.45
N ARG C 193 -14.27 -28.19 36.38
CA ARG C 193 -14.81 -29.40 36.99
C ARG C 193 -14.19 -30.65 36.41
N ASP C 194 -13.96 -30.69 35.08
CA ASP C 194 -13.25 -31.83 34.52
C ASP C 194 -11.76 -31.57 34.33
N ALA C 195 -11.28 -30.35 34.61
CA ALA C 195 -9.85 -30.06 34.47
C ALA C 195 -9.08 -30.38 35.74
N LEU C 196 -9.73 -30.37 36.90
CA LEU C 196 -9.05 -30.72 38.15
C LEU C 196 -8.31 -32.05 38.08
N PRO C 197 -8.87 -33.14 37.53
CA PRO C 197 -8.09 -34.38 37.42
C PRO C 197 -6.80 -34.22 36.63
N LEU C 198 -6.78 -33.31 35.64
CA LEU C 198 -5.53 -33.03 34.94
C LEU C 198 -4.50 -32.43 35.89
N MET C 199 -4.92 -31.53 36.77
CA MET C 199 -4.03 -31.01 37.80
C MET C 199 -3.52 -32.12 38.71
N GLU C 200 -4.41 -33.02 39.11
CA GLU C 200 -4.00 -34.13 39.97
C GLU C 200 -2.95 -35.00 39.27
N ASN C 201 -3.19 -35.31 37.99
CA ASN C 201 -2.25 -36.12 37.23
C ASN C 201 -0.90 -35.42 37.11
N ALA C 202 -0.92 -34.11 36.86
CA ALA C 202 0.34 -33.37 36.74
C ALA C 202 1.12 -33.41 38.05
N TYR C 203 0.44 -33.17 39.17
CA TYR C 203 1.12 -33.26 40.47
C TYR C 203 1.68 -34.65 40.72
N ARG C 204 0.90 -35.69 40.41
CA ARG C 204 1.40 -37.06 40.63
C ARG C 204 2.63 -37.35 39.77
N GLN C 205 2.62 -36.92 38.51
CA GLN C 205 3.77 -37.15 37.64
C GLN C 205 4.95 -36.26 37.98
N MET C 206 4.74 -35.18 38.73
CA MET C 206 5.79 -34.21 38.98
C MET C 206 6.64 -34.55 40.20
N GLN C 207 6.39 -35.69 40.85
CA GLN C 207 7.11 -36.15 42.03
C GLN C 207 6.96 -35.22 43.23
N MET C 208 6.00 -34.29 43.18
CA MET C 208 5.77 -33.37 44.28
C MET C 208 4.37 -33.59 44.87
N ASN C 209 4.02 -34.85 45.10
CA ASN C 209 2.67 -35.24 45.49
C ASN C 209 2.20 -34.58 46.78
N ALA C 210 3.06 -33.85 47.50
CA ALA C 210 2.65 -33.17 48.71
C ALA C 210 1.47 -32.24 48.45
N GLN C 211 1.39 -31.66 47.26
CA GLN C 211 0.24 -30.84 46.88
C GLN C 211 -0.85 -31.66 46.22
N ALA C 212 -0.50 -32.81 45.62
CA ALA C 212 -1.44 -33.58 44.82
C ALA C 212 -2.71 -33.92 45.60
N GLU C 213 -2.57 -34.70 46.67
CA GLU C 213 -3.74 -35.07 47.46
C GLU C 213 -4.49 -33.84 47.93
N LYS C 214 -3.77 -32.74 48.12
CA LYS C 214 -4.40 -31.47 48.47
C LYS C 214 -5.53 -31.15 47.49
N VAL C 215 -5.19 -31.00 46.21
CA VAL C 215 -6.25 -30.72 45.23
C VAL C 215 -7.17 -31.91 45.07
N ALA C 216 -6.72 -33.11 45.44
CA ALA C 216 -7.62 -34.26 45.46
C ALA C 216 -8.77 -34.03 46.44
N LYS C 217 -8.47 -33.40 47.58
CA LYS C 217 -9.53 -33.07 48.53
C LYS C 217 -10.59 -32.18 47.87
N ILE C 218 -10.19 -31.39 46.87
CA ILE C 218 -11.15 -30.58 46.13
C ILE C 218 -12.23 -31.47 45.52
N ILE C 219 -11.80 -32.57 44.89
CA ILE C 219 -12.76 -33.52 44.33
C ILE C 219 -13.63 -34.09 45.44
N ALA C 220 -13.05 -34.30 46.62
CA ALA C 220 -13.83 -34.80 47.75
C ALA C 220 -14.98 -33.88 48.12
N ALA C 221 -14.92 -32.61 47.74
CA ALA C 221 -15.99 -31.67 48.04
C ALA C 221 -17.02 -31.56 46.92
N ASN C 222 -16.82 -32.26 45.80
CA ASN C 222 -17.74 -32.17 44.67
C ASN C 222 -17.99 -33.54 44.06
N SER C 223 -18.19 -34.55 44.91
CA SER C 223 -18.43 -35.89 44.40
C SER C 223 -19.76 -35.97 43.64
N SER C 224 -20.80 -35.33 44.17
CA SER C 224 -22.14 -35.36 43.58
C SER C 224 -22.62 -36.79 43.35
N ARG D 6 10.99 -45.57 22.07
CA ARG D 6 10.96 -46.34 20.83
C ARG D 6 11.99 -45.82 19.84
N VAL D 7 11.59 -45.73 18.57
CA VAL D 7 12.49 -45.32 17.49
C VAL D 7 12.17 -43.93 16.96
N VAL D 8 10.91 -43.49 17.04
CA VAL D 8 10.52 -42.21 16.47
C VAL D 8 11.28 -41.06 17.14
N TYR D 9 11.59 -40.04 16.35
CA TYR D 9 12.19 -38.83 16.88
C TYR D 9 11.31 -38.21 17.95
N ARG D 10 11.94 -37.80 19.05
CA ARG D 10 11.24 -37.13 20.14
C ARG D 10 11.88 -35.77 20.36
N PRO D 11 11.14 -34.68 20.17
CA PRO D 11 11.72 -33.35 20.37
C PRO D 11 12.10 -33.11 21.82
N ASP D 12 13.13 -32.28 22.00
CA ASP D 12 13.57 -31.95 23.35
C ASP D 12 12.46 -31.25 24.12
N ILE D 13 12.34 -31.58 25.40
CA ILE D 13 11.30 -31.03 26.26
C ILE D 13 11.94 -30.45 27.51
N ASN D 14 11.63 -29.20 27.81
CA ASN D 14 12.09 -28.55 29.03
C ASN D 14 10.92 -27.80 29.63
N GLN D 15 10.62 -28.07 30.89
CA GLN D 15 9.40 -27.57 31.52
C GLN D 15 9.69 -27.06 32.93
N GLY D 16 10.71 -26.22 33.09
CA GLY D 16 10.96 -25.71 34.42
C GLY D 16 11.95 -24.57 34.42
N ASN D 17 12.31 -24.15 35.63
CA ASN D 17 13.34 -23.16 35.87
C ASN D 17 14.61 -23.87 36.32
N TYR D 18 15.69 -23.69 35.56
CA TYR D 18 16.94 -24.38 35.85
C TYR D 18 17.90 -23.41 36.53
N LEU D 19 18.53 -23.88 37.60
CA LEU D 19 19.56 -23.12 38.30
C LEU D 19 20.64 -24.08 38.77
N THR D 20 21.89 -23.67 38.57
CA THR D 20 23.02 -24.54 38.88
C THR D 20 23.30 -24.55 40.38
N ALA D 21 24.23 -25.40 40.80
CA ALA D 21 24.55 -25.55 42.21
C ALA D 21 25.12 -24.28 42.83
N ASN D 22 25.71 -23.41 42.01
CA ASN D 22 26.25 -22.16 42.55
C ASN D 22 25.15 -21.28 43.14
N ASP D 23 23.99 -21.22 42.47
CA ASP D 23 22.87 -20.45 43.03
C ASP D 23 22.22 -21.21 44.18
N VAL D 24 22.30 -22.54 44.19
CA VAL D 24 21.81 -23.31 45.32
C VAL D 24 22.61 -22.98 46.57
N SER D 25 23.94 -22.85 46.42
CA SER D 25 24.78 -22.47 47.54
C SER D 25 24.49 -21.06 48.05
N LYS D 26 23.93 -20.20 47.19
CA LYS D 26 23.56 -18.85 47.60
C LYS D 26 22.36 -18.81 48.51
N ILE D 27 21.67 -19.94 48.71
CA ILE D 27 20.45 -19.97 49.50
C ILE D 27 20.81 -20.01 50.98
N ARG D 28 20.12 -19.19 51.77
CA ARG D 28 20.33 -19.16 53.22
C ARG D 28 19.06 -18.63 53.88
N VAL D 29 18.66 -19.29 54.96
CA VAL D 29 17.41 -18.97 55.64
C VAL D 29 17.50 -17.57 56.27
N GLY D 30 16.36 -16.89 56.33
CA GLY D 30 16.26 -15.65 57.08
C GLY D 30 16.50 -14.38 56.29
N MET D 31 15.78 -14.20 55.18
CA MET D 31 15.90 -12.97 54.41
C MET D 31 14.66 -12.85 53.54
N THR D 32 14.46 -11.67 52.95
CA THR D 32 13.18 -11.28 52.38
C THR D 32 12.88 -12.03 51.08
N GLN D 33 11.76 -11.66 50.45
CA GLN D 33 11.29 -12.31 49.23
C GLN D 33 11.88 -11.66 47.98
N GLN D 34 12.02 -10.34 47.99
CA GLN D 34 12.53 -9.65 46.81
C GLN D 34 13.94 -10.11 46.48
N GLN D 35 14.77 -10.30 47.51
CA GLN D 35 16.14 -10.74 47.28
C GLN D 35 16.19 -12.14 46.68
N VAL D 36 15.36 -13.06 47.18
CA VAL D 36 15.41 -14.42 46.65
C VAL D 36 14.84 -14.47 45.25
N ALA D 37 13.83 -13.65 44.95
CA ALA D 37 13.34 -13.55 43.58
C ALA D 37 14.41 -12.99 42.66
N TYR D 38 15.17 -12.00 43.14
CA TYR D 38 16.28 -11.45 42.36
C TYR D 38 17.39 -12.46 42.15
N ALA D 39 17.63 -13.33 43.15
CA ALA D 39 18.75 -14.25 43.10
C ALA D 39 18.47 -15.50 42.28
N LEU D 40 17.27 -16.06 42.39
CA LEU D 40 16.94 -17.30 41.68
C LEU D 40 16.01 -17.07 40.50
N GLY D 41 15.56 -15.84 40.27
CA GLY D 41 14.57 -15.56 39.26
C GLY D 41 13.16 -15.69 39.81
N THR D 42 12.20 -15.22 39.02
CA THR D 42 10.81 -15.31 39.42
C THR D 42 10.38 -16.78 39.51
N PRO D 43 9.50 -17.12 40.46
CA PRO D 43 9.06 -18.52 40.58
C PRO D 43 8.04 -18.85 39.50
N LEU D 44 8.38 -19.84 38.68
CA LEU D 44 7.42 -20.32 37.68
C LEU D 44 6.29 -21.13 38.30
N MET D 45 6.41 -21.47 39.58
CA MET D 45 5.38 -22.20 40.30
C MET D 45 5.12 -21.51 41.65
N SER D 46 3.91 -21.69 42.16
CA SER D 46 3.51 -21.13 43.44
C SER D 46 2.21 -21.79 43.87
N ASP D 47 2.15 -22.19 45.14
CA ASP D 47 0.94 -22.81 45.66
C ASP D 47 -0.10 -21.74 45.95
N PRO D 48 -1.27 -21.79 45.34
CA PRO D 48 -2.30 -20.77 45.59
C PRO D 48 -3.29 -21.12 46.69
N PHE D 49 -3.07 -22.19 47.44
CA PHE D 49 -3.98 -22.62 48.50
C PHE D 49 -3.24 -22.58 49.83
N GLY D 50 -3.81 -21.87 50.80
CA GLY D 50 -3.22 -21.83 52.13
C GLY D 50 -1.84 -21.22 52.19
N THR D 51 -0.84 -22.04 52.45
CA THR D 51 0.54 -21.56 52.55
C THR D 51 1.02 -21.04 51.20
N ASN D 52 1.72 -19.91 51.23
CA ASN D 52 2.30 -19.33 50.02
C ASN D 52 3.72 -19.82 49.79
N THR D 53 3.89 -21.15 49.77
CA THR D 53 5.20 -21.72 49.53
C THR D 53 5.61 -21.57 48.07
N TRP D 54 6.89 -21.77 47.81
CA TRP D 54 7.50 -21.53 46.51
C TRP D 54 8.15 -22.81 46.00
N PHE D 55 8.06 -23.05 44.70
CA PHE D 55 8.56 -24.26 44.09
C PHE D 55 9.52 -23.92 42.96
N TYR D 56 10.52 -24.78 42.75
CA TYR D 56 11.39 -24.68 41.60
C TYR D 56 11.71 -26.10 41.13
N VAL D 57 11.59 -26.33 39.82
CA VAL D 57 11.64 -27.69 39.27
C VAL D 57 12.59 -27.74 38.09
N PHE D 58 13.10 -28.95 37.83
CA PHE D 58 13.96 -29.22 36.69
C PHE D 58 13.30 -30.29 35.83
N ARG D 59 12.98 -29.94 34.58
CA ARG D 59 12.57 -30.92 33.59
C ARG D 59 13.55 -30.87 32.43
N GLN D 60 14.15 -32.03 32.12
CA GLN D 60 15.14 -32.11 31.05
C GLN D 60 15.17 -33.54 30.53
N GLN D 61 14.77 -33.72 29.27
CA GLN D 61 14.95 -35.01 28.61
C GLN D 61 15.16 -34.79 27.12
N PRO D 62 16.33 -35.18 26.60
CA PRO D 62 16.61 -34.94 25.17
C PRO D 62 15.68 -35.70 24.23
N GLY D 63 15.03 -36.76 24.70
CA GLY D 63 14.19 -37.57 23.85
C GLY D 63 14.56 -39.04 23.95
N HIS D 64 13.59 -39.87 24.31
CA HIS D 64 13.80 -41.30 24.55
C HIS D 64 14.87 -41.55 25.61
N GLU D 65 15.15 -40.54 26.44
CA GLU D 65 16.19 -40.60 27.45
C GLU D 65 15.60 -40.33 28.82
N GLY D 66 16.32 -40.78 29.85
CA GLY D 66 15.90 -40.57 31.22
C GLY D 66 15.74 -39.11 31.58
N VAL D 67 14.61 -38.78 32.22
CA VAL D 67 14.38 -37.41 32.64
C VAL D 67 15.26 -37.07 33.83
N THR D 68 15.63 -35.81 33.95
CA THR D 68 16.42 -35.32 35.07
C THR D 68 15.58 -34.33 35.87
N GLN D 69 15.40 -34.62 37.16
CA GLN D 69 14.59 -33.79 38.04
C GLN D 69 15.37 -33.52 39.32
N GLN D 70 15.42 -32.25 39.72
CA GLN D 70 16.00 -31.88 41.01
C GLN D 70 15.15 -30.71 41.54
N THR D 71 14.15 -31.04 42.34
CA THR D 71 13.23 -30.04 42.85
C THR D 71 13.85 -29.30 44.04
N LEU D 72 13.32 -28.10 44.27
CA LEU D 72 13.87 -27.23 45.31
C LEU D 72 12.72 -26.35 45.80
N THR D 73 12.32 -26.54 47.05
CA THR D 73 11.13 -25.93 47.62
C THR D 73 11.50 -24.97 48.74
N LEU D 74 10.73 -23.89 48.85
CA LEU D 74 10.93 -22.86 49.86
C LEU D 74 9.62 -22.66 50.60
N THR D 75 9.70 -22.39 51.90
CA THR D 75 8.52 -22.08 52.70
C THR D 75 8.66 -20.68 53.29
N PHE D 76 7.61 -19.88 53.17
CA PHE D 76 7.59 -18.52 53.69
C PHE D 76 6.36 -18.34 54.59
N ASN D 77 6.59 -17.78 55.77
CA ASN D 77 5.47 -17.32 56.58
C ASN D 77 4.87 -16.06 55.97
N SER D 78 3.75 -15.62 56.53
CA SER D 78 3.10 -14.41 56.04
C SER D 78 3.78 -13.17 56.61
N SER D 79 5.11 -13.10 56.47
CA SER D 79 5.88 -11.95 56.94
C SER D 79 6.96 -11.51 55.97
N GLY D 80 7.32 -12.30 54.98
CA GLY D 80 8.36 -11.92 54.05
C GLY D 80 9.75 -12.38 54.47
N VAL D 81 9.88 -13.65 54.86
CA VAL D 81 11.16 -14.20 55.28
C VAL D 81 11.10 -15.70 55.10
N LEU D 82 12.23 -16.31 54.72
CA LEU D 82 12.28 -17.73 54.42
C LEU D 82 12.24 -18.54 55.72
N THR D 83 11.51 -19.66 55.69
CA THR D 83 11.40 -20.55 56.83
C THR D 83 12.29 -21.77 56.70
N ASN D 84 12.14 -22.53 55.62
CA ASN D 84 13.01 -23.67 55.37
C ASN D 84 13.00 -23.99 53.88
N ILE D 85 13.98 -24.80 53.47
CA ILE D 85 14.13 -25.22 52.09
C ILE D 85 14.10 -26.75 52.04
N ASP D 86 13.97 -27.27 50.83
CA ASP D 86 13.92 -28.72 50.61
C ASP D 86 14.48 -29.00 49.23
N ASN D 87 15.68 -29.57 49.18
CA ASN D 87 16.30 -29.98 47.92
C ASN D 87 16.07 -31.47 47.69
N LYS D 88 15.96 -31.84 46.42
CA LYS D 88 15.83 -33.25 46.08
C LYS D 88 16.43 -33.45 44.68
N PRO D 89 17.38 -34.37 44.52
CA PRO D 89 18.12 -34.49 43.26
C PRO D 89 17.57 -35.51 42.26
N ALA D 90 16.53 -36.27 42.60
CA ALA D 90 15.98 -37.26 41.69
C ALA D 90 14.54 -37.61 42.02
N VAL E 47 -24.73 46.12 17.74
CA VAL E 47 -23.91 47.04 18.51
C VAL E 47 -22.44 46.61 18.47
N ASP E 48 -22.08 45.65 19.34
CA ASP E 48 -20.72 45.14 19.42
C ASP E 48 -20.51 44.05 18.38
N CYS E 49 -19.43 44.16 17.62
CA CYS E 49 -19.14 43.24 16.52
C CYS E 49 -17.72 42.69 16.66
N VAL E 50 -17.26 42.03 15.60
CA VAL E 50 -15.89 41.55 15.47
C VAL E 50 -15.33 42.07 14.15
N ALA E 51 -14.09 42.55 14.19
CA ALA E 51 -13.45 43.17 13.02
C ALA E 51 -12.65 42.17 12.20
N ALA E 52 -11.67 41.51 12.81
CA ALA E 52 -10.77 40.64 12.08
C ALA E 52 -10.17 39.62 13.05
N VAL E 53 -9.56 38.58 12.48
CA VAL E 53 -8.98 37.49 13.26
C VAL E 53 -7.66 37.10 12.61
N VAL E 54 -6.56 37.25 13.36
CA VAL E 54 -5.25 36.79 12.90
C VAL E 54 -4.80 35.66 13.80
N ASN E 55 -4.35 34.57 13.17
CA ASN E 55 -3.96 33.37 13.91
C ASN E 55 -5.08 32.95 14.85
N ASN E 56 -4.82 33.01 16.15
CA ASN E 56 -5.85 32.80 17.16
C ASN E 56 -6.29 34.10 17.83
N GLY E 57 -5.83 35.25 17.35
CA GLY E 57 -6.26 36.51 17.93
C GLY E 57 -7.48 37.08 17.21
N VAL E 58 -8.17 37.98 17.90
CA VAL E 58 -9.43 38.54 17.42
C VAL E 58 -9.41 40.05 17.65
N VAL E 59 -10.04 40.79 16.73
CA VAL E 59 -10.17 42.24 16.85
C VAL E 59 -11.61 42.61 17.18
N LEU E 60 -11.79 43.51 18.14
CA LEU E 60 -13.10 43.97 18.57
C LEU E 60 -13.28 45.45 18.26
N GLU E 61 -14.40 45.82 17.64
CA GLU E 61 -14.69 47.23 17.44
C GLU E 61 -14.89 47.98 18.75
N SER E 62 -15.42 47.34 19.78
CA SER E 62 -15.55 48.02 21.07
C SER E 62 -14.20 48.46 21.60
N ASP E 63 -13.22 47.55 21.65
CA ASP E 63 -11.91 47.89 22.18
C ASP E 63 -11.18 48.89 21.29
N VAL E 64 -11.24 48.71 19.97
CA VAL E 64 -10.52 49.62 19.09
C VAL E 64 -11.15 51.00 19.13
N ASP E 65 -12.47 51.08 19.21
CA ASP E 65 -13.12 52.39 19.34
C ASP E 65 -12.74 53.03 20.67
N GLY E 66 -12.64 52.24 21.74
CA GLY E 66 -12.19 52.79 23.01
C GLY E 66 -10.80 53.37 22.92
N LEU E 67 -9.87 52.63 22.31
CA LEU E 67 -8.51 53.14 22.19
C LEU E 67 -8.44 54.33 21.23
N MET E 68 -9.27 54.36 20.19
CA MET E 68 -9.29 55.51 19.29
C MET E 68 -9.78 56.76 20.01
N GLN E 69 -10.85 56.64 20.80
CA GLN E 69 -11.31 57.82 21.52
C GLN E 69 -10.37 58.18 22.66
N SER E 70 -9.54 57.23 23.11
CA SER E 70 -8.50 57.55 24.08
C SER E 70 -7.32 58.27 23.46
N VAL E 71 -6.96 57.93 22.22
CA VAL E 71 -5.75 58.49 21.63
C VAL E 71 -6.02 59.74 20.79
N LYS E 72 -7.22 59.89 20.22
CA LYS E 72 -7.47 61.03 19.34
C LYS E 72 -7.59 62.33 20.12
N LEU E 73 -8.08 62.28 21.35
CA LEU E 73 -8.12 63.49 22.18
C LEU E 73 -6.71 64.01 22.45
N ASN E 74 -5.77 63.12 22.74
CA ASN E 74 -4.38 63.53 22.91
C ASN E 74 -3.77 63.96 21.57
N ALA E 75 -4.11 63.27 20.48
CA ALA E 75 -3.59 63.64 19.17
C ALA E 75 -4.10 65.00 18.72
N ALA E 76 -5.20 65.47 19.29
CA ALA E 76 -5.71 66.81 18.96
C ALA E 76 -4.67 67.88 19.26
N GLN E 77 -4.03 67.82 20.44
CA GLN E 77 -2.97 68.75 20.74
C GLN E 77 -1.60 68.26 20.27
N ALA E 78 -1.45 66.97 20.03
CA ALA E 78 -0.20 66.45 19.48
C ALA E 78 0.01 66.82 18.03
N ARG E 79 -1.00 67.39 17.38
CA ARG E 79 -0.93 67.84 15.98
C ARG E 79 -0.57 66.70 15.03
N GLN E 80 -1.08 65.51 15.31
CA GLN E 80 -0.91 64.36 14.41
C GLN E 80 -2.06 64.36 13.41
N GLN E 81 -1.77 64.72 12.17
CA GLN E 81 -2.80 64.86 11.14
C GLN E 81 -3.22 63.48 10.67
N LEU E 82 -4.17 62.89 11.38
CA LEU E 82 -4.69 61.58 10.99
C LEU E 82 -5.61 61.74 9.77
N PRO E 83 -5.43 60.91 8.74
CA PRO E 83 -6.32 61.00 7.57
C PRO E 83 -7.68 60.37 7.83
N ASP E 84 -8.52 60.29 6.79
CA ASP E 84 -9.83 59.70 6.93
C ASP E 84 -9.74 58.22 7.28
N ASP E 85 -10.88 57.63 7.61
CA ASP E 85 -10.91 56.28 8.16
C ASP E 85 -10.45 55.21 7.17
N ALA E 86 -10.08 55.55 5.94
CA ALA E 86 -9.48 54.55 5.07
C ALA E 86 -8.03 54.27 5.48
N THR E 87 -7.17 55.30 5.40
CA THR E 87 -5.80 55.13 5.87
C THR E 87 -5.75 55.05 7.39
N LEU E 88 -6.68 55.73 8.08
CA LEU E 88 -6.81 55.55 9.51
C LEU E 88 -7.14 54.11 9.86
N ARG E 89 -8.06 53.51 9.12
CA ARG E 89 -8.39 52.09 9.32
C ARG E 89 -7.17 51.23 9.05
N HIS E 90 -6.43 51.52 7.98
CA HIS E 90 -5.22 50.76 7.69
C HIS E 90 -4.24 50.80 8.86
N GLN E 91 -3.95 52.00 9.36
CA GLN E 91 -2.94 52.10 10.42
C GLN E 91 -3.43 51.48 11.73
N ILE E 92 -4.70 51.68 12.08
CA ILE E 92 -5.19 51.10 13.32
C ILE E 92 -5.19 49.57 13.23
N MET E 93 -5.62 49.01 12.09
CA MET E 93 -5.64 47.56 11.98
C MET E 93 -4.23 46.98 12.00
N GLU E 94 -3.27 47.67 11.35
CA GLU E 94 -1.91 47.14 11.37
C GLU E 94 -1.31 47.21 12.78
N ARG E 95 -1.53 48.30 13.51
CA ARG E 95 -1.05 48.36 14.89
C ARG E 95 -1.65 47.24 15.72
N LEU E 96 -2.97 47.05 15.58
CA LEU E 96 -3.66 46.02 16.35
C LEU E 96 -3.13 44.64 16.03
N ILE E 97 -2.92 44.34 14.75
CA ILE E 97 -2.48 42.99 14.40
C ILE E 97 -1.05 42.78 14.90
N MET E 98 -0.20 43.81 14.84
CA MET E 98 1.15 43.65 15.38
C MET E 98 1.13 43.29 16.86
N ASP E 99 0.45 44.10 17.69
CA ASP E 99 0.57 43.78 19.12
C ASP E 99 -0.14 42.47 19.45
N GLN E 100 -1.24 42.15 18.77
CA GLN E 100 -1.92 40.90 19.10
C GLN E 100 -1.14 39.69 18.61
N ILE E 101 -0.47 39.76 17.45
CA ILE E 101 0.34 38.62 17.03
C ILE E 101 1.52 38.44 17.97
N ILE E 102 2.08 39.54 18.49
CA ILE E 102 3.07 39.41 19.55
C ILE E 102 2.47 38.67 20.73
N LEU E 103 1.22 39.00 21.09
CA LEU E 103 0.55 38.32 22.17
C LEU E 103 0.46 36.81 21.94
N GLN E 104 -0.04 36.40 20.77
CA GLN E 104 -0.24 34.97 20.54
C GLN E 104 1.09 34.24 20.40
N MET E 105 2.09 34.86 19.79
CA MET E 105 3.40 34.22 19.69
C MET E 105 4.00 34.03 21.08
N GLY E 106 3.88 35.04 21.95
CA GLY E 106 4.36 34.87 23.31
C GLY E 106 3.60 33.81 24.07
N GLN E 107 2.28 33.77 23.91
CA GLN E 107 1.47 32.76 24.59
C GLN E 107 1.85 31.35 24.13
N LYS E 108 2.08 31.18 22.84
CA LYS E 108 2.53 29.89 22.33
C LYS E 108 3.91 29.54 22.90
N MET E 109 4.81 30.54 22.97
CA MET E 109 6.15 30.28 23.46
C MET E 109 6.22 30.26 24.99
N GLY E 110 5.13 30.58 25.68
CA GLY E 110 5.10 30.51 27.12
C GLY E 110 5.92 31.57 27.83
N VAL E 111 5.49 32.83 27.73
CA VAL E 111 6.11 33.94 28.44
C VAL E 111 5.09 34.50 29.41
N LYS E 112 5.53 34.74 30.65
CA LYS E 112 4.65 35.23 31.70
C LYS E 112 5.37 36.33 32.49
N ILE E 113 4.57 37.21 33.08
CA ILE E 113 5.06 38.23 33.99
C ILE E 113 4.21 38.19 35.24
N SER E 114 4.84 38.35 36.40
CA SER E 114 4.14 38.26 37.67
C SER E 114 3.66 39.63 38.12
N ASP E 115 2.77 39.63 39.12
CA ASP E 115 2.21 40.88 39.62
C ASP E 115 3.26 41.78 40.26
N GLU E 116 4.39 41.22 40.71
CA GLU E 116 5.44 42.05 41.28
C GLU E 116 6.05 42.99 40.23
N GLN E 117 6.29 42.48 39.03
CA GLN E 117 6.80 43.34 37.96
C GLN E 117 5.76 44.38 37.54
N LEU E 118 4.49 44.00 37.54
CA LEU E 118 3.43 44.98 37.29
C LEU E 118 3.44 46.08 38.34
N ASP E 119 3.64 45.69 39.61
CA ASP E 119 3.73 46.69 40.69
C ASP E 119 4.93 47.61 40.49
N GLN E 120 6.06 47.04 40.07
CA GLN E 120 7.24 47.85 39.78
C GLN E 120 6.94 48.85 38.66
N ALA E 121 6.31 48.38 37.59
CA ALA E 121 6.01 49.26 36.46
C ALA E 121 5.05 50.37 36.85
N ILE E 122 3.99 50.04 37.59
CA ILE E 122 3.02 51.07 37.99
C ILE E 122 3.63 52.02 39.00
N ALA E 123 4.52 51.54 39.88
CA ALA E 123 5.21 52.44 40.80
C ALA E 123 6.08 53.42 40.03
N ASN E 124 6.79 52.94 39.00
CA ASN E 124 7.57 53.85 38.17
C ASN E 124 6.67 54.85 37.44
N ILE E 125 5.55 54.38 36.91
CA ILE E 125 4.67 55.27 36.15
C ILE E 125 3.95 56.25 37.06
N ALA E 126 3.88 55.98 38.37
CA ALA E 126 3.28 56.92 39.30
C ALA E 126 4.03 58.24 39.30
N LYS E 127 5.36 58.19 39.33
CA LYS E 127 6.17 59.40 39.23
C LYS E 127 6.52 59.76 37.78
N GLN E 128 6.32 58.84 36.84
CA GLN E 128 6.60 59.15 35.44
C GLN E 128 5.67 60.24 34.93
N ASN E 129 4.39 60.19 35.29
CA ASN E 129 3.43 61.21 34.88
C ASN E 129 2.95 62.02 36.09
N LEU E 145 -12.33 55.17 33.16
CA LEU E 145 -12.01 53.74 33.10
C LEU E 145 -11.86 53.20 34.52
N ASN E 146 -10.94 52.26 34.71
CA ASN E 146 -10.74 51.62 36.00
C ASN E 146 -9.25 51.34 36.20
N TYR E 147 -8.82 51.39 37.46
CA TYR E 147 -7.40 51.24 37.77
C TYR E 147 -6.89 49.85 37.41
N ASN E 148 -7.66 48.80 37.70
CA ASN E 148 -7.24 47.46 37.37
C ASN E 148 -7.19 47.24 35.85
N THR E 149 -8.12 47.86 35.12
CA THR E 149 -8.07 47.77 33.66
C THR E 149 -6.81 48.43 33.11
N TYR E 150 -6.46 49.60 33.67
CA TYR E 150 -5.21 50.25 33.28
C TYR E 150 -4.01 49.37 33.60
N ARG E 151 -4.03 48.72 34.77
CA ARG E 151 -2.97 47.78 35.13
C ARG E 151 -2.86 46.66 34.10
N ASN E 152 -4.01 46.10 33.70
CA ASN E 152 -4.02 45.02 32.74
C ASN E 152 -3.44 45.46 31.40
N GLN E 153 -3.91 46.60 30.89
CA GLN E 153 -3.44 47.08 29.59
C GLN E 153 -1.94 47.37 29.63
N ILE E 154 -1.47 47.98 30.73
CA ILE E 154 -0.05 48.26 30.85
C ILE E 154 0.75 46.96 30.94
N ARG E 155 0.21 45.96 31.63
CA ARG E 155 0.90 44.67 31.71
C ARG E 155 1.03 44.02 30.34
N LYS E 156 -0.05 44.02 29.57
CA LYS E 156 0.03 43.45 28.23
C LYS E 156 1.00 44.22 27.33
N GLU E 157 0.98 45.55 27.39
CA GLU E 157 1.90 46.29 26.52
C GLU E 157 3.36 46.09 26.94
N MET E 158 3.63 46.04 28.25
CA MET E 158 5.01 45.85 28.68
C MET E 158 5.49 44.44 28.38
N ILE E 159 4.64 43.43 28.51
CA ILE E 159 5.06 42.09 28.15
C ILE E 159 5.22 41.97 26.64
N ILE E 160 4.43 42.70 25.86
CA ILE E 160 4.62 42.74 24.41
C ILE E 160 5.99 43.30 24.07
N SER E 161 6.35 44.43 24.71
CA SER E 161 7.65 45.02 24.47
C SER E 161 8.78 44.09 24.93
N GLU E 162 8.57 43.41 26.05
CA GLU E 162 9.60 42.50 26.57
C GLU E 162 9.82 41.33 25.63
N VAL E 163 8.75 40.74 25.10
CA VAL E 163 8.90 39.65 24.14
C VAL E 163 9.53 40.15 22.85
N ARG E 164 9.19 41.37 22.44
CA ARG E 164 9.83 41.98 21.28
C ARG E 164 11.33 42.08 21.48
N ASN E 165 11.74 42.57 22.64
CA ASN E 165 13.17 42.65 22.96
C ASN E 165 13.80 41.27 22.99
N ASN E 166 13.09 40.29 23.56
CA ASN E 166 13.62 38.92 23.62
C ASN E 166 13.92 38.39 22.24
N GLU E 167 12.93 38.47 21.33
CA GLU E 167 13.13 37.94 19.98
C GLU E 167 14.20 38.72 19.23
N VAL E 168 14.22 40.05 19.39
CA VAL E 168 15.22 40.86 18.70
C VAL E 168 16.62 40.47 19.15
N ARG E 169 16.82 40.33 20.47
CA ARG E 169 18.11 39.84 20.97
C ARG E 169 18.40 38.43 20.48
N ARG E 170 17.37 37.61 20.30
CA ARG E 170 17.57 36.27 19.77
C ARG E 170 18.09 36.30 18.34
N ARG E 171 17.70 37.31 17.56
CA ARG E 171 18.08 37.37 16.15
C ARG E 171 18.95 38.59 15.81
N ILE E 172 19.52 39.26 16.81
CA ILE E 172 20.39 40.40 16.56
C ILE E 172 21.83 39.91 16.44
N THR E 173 22.68 40.74 15.86
CA THR E 173 24.10 40.47 15.74
C THR E 173 24.89 41.72 16.12
N ILE E 174 26.11 41.49 16.59
CA ILE E 174 27.02 42.59 16.92
C ILE E 174 28.45 42.05 16.89
N LEU E 175 29.35 42.81 16.27
CA LEU E 175 30.74 42.42 16.14
C LEU E 175 31.62 43.53 16.69
N PRO E 176 32.54 43.23 17.61
CA PRO E 176 33.44 44.27 18.11
C PRO E 176 34.59 44.56 17.15
N GLN E 177 34.26 44.66 15.86
CA GLN E 177 35.24 44.98 14.82
C GLN E 177 34.86 46.17 13.96
N GLU E 178 33.61 46.61 13.99
CA GLU E 178 33.21 47.87 13.39
C GLU E 178 33.21 49.02 14.38
N VAL E 179 33.42 48.74 15.67
CA VAL E 179 33.37 49.77 16.68
C VAL E 179 34.56 50.72 16.56
N GLU E 180 35.74 50.20 16.20
CA GLU E 180 36.91 51.06 16.11
C GLU E 180 36.82 52.04 14.94
N SER E 181 36.25 51.59 13.82
CA SER E 181 36.12 52.48 12.66
C SER E 181 35.21 53.65 12.98
N LEU E 182 34.06 53.38 13.61
CA LEU E 182 33.14 54.43 14.01
C LEU E 182 33.67 55.26 15.17
N ALA E 183 34.56 54.69 15.99
CA ALA E 183 35.17 55.48 17.06
C ALA E 183 36.19 56.46 16.50
N GLN E 184 36.94 56.05 15.48
CA GLN E 184 37.92 56.91 14.85
C GLN E 184 37.31 57.83 13.79
N GLN E 185 36.08 57.58 13.36
CA GLN E 185 35.47 58.43 12.35
C GLN E 185 35.03 59.77 12.93
N VAL E 186 34.52 59.77 14.15
CA VAL E 186 34.06 61.00 14.79
C VAL E 186 34.64 61.10 16.21
N ASP E 417 32.15 55.94 22.91
CA ASP E 417 31.33 54.80 23.29
C ASP E 417 29.85 55.08 23.02
N ARG E 418 29.51 56.37 22.90
CA ARG E 418 28.14 56.73 22.54
C ARG E 418 27.80 56.28 21.13
N ALA E 419 28.79 56.32 20.22
CA ALA E 419 28.57 55.83 18.87
C ALA E 419 28.31 54.33 18.86
N TYR E 420 28.83 53.60 19.84
CA TYR E 420 28.43 52.20 19.99
C TYR E 420 26.95 52.10 20.31
N ARG E 421 26.44 53.00 21.16
CA ARG E 421 25.01 53.03 21.43
C ARG E 421 24.23 53.39 20.17
N MET E 422 24.78 54.27 19.34
CA MET E 422 24.13 54.58 18.07
C MET E 422 24.08 53.36 17.16
N LEU E 423 25.18 52.60 17.10
CA LEU E 423 25.19 51.34 16.36
C LEU E 423 24.12 50.39 16.88
N MET E 424 24.03 50.26 18.21
CA MET E 424 23.04 49.37 18.81
C MET E 424 21.64 49.83 18.43
N ASN E 425 21.39 51.14 18.47
CA ASN E 425 20.09 51.69 18.13
C ASN E 425 19.74 51.39 16.67
N ARG E 426 20.68 51.61 15.76
CA ARG E 426 20.41 51.37 14.35
C ARG E 426 20.15 49.89 14.08
N LYS E 427 20.95 49.01 14.70
CA LYS E 427 20.74 47.58 14.54
C LYS E 427 19.39 47.16 15.09
N PHE E 428 19.00 47.69 16.24
CA PHE E 428 17.69 47.38 16.79
C PHE E 428 16.57 47.85 15.88
N SER E 429 16.70 49.06 15.34
CA SER E 429 15.67 49.59 14.45
C SER E 429 15.52 48.72 13.21
N GLU E 430 16.64 48.39 12.56
CA GLU E 430 16.57 47.59 11.35
C GLU E 430 16.06 46.18 11.64
N GLU E 431 16.48 45.60 12.77
CA GLU E 431 16.01 44.27 13.14
C GLU E 431 14.52 44.27 13.39
N ALA E 432 14.02 45.26 14.14
CA ALA E 432 12.61 45.35 14.44
C ALA E 432 11.79 45.53 13.16
N ALA E 433 12.24 46.42 12.27
CA ALA E 433 11.52 46.64 11.03
C ALA E 433 11.48 45.36 10.19
N SER E 434 12.64 44.71 10.03
CA SER E 434 12.68 43.50 9.22
C SER E 434 11.77 42.43 9.81
N TRP E 435 11.80 42.25 11.13
CA TRP E 435 11.01 41.20 11.75
C TRP E 435 9.53 41.49 11.64
N MET E 436 9.11 42.75 11.87
CA MET E 436 7.69 43.06 11.80
C MET E 436 7.16 42.90 10.37
N GLN E 437 7.92 43.35 9.37
CA GLN E 437 7.48 43.11 8.00
C GLN E 437 7.47 41.63 7.63
N GLU E 438 8.47 40.85 8.09
CA GLU E 438 8.50 39.46 7.65
C GLU E 438 7.45 38.61 8.35
N GLN E 439 7.08 38.95 9.59
CA GLN E 439 5.98 38.24 10.24
C GLN E 439 4.62 38.89 9.99
N ARG E 440 4.58 40.04 9.33
CA ARG E 440 3.28 40.67 9.05
C ARG E 440 2.45 39.81 8.10
N ALA E 441 3.05 39.40 6.98
CA ALA E 441 2.32 38.59 6.01
C ALA E 441 2.47 37.11 6.29
N SER E 442 3.59 36.68 6.88
CA SER E 442 3.77 35.27 7.19
C SER E 442 2.74 34.79 8.20
N ALA E 443 2.32 35.65 9.11
CA ALA E 443 1.23 35.31 10.01
C ALA E 443 -0.07 35.17 9.24
N TYR E 444 -0.97 34.35 9.77
CA TYR E 444 -2.23 34.04 9.11
C TYR E 444 -3.32 34.97 9.60
N VAL E 445 -3.78 35.86 8.72
CA VAL E 445 -4.72 36.92 9.09
C VAL E 445 -5.91 36.89 8.13
N LYS E 446 -7.11 37.06 8.69
CA LYS E 446 -8.34 37.21 7.94
C LYS E 446 -9.05 38.48 8.39
N ILE E 447 -9.62 39.21 7.44
CA ILE E 447 -10.29 40.47 7.70
C ILE E 447 -11.78 40.30 7.47
N LEU E 448 -12.59 40.68 8.46
CA LEU E 448 -14.03 40.50 8.39
C LEU E 448 -14.80 41.81 8.33
N SER E 449 -14.12 42.96 8.44
CA SER E 449 -14.79 44.25 8.38
C SER E 449 -13.89 45.30 7.73
N ARG F 6 -37.49 -14.64 8.67
CA ARG F 6 -38.21 -13.39 8.47
C ARG F 6 -37.27 -12.30 8.01
N TYR F 7 -36.05 -12.29 8.56
CA TYR F 7 -34.99 -11.36 8.18
C TYR F 7 -35.38 -9.91 8.41
N LYS F 8 -36.30 -9.63 9.34
CA LYS F 8 -36.85 -8.29 9.45
C LYS F 8 -36.55 -7.62 10.79
N ARG F 9 -36.89 -8.25 11.90
CA ARG F 9 -36.78 -7.59 13.20
C ARG F 9 -36.19 -8.52 14.24
N GLN F 10 -35.28 -9.40 13.83
CA GLN F 10 -34.77 -10.44 14.72
C GLN F 10 -33.26 -10.52 14.63
N VAL F 11 -32.67 -11.01 15.71
CA VAL F 11 -31.24 -11.28 15.80
C VAL F 11 -30.94 -12.49 14.91
N SER F 12 -29.66 -12.72 14.63
CA SER F 12 -29.26 -13.89 13.85
C SER F 12 -29.73 -15.18 14.53
N GLY F 13 -29.88 -16.22 13.72
CA GLY F 13 -30.45 -17.48 14.18
C GLY F 13 -29.59 -18.29 15.12
N ASP F 14 -28.36 -17.85 15.40
CA ASP F 14 -27.49 -18.57 16.32
C ASP F 14 -27.95 -18.37 17.76
N GLU F 15 -29.10 -18.95 18.11
CA GLU F 15 -29.73 -18.73 19.40
C GLU F 15 -29.69 -19.98 20.29
N ALA F 16 -28.83 -20.94 19.95
CA ALA F 16 -28.68 -22.12 20.78
C ALA F 16 -27.94 -21.84 22.09
N TYR F 17 -27.38 -20.63 22.25
CA TYR F 17 -26.69 -20.28 23.49
C TYR F 17 -27.62 -20.22 24.68
N LEU F 18 -28.93 -20.14 24.48
CA LEU F 18 -29.86 -20.08 25.59
C LEU F 18 -29.77 -21.31 26.47
N GLU F 19 -29.74 -22.49 25.86
CA GLU F 19 -29.75 -23.74 26.60
C GLU F 19 -28.33 -24.18 27.00
N ALA F 20 -27.60 -23.26 27.62
CA ALA F 20 -26.31 -23.56 28.22
C ALA F 20 -26.49 -23.87 29.70
N ALA F 21 -25.51 -24.57 30.26
CA ALA F 21 -25.58 -24.96 31.66
C ALA F 21 -25.39 -23.75 32.55
N PRO F 22 -26.35 -23.40 33.40
CA PRO F 22 -26.13 -22.31 34.36
C PRO F 22 -24.98 -22.66 35.31
N LEU F 23 -24.19 -21.65 35.65
CA LEU F 23 -22.97 -21.89 36.40
C LEU F 23 -23.24 -22.29 37.84
N ALA F 24 -22.35 -23.12 38.39
CA ALA F 24 -22.44 -23.58 39.77
C ALA F 24 -21.12 -23.31 40.48
N GLU F 25 -21.21 -22.99 41.76
CA GLU F 25 -20.06 -22.53 42.53
C GLU F 25 -19.22 -23.72 42.99
N LEU F 26 -17.95 -23.45 43.30
CA LEU F 26 -16.97 -24.49 43.60
C LEU F 26 -16.65 -24.47 45.09
N HIS F 27 -17.02 -25.55 45.78
CA HIS F 27 -16.85 -25.59 47.24
C HIS F 27 -15.39 -25.63 47.63
N ALA F 28 -15.08 -24.98 48.75
CA ALA F 28 -13.74 -24.95 49.30
C ALA F 28 -13.68 -25.81 50.56
N PRO F 29 -12.96 -26.93 50.56
CA PRO F 29 -12.90 -27.77 51.75
C PRO F 29 -12.13 -27.11 52.88
N ALA F 30 -12.40 -27.58 54.09
CA ALA F 30 -11.67 -27.10 55.27
C ALA F 30 -10.23 -27.56 55.21
N GLY F 31 -9.33 -26.72 55.70
CA GLY F 31 -7.91 -26.99 55.70
C GLY F 31 -7.13 -26.28 54.61
N MET F 32 -7.81 -25.75 53.60
CA MET F 32 -7.17 -24.98 52.54
C MET F 32 -8.19 -24.02 51.96
N ILE F 33 -7.69 -23.01 51.24
CA ILE F 33 -8.53 -21.98 50.65
C ILE F 33 -8.20 -21.86 49.17
N LEU F 34 -9.24 -21.76 48.35
CA LEU F 34 -9.04 -21.51 46.93
C LEU F 34 -8.46 -20.11 46.74
N PRO F 35 -7.67 -19.90 45.69
CA PRO F 35 -7.06 -18.58 45.48
C PRO F 35 -8.12 -17.52 45.22
N VAL F 36 -7.79 -16.28 45.59
CA VAL F 36 -8.72 -15.19 45.45
C VAL F 36 -9.12 -15.03 43.99
N THR F 37 -10.43 -14.83 43.76
CA THR F 37 -10.92 -14.66 42.40
C THR F 37 -10.42 -13.34 41.82
N SER F 38 -9.95 -13.40 40.57
CA SER F 38 -9.48 -12.19 39.91
C SER F 38 -10.61 -11.17 39.75
N GLY F 39 -11.80 -11.63 39.40
CA GLY F 39 -12.95 -10.77 39.28
C GLY F 39 -13.07 -10.04 37.96
N ASP F 40 -12.10 -10.18 37.06
CA ASP F 40 -12.22 -9.53 35.75
C ASP F 40 -13.37 -10.13 34.95
N TYR F 41 -13.53 -11.45 35.00
CA TYR F 41 -14.66 -12.12 34.38
C TYR F 41 -15.67 -12.46 35.49
N ALA F 42 -16.46 -11.46 35.85
CA ALA F 42 -17.44 -11.59 36.92
C ALA F 42 -18.79 -11.03 36.47
N ILE F 43 -19.86 -11.71 36.84
CA ILE F 43 -21.22 -11.26 36.57
C ILE F 43 -21.95 -11.11 37.89
N PRO F 44 -22.61 -9.98 38.14
CA PRO F 44 -23.43 -9.85 39.34
C PRO F 44 -24.85 -10.36 39.09
N VAL F 45 -25.60 -10.45 40.18
CA VAL F 45 -27.01 -10.83 40.10
C VAL F 45 -27.79 -9.73 39.39
N THR F 46 -28.67 -10.12 38.48
CA THR F 46 -29.39 -9.18 37.64
C THR F 46 -30.83 -9.65 37.51
N ASN F 47 -31.74 -8.69 37.30
CA ASN F 47 -33.17 -8.96 37.29
C ASN F 47 -33.54 -9.78 36.05
N GLY F 48 -34.84 -10.06 35.91
CA GLY F 48 -35.37 -10.83 34.80
C GLY F 48 -36.48 -10.07 34.10
N SER F 49 -37.57 -10.80 33.84
CA SER F 49 -38.76 -10.23 33.19
C SER F 49 -38.45 -9.61 31.84
N GLY F 50 -37.44 -10.13 31.16
CA GLY F 50 -37.05 -9.62 29.85
C GLY F 50 -37.19 -10.65 28.75
N ALA F 51 -37.75 -10.24 27.62
CA ALA F 51 -37.88 -11.15 26.48
C ALA F 51 -36.50 -11.57 25.98
N VAL F 52 -36.36 -12.86 25.68
CA VAL F 52 -35.10 -13.41 25.21
C VAL F 52 -35.36 -14.19 23.93
N GLY F 53 -34.28 -14.44 23.18
CA GLY F 53 -34.43 -15.13 21.91
C GLY F 53 -35.17 -14.28 20.89
N LYS F 54 -35.96 -14.97 20.06
CA LYS F 54 -36.70 -14.27 19.01
C LYS F 54 -37.75 -13.33 19.58
N ALA F 55 -38.27 -13.63 20.77
CA ALA F 55 -39.23 -12.74 21.41
C ALA F 55 -38.63 -11.38 21.71
N LEU F 56 -37.31 -11.30 21.92
CA LEU F 56 -36.66 -10.02 22.16
C LEU F 56 -36.73 -9.16 20.90
N ASP F 57 -36.94 -7.87 21.09
CA ASP F 57 -37.11 -6.94 19.98
C ASP F 57 -35.81 -6.23 19.67
N ILE F 58 -35.48 -6.16 18.39
CA ILE F 58 -34.32 -5.40 17.90
C ILE F 58 -34.84 -4.44 16.84
N ARG F 59 -35.18 -3.23 17.25
CA ARG F 59 -35.51 -2.14 16.35
C ARG F 59 -34.94 -0.86 16.94
N PRO F 60 -34.51 0.08 16.11
CA PRO F 60 -33.95 1.32 16.63
C PRO F 60 -35.03 2.14 17.32
N PRO F 61 -34.86 2.44 18.60
CA PRO F 61 -35.84 3.30 19.28
C PRO F 61 -35.92 4.66 18.60
N ALA F 62 -37.14 5.15 18.46
CA ALA F 62 -37.38 6.37 17.70
C ALA F 62 -36.99 7.59 18.51
N GLN F 63 -36.03 8.35 18.01
CA GLN F 63 -35.57 9.56 18.69
C GLN F 63 -36.55 10.69 18.40
N PRO F 64 -37.24 11.22 19.40
CA PRO F 64 -38.27 12.23 19.14
C PRO F 64 -37.69 13.55 18.68
N LEU F 65 -38.49 14.28 17.91
CA LEU F 65 -38.18 15.65 17.54
C LEU F 65 -39.21 16.58 18.16
N ARG F 72 -36.37 22.76 21.63
CA ARG F 72 -36.65 21.88 22.75
C ARG F 72 -37.41 20.64 22.29
N THR F 73 -36.74 19.77 21.55
CA THR F 73 -37.33 18.53 21.06
C THR F 73 -37.46 17.55 22.22
N GLN F 74 -38.64 17.47 22.81
CA GLN F 74 -38.85 16.63 23.98
C GLN F 74 -38.69 15.16 23.62
N PHE F 75 -38.05 14.40 24.52
CA PHE F 75 -37.82 12.98 24.29
C PHE F 75 -38.03 12.15 25.55
N THR F 76 -38.62 12.71 26.61
CA THR F 76 -38.69 12.06 27.92
C THR F 76 -39.78 10.98 27.95
N GLY F 77 -39.63 10.00 27.07
CA GLY F 77 -40.45 8.80 27.11
C GLY F 77 -41.94 9.02 26.98
N ASP F 78 -42.65 8.83 28.10
CA ASP F 78 -44.12 8.92 28.10
C ASP F 78 -44.62 10.32 27.79
N THR F 79 -43.76 11.34 27.84
CA THR F 79 -44.15 12.70 27.58
C THR F 79 -43.51 13.20 26.29
N ALA F 80 -44.18 14.15 25.64
CA ALA F 80 -43.71 14.77 24.41
C ALA F 80 -43.90 16.29 24.48
N SER F 81 -43.48 16.87 25.61
CA SER F 81 -43.72 18.28 25.89
C SER F 81 -42.65 19.12 25.21
N LEU F 82 -42.89 19.45 23.94
CA LEU F 82 -42.02 20.34 23.20
C LEU F 82 -42.42 21.80 23.43
N LEU F 83 -41.47 22.69 23.17
CA LEU F 83 -41.71 24.12 23.33
C LEU F 83 -40.75 24.93 22.46
N GLU F 85 -43.01 28.31 22.69
CA GLU F 85 -42.36 29.62 22.67
C GLU F 85 -42.93 30.50 21.57
N ASN F 86 -44.15 30.19 21.13
CA ASN F 86 -44.82 30.91 20.06
C ASN F 86 -45.95 31.74 20.64
N GLY F 87 -46.02 33.01 20.24
CA GLY F 87 -47.06 33.90 20.73
C GLY F 87 -48.46 33.52 20.29
N ARG F 88 -48.58 32.76 19.20
CA ARG F 88 -49.86 32.30 18.68
C ARG F 88 -50.11 30.83 19.00
N GLY F 89 -49.70 30.39 20.20
CA GLY F 89 -49.83 28.99 20.55
C GLY F 89 -51.26 28.49 20.59
N ASN F 90 -52.20 29.35 20.99
CA ASN F 90 -53.60 28.94 21.06
C ASN F 90 -54.15 28.58 19.67
N THR F 91 -53.56 29.14 18.62
CA THR F 91 -53.99 28.84 17.25
C THR F 91 -53.53 27.46 16.78
N LEU F 92 -52.76 26.74 17.58
CA LEU F 92 -52.31 25.41 17.17
C LEU F 92 -53.41 24.36 17.29
N TRP F 93 -54.39 24.59 18.17
CA TRP F 93 -55.50 23.64 18.29
C TRP F 93 -56.33 23.53 17.01
N PRO F 94 -56.78 24.62 16.38
CA PRO F 94 -57.43 24.47 15.06
C PRO F 94 -56.50 23.86 14.04
N GLN F 95 -55.20 24.11 14.15
CA GLN F 95 -54.24 23.41 13.29
C GLN F 95 -54.30 21.91 13.53
N VAL F 96 -54.44 21.49 14.79
CA VAL F 96 -54.56 20.07 15.10
C VAL F 96 -55.85 19.51 14.52
N VAL F 97 -56.93 20.30 14.55
CA VAL F 97 -58.18 19.88 13.92
C VAL F 97 -57.98 19.69 12.42
N SER F 98 -57.23 20.60 11.80
CA SER F 98 -56.93 20.46 10.38
C SER F 98 -56.12 19.19 10.11
N VAL F 99 -55.17 18.88 11.00
CA VAL F 99 -54.42 17.63 10.89
C VAL F 99 -55.37 16.44 10.91
N LEU F 100 -56.28 16.42 11.90
CA LEU F 100 -57.22 15.31 12.01
C LEU F 100 -58.07 15.18 10.76
N ALA F 101 -58.67 14.05 10.43
CA ALA F 101 -59.56 14.00 9.22
C ALA F 101 -58.93 14.75 8.05
N GLN F 102 -59.40 15.99 7.79
CA GLN F 102 -58.89 16.80 6.66
C GLN F 102 -57.52 16.31 6.19
N LYS F 103 -56.50 16.39 7.04
CA LYS F 103 -55.13 16.02 6.59
C LYS F 103 -54.94 14.50 6.65
N ASN F 104 -55.41 13.81 7.69
CA ASN F 104 -55.12 12.35 7.76
C ASN F 104 -56.30 11.53 8.31
N TYR F 105 -57.53 11.77 7.82
CA TYR F 105 -58.64 10.89 8.21
C TYR F 105 -58.58 10.51 9.69
N THR F 106 -58.27 11.49 10.54
CA THR F 106 -58.29 11.30 11.99
C THR F 106 -59.38 12.16 12.60
N ILE F 107 -59.60 11.98 13.91
CA ILE F 107 -60.63 12.72 14.61
C ILE F 107 -60.32 12.68 16.10
N THR F 108 -60.61 13.79 16.78
CA THR F 108 -60.50 13.87 18.23
C THR F 108 -61.87 13.62 18.83
N GLN F 109 -61.92 12.73 19.82
CA GLN F 109 -63.20 12.32 20.39
C GLN F 109 -63.93 13.49 21.04
N ARG F 110 -63.21 14.27 21.85
CA ARG F 110 -63.80 15.42 22.56
C ARG F 110 -62.74 16.52 22.63
N ASP F 111 -62.80 17.45 21.69
CA ASP F 111 -61.81 18.52 21.56
C ASP F 111 -62.51 19.86 21.65
N ASP F 112 -62.29 20.59 22.73
CA ASP F 112 -62.76 21.96 22.82
C ASP F 112 -61.86 22.87 22.00
N ALA F 113 -62.43 24.00 21.55
CA ALA F 113 -61.68 24.90 20.69
C ALA F 113 -60.68 25.73 21.50
N GLY F 114 -61.18 26.56 22.42
CA GLY F 114 -60.30 27.40 23.21
C GLY F 114 -59.45 26.61 24.19
N GLN F 115 -60.04 25.59 24.82
CA GLN F 115 -59.35 24.85 25.88
C GLN F 115 -58.18 24.02 25.35
N THR F 116 -58.18 23.68 24.06
CA THR F 116 -57.14 22.84 23.46
C THR F 116 -57.00 21.53 24.23
N LEU F 117 -58.12 21.00 24.68
CA LEU F 117 -58.17 19.75 25.43
C LEU F 117 -58.88 18.71 24.59
N THR F 118 -58.16 17.67 24.17
CA THR F 118 -58.70 16.66 23.29
C THR F 118 -58.30 15.26 23.79
N THR F 119 -59.10 14.28 23.40
CA THR F 119 -58.85 12.88 23.70
C THR F 119 -58.76 12.12 22.39
N ASP F 120 -57.63 11.44 22.18
CA ASP F 120 -57.39 10.74 20.92
C ASP F 120 -58.25 9.49 20.82
N TRP F 121 -58.57 9.12 19.57
CA TRP F 121 -59.33 7.91 19.29
C TRP F 121 -58.41 6.77 18.92
N VAL F 122 -58.94 5.55 18.98
CA VAL F 122 -58.17 4.35 18.67
C VAL F 122 -57.85 4.37 17.19
N GLN F 123 -56.58 4.55 16.85
CA GLN F 123 -56.13 4.66 15.46
C GLN F 123 -55.75 3.28 14.93
N TRP F 124 -55.10 3.25 13.77
CA TRP F 124 -54.63 2.00 13.17
C TRP F 124 -53.41 2.33 12.31
N ASN F 125 -52.23 2.06 12.86
CA ASN F 125 -50.97 2.35 12.20
C ASN F 125 -50.44 1.06 11.58
N ARG F 126 -50.65 0.89 10.27
CA ARG F 126 -50.18 -0.29 9.55
C ARG F 126 -48.89 0.05 8.81
N LEU F 127 -47.84 0.29 9.59
CA LEU F 127 -46.54 0.67 9.05
C LEU F 127 -45.65 -0.57 8.90
N ASP F 128 -46.18 -1.55 8.18
CA ASP F 128 -45.48 -2.79 7.81
C ASP F 128 -44.89 -3.44 9.07
N GLU F 129 -43.81 -4.20 8.89
CA GLU F 129 -43.17 -4.96 9.98
C GLU F 129 -44.16 -5.93 10.61
N ASP F 130 -45.12 -6.38 9.81
CA ASP F 130 -46.22 -7.22 10.28
C ASP F 130 -46.91 -6.60 11.49
N GLU F 131 -46.92 -5.27 11.55
CA GLU F 131 -47.57 -4.54 12.64
C GLU F 131 -49.00 -4.26 12.22
N GLN F 132 -49.94 -4.97 12.84
CA GLN F 132 -51.34 -4.82 12.52
C GLN F 132 -51.86 -3.48 13.05
N TYR F 133 -53.17 -3.28 12.90
CA TYR F 133 -53.81 -2.05 13.35
C TYR F 133 -53.55 -1.81 14.83
N ARG F 134 -52.97 -0.66 15.14
CA ARG F 134 -52.60 -0.30 16.50
C ARG F 134 -53.50 0.84 16.97
N GLY F 135 -54.34 0.56 17.97
CA GLY F 135 -55.23 1.56 18.51
C GLY F 135 -54.63 2.31 19.67
N ARG F 136 -54.17 3.53 19.41
CA ARG F 136 -53.51 4.35 20.42
C ARG F 136 -54.42 5.49 20.83
N TYR F 137 -54.73 5.56 22.12
CA TYR F 137 -55.50 6.65 22.69
C TYR F 137 -54.58 7.59 23.46
N GLN F 138 -54.98 8.85 23.56
CA GLN F 138 -54.15 9.85 24.22
C GLN F 138 -55.01 11.03 24.61
N ILE F 139 -54.43 11.92 25.40
CA ILE F 139 -55.07 13.16 25.82
C ILE F 139 -54.25 14.31 25.27
N SER F 140 -54.87 15.16 24.46
CA SER F 140 -54.19 16.29 23.82
C SER F 140 -54.48 17.55 24.64
N VAL F 141 -53.49 17.94 25.45
CA VAL F 141 -53.57 19.16 26.26
C VAL F 141 -52.35 20.00 25.94
N LYS F 142 -52.57 21.31 25.77
CA LYS F 142 -51.49 22.23 25.43
C LYS F 142 -51.12 23.06 26.66
N PRO F 143 -50.00 22.77 27.32
CA PRO F 143 -49.60 23.58 28.48
C PRO F 143 -48.77 24.78 28.08
N GLN F 144 -48.40 25.62 29.06
CA GLN F 144 -47.58 26.79 28.82
C GLN F 144 -46.51 26.93 29.89
N GLY F 145 -45.96 25.80 30.33
CA GLY F 145 -44.95 25.82 31.38
C GLY F 145 -43.58 26.19 30.84
N TYR F 146 -42.94 27.16 31.49
CA TYR F 146 -41.57 27.58 31.19
C TYR F 146 -41.42 28.15 29.78
N GLN F 147 -42.54 28.30 29.07
CA GLN F 147 -42.53 28.80 27.70
C GLN F 147 -43.95 29.24 27.36
N GLN F 148 -44.19 29.48 26.07
CA GLN F 148 -45.53 29.78 25.59
C GLN F 148 -46.32 28.47 25.49
N ALA F 149 -47.45 28.50 24.80
CA ALA F 149 -48.30 27.33 24.69
C ALA F 149 -47.53 26.16 24.09
N VAL F 150 -47.28 25.14 24.91
CA VAL F 150 -46.49 23.99 24.51
C VAL F 150 -47.40 22.90 23.96
N THR F 151 -46.81 21.95 23.26
CA THR F 151 -47.52 20.76 22.78
C THR F 151 -47.24 19.59 23.72
N VAL F 152 -48.28 18.83 24.02
CA VAL F 152 -48.16 17.67 24.90
C VAL F 152 -49.20 16.64 24.49
N LYS F 153 -48.81 15.37 24.52
CA LYS F 153 -49.72 14.29 24.15
C LYS F 153 -49.37 13.07 25.00
N LEU F 154 -50.13 12.86 26.06
CA LEU F 154 -49.92 11.73 26.97
C LEU F 154 -50.70 10.54 26.42
N LEU F 155 -49.97 9.59 25.83
CA LEU F 155 -50.60 8.44 25.21
C LEU F 155 -51.21 7.52 26.26
N ASN F 156 -51.92 6.50 25.78
CA ASN F 156 -52.62 5.56 26.64
C ASN F 156 -52.45 4.17 26.05
N LEU F 157 -53.30 3.24 26.48
CA LEU F 157 -53.18 1.85 26.07
C LEU F 157 -53.18 1.71 24.55
N GLU F 158 -52.38 0.77 24.07
CA GLU F 158 -52.29 0.44 22.64
C GLU F 158 -52.67 -1.01 22.44
N GLN F 159 -53.28 -1.29 21.28
CA GLN F 159 -53.75 -2.64 20.98
C GLN F 159 -52.78 -3.40 20.08
N ALA F 160 -52.52 -2.87 18.89
CA ALA F 160 -51.67 -3.52 17.86
C ALA F 160 -52.31 -4.88 17.53
N GLY F 161 -51.53 -5.90 17.20
CA GLY F 161 -52.10 -7.20 16.92
C GLY F 161 -52.71 -7.85 18.14
N LYS F 162 -52.02 -7.75 19.28
CA LYS F 162 -52.48 -8.35 20.52
C LYS F 162 -53.66 -7.57 21.09
N PRO F 163 -54.41 -8.17 22.01
CA PRO F 163 -55.45 -7.39 22.72
C PRO F 163 -54.88 -6.20 23.48
N VAL F 164 -53.71 -6.35 24.09
CA VAL F 164 -53.08 -5.27 24.84
C VAL F 164 -51.62 -5.63 25.08
N ALA F 165 -50.79 -4.60 25.22
CA ALA F 165 -49.38 -4.78 25.57
C ALA F 165 -48.87 -3.46 26.14
N ASP F 166 -47.82 -3.55 26.95
CA ASP F 166 -47.23 -2.38 27.58
C ASP F 166 -45.71 -2.44 27.51
N ALA F 167 -45.16 -2.95 26.40
CA ALA F 167 -43.73 -2.86 26.20
C ALA F 167 -43.35 -1.43 25.84
N ALA F 168 -42.31 -0.93 26.50
CA ALA F 168 -41.95 0.48 26.34
C ALA F 168 -41.46 0.78 24.92
N SER F 169 -40.99 -0.23 24.19
CA SER F 169 -40.56 -0.01 22.82
C SER F 169 -41.74 0.34 21.91
N MET F 170 -42.75 -0.53 21.89
CA MET F 170 -43.92 -0.27 21.06
C MET F 170 -44.70 0.93 21.56
N GLN F 171 -44.72 1.15 22.88
CA GLN F 171 -45.33 2.35 23.43
C GLN F 171 -44.60 3.61 22.96
N ARG F 172 -43.26 3.55 22.95
CA ARG F 172 -42.48 4.68 22.47
C ARG F 172 -42.76 4.96 21.01
N TYR F 173 -42.84 3.91 20.18
CA TYR F 173 -43.17 4.11 18.78
C TYR F 173 -44.58 4.68 18.62
N SER F 174 -45.53 4.20 19.43
CA SER F 174 -46.91 4.65 19.34
C SER F 174 -47.04 6.14 19.66
N THR F 175 -46.37 6.59 20.72
CA THR F 175 -46.38 8.03 20.99
C THR F 175 -45.59 8.80 19.94
N GLU F 176 -44.51 8.19 19.43
CA GLU F 176 -43.65 8.89 18.49
C GLU F 176 -44.29 9.07 17.13
N MET F 177 -45.26 8.26 16.74
CA MET F 177 -45.92 8.52 15.46
C MET F 177 -46.65 9.86 15.49
N MET F 178 -47.40 10.11 16.55
CA MET F 178 -48.03 11.42 16.72
C MET F 178 -46.99 12.51 16.90
N ASN F 179 -45.90 12.21 17.64
CA ASN F 179 -44.85 13.19 17.83
C ASN F 179 -44.24 13.63 16.51
N VAL F 180 -43.92 12.69 15.63
CA VAL F 180 -43.29 13.03 14.35
C VAL F 180 -44.29 13.70 13.43
N ILE F 181 -45.56 13.31 13.48
CA ILE F 181 -46.58 14.03 12.71
C ILE F 181 -46.59 15.51 13.10
N SER F 182 -46.70 15.76 14.41
CA SER F 182 -46.77 17.14 14.89
C SER F 182 -45.51 17.91 14.56
N ALA F 183 -44.34 17.28 14.73
CA ALA F 183 -43.09 17.97 14.44
C ALA F 183 -42.94 18.27 12.95
N GLY F 184 -43.29 17.32 12.10
CA GLY F 184 -43.14 17.52 10.66
C GLY F 184 -44.06 18.60 10.13
N LEU F 185 -45.33 18.58 10.53
CA LEU F 185 -46.25 19.54 9.93
C LEU F 185 -46.17 20.92 10.57
N ASP F 186 -45.52 21.06 11.72
CA ASP F 186 -45.40 22.35 12.39
C ASP F 186 -44.08 22.46 13.14
N GLU G 66 -17.48 -37.28 -53.27
CA GLU G 66 -16.59 -36.62 -54.21
C GLU G 66 -15.57 -35.75 -53.49
N ALA G 67 -14.36 -35.67 -54.04
CA ALA G 67 -13.34 -34.80 -53.45
C ALA G 67 -13.76 -33.34 -53.52
N THR G 68 -14.51 -32.96 -54.56
CA THR G 68 -15.09 -31.63 -54.61
C THR G 68 -16.07 -31.42 -53.46
N ARG G 69 -16.88 -32.44 -53.15
CA ARG G 69 -17.76 -32.37 -52.01
C ARG G 69 -16.98 -32.25 -50.70
N ASN G 70 -15.85 -32.95 -50.61
CA ASN G 70 -15.00 -32.83 -49.43
C ASN G 70 -14.45 -31.41 -49.29
N ALA G 71 -14.03 -30.81 -50.41
CA ALA G 71 -13.52 -29.44 -50.37
C ALA G 71 -14.63 -28.46 -49.99
N ALA G 72 -15.85 -28.68 -50.50
CA ALA G 72 -16.97 -27.83 -50.13
C ALA G 72 -17.29 -27.95 -48.65
N ALA G 73 -17.24 -29.17 -48.12
CA ALA G 73 -17.46 -29.37 -46.69
C ALA G 73 -16.36 -28.70 -45.87
N LEU G 74 -15.12 -28.76 -46.34
CA LEU G 74 -14.03 -28.06 -45.66
C LEU G 74 -14.25 -26.56 -45.67
N PHE G 75 -14.72 -26.01 -46.79
CA PHE G 75 -15.01 -24.58 -46.85
C PHE G 75 -16.15 -24.21 -45.91
N SER G 76 -17.18 -25.04 -45.84
CA SER G 76 -18.27 -24.79 -44.90
C SER G 76 -17.78 -24.85 -43.45
N VAL G 77 -16.89 -25.80 -43.15
CA VAL G 77 -16.31 -25.89 -41.81
C VAL G 77 -15.48 -24.65 -41.50
N ASP G 78 -14.74 -24.16 -42.48
CA ASP G 78 -13.96 -22.93 -42.28
C ASP G 78 -14.88 -21.74 -42.03
N TYR G 79 -16.00 -21.67 -42.75
CA TYR G 79 -16.97 -20.60 -42.51
C TYR G 79 -17.57 -20.71 -41.11
N LYS G 80 -17.88 -21.93 -40.68
CA LYS G 80 -18.41 -22.12 -39.33
C LYS G 80 -17.38 -21.73 -38.27
N ALA G 81 -16.11 -22.06 -38.51
CA ALA G 81 -15.05 -21.65 -37.58
C ALA G 81 -14.91 -20.14 -37.53
N PHE G 82 -15.00 -19.48 -38.69
CA PHE G 82 -14.94 -18.03 -38.71
C PHE G 82 -16.11 -17.42 -37.96
N LEU G 83 -17.29 -17.99 -38.11
CA LEU G 83 -18.44 -17.52 -37.34
C LEU G 83 -18.24 -17.72 -35.85
N ASN G 84 -17.67 -18.87 -35.47
CA ASN G 84 -17.39 -19.15 -34.06
C ASN G 84 -16.33 -18.21 -33.52
N GLU G 85 -15.46 -17.73 -34.42
CA GLU G 85 -14.42 -16.76 -34.00
C GLU G 85 -15.13 -15.53 -33.43
N VAL G 86 -16.47 -15.50 -33.56
CA VAL G 86 -17.25 -14.38 -32.96
C VAL G 86 -17.42 -14.65 -31.47
N ASN G 87 -17.08 -13.68 -30.63
CA ASN G 87 -17.24 -13.85 -29.16
C ASN G 87 -18.21 -12.79 -28.65
N ASN G 88 -18.90 -13.06 -27.54
CA ASN G 88 -19.95 -12.13 -27.02
C ASN G 88 -19.35 -10.73 -26.75
N LEU G 89 -19.99 -9.67 -27.27
CA LEU G 89 -19.52 -8.33 -26.94
C LEU G 89 -19.81 -7.99 -25.48
N ASN G 90 -21.02 -8.27 -25.02
CA ASN G 90 -21.43 -7.93 -23.66
C ASN G 90 -21.06 -8.98 -22.63
N LYS G 91 -20.70 -10.19 -23.05
CA LYS G 91 -20.33 -11.25 -22.13
C LYS G 91 -18.87 -11.66 -22.28
N ARG G 92 -18.44 -12.07 -23.49
CA ARG G 92 -17.06 -12.49 -23.69
C ARG G 92 -16.12 -11.29 -23.77
N MET G 93 -16.57 -10.19 -24.37
CA MET G 93 -15.75 -9.00 -24.53
C MET G 93 -16.00 -7.96 -23.45
N GLY G 94 -16.79 -8.30 -22.43
CA GLY G 94 -17.07 -7.36 -21.36
C GLY G 94 -18.24 -6.45 -21.66
N ASP G 95 -19.21 -6.40 -20.75
CA ASP G 95 -20.41 -5.61 -20.98
C ASP G 95 -20.09 -4.12 -21.04
N LEU G 96 -20.69 -3.43 -22.00
CA LEU G 96 -20.59 -1.98 -22.04
C LEU G 96 -21.53 -1.33 -21.03
N ARG G 97 -22.53 -2.08 -20.57
CA ARG G 97 -23.49 -1.61 -19.59
C ARG G 97 -23.31 -2.37 -18.28
N ASP G 98 -23.34 -1.65 -17.16
CA ASP G 98 -23.19 -2.22 -15.82
C ASP G 98 -21.82 -2.84 -15.62
N ILE G 99 -20.79 -2.22 -16.22
CA ILE G 99 -19.40 -2.64 -16.01
C ILE G 99 -18.53 -1.39 -15.90
N ASN G 100 -18.14 -1.05 -14.68
CA ASN G 100 -17.35 0.15 -14.42
C ASN G 100 -15.86 -0.12 -14.36
N GLY G 101 -15.37 -1.11 -15.10
CA GLY G 101 -13.97 -1.42 -15.10
C GLY G 101 -13.18 -0.59 -16.10
N GLU G 102 -12.54 0.47 -15.62
CA GLU G 102 -11.80 1.35 -16.51
C GLU G 102 -10.64 0.63 -17.17
N ALA G 103 -9.78 0.01 -16.37
CA ALA G 103 -8.61 -0.69 -16.88
C ALA G 103 -8.44 -2.01 -16.14
N GLY G 104 -8.19 -3.08 -16.86
CA GLY G 104 -7.98 -4.37 -16.24
C GLY G 104 -7.84 -5.47 -17.27
N ALA G 105 -7.43 -6.63 -16.80
CA ALA G 105 -7.27 -7.81 -17.63
C ALA G 105 -8.51 -8.70 -17.52
N TRP G 106 -8.70 -9.53 -18.55
CA TRP G 106 -9.85 -10.41 -18.61
C TRP G 106 -9.53 -11.60 -19.49
N ALA G 107 -10.37 -12.63 -19.40
CA ALA G 107 -10.20 -13.84 -20.19
C ALA G 107 -11.54 -14.56 -20.27
N ARG G 108 -11.62 -15.50 -21.22
CA ARG G 108 -12.82 -16.31 -21.42
C ARG G 108 -12.44 -17.52 -22.24
N ILE G 109 -12.75 -18.71 -21.73
CA ILE G 109 -12.47 -19.96 -22.41
C ILE G 109 -13.77 -20.76 -22.52
N MET G 110 -14.03 -21.32 -23.69
CA MET G 110 -15.25 -22.08 -23.92
C MET G 110 -14.94 -23.21 -24.90
N SER G 111 -15.95 -24.03 -25.14
CA SER G 111 -15.84 -25.14 -26.09
C SER G 111 -17.15 -25.27 -26.85
N GLY G 112 -17.06 -25.83 -28.05
CA GLY G 112 -18.23 -26.01 -28.88
C GLY G 112 -18.17 -27.33 -29.62
N THR G 113 -19.34 -27.73 -30.14
CA THR G 113 -19.45 -28.94 -30.92
C THR G 113 -20.64 -28.79 -31.86
N GLY G 114 -20.53 -29.41 -33.02
CA GLY G 114 -21.59 -29.29 -34.02
C GLY G 114 -21.44 -30.35 -35.08
N SER G 115 -22.35 -30.33 -36.03
CA SER G 115 -22.36 -31.32 -37.09
C SER G 115 -23.16 -30.77 -38.27
N ALA G 116 -23.25 -31.58 -39.32
CA ALA G 116 -24.03 -31.24 -40.50
C ALA G 116 -24.54 -32.55 -41.11
N SER G 117 -25.07 -32.48 -42.32
CA SER G 117 -25.59 -33.66 -42.99
C SER G 117 -24.44 -34.52 -43.52
N GLY G 118 -24.75 -35.80 -43.71
CA GLY G 118 -23.77 -36.72 -44.26
C GLY G 118 -22.67 -37.16 -43.34
N GLY G 119 -22.87 -37.04 -42.03
CA GLY G 119 -21.89 -37.51 -41.05
C GLY G 119 -20.83 -36.49 -40.68
N PHE G 120 -20.82 -35.32 -41.30
CA PHE G 120 -19.85 -34.29 -40.93
C PHE G 120 -20.10 -33.80 -39.51
N SER G 121 -19.04 -33.66 -38.74
CA SER G 121 -19.15 -33.19 -37.37
C SER G 121 -17.81 -32.61 -36.94
N ASP G 122 -17.83 -31.85 -35.84
CA ASP G 122 -16.62 -31.20 -35.35
C ASP G 122 -16.80 -30.85 -33.88
N ASN G 123 -15.66 -30.78 -33.19
CA ASN G 123 -15.60 -30.37 -31.79
C ASN G 123 -14.36 -29.51 -31.58
N TYR G 124 -14.51 -28.41 -30.85
CA TYR G 124 -13.45 -27.41 -30.74
C TYR G 124 -13.44 -26.83 -29.34
N THR G 125 -12.27 -26.30 -28.97
CA THR G 125 -12.08 -25.53 -27.74
C THR G 125 -11.39 -24.22 -28.09
N HIS G 126 -11.95 -23.10 -27.63
CA HIS G 126 -11.43 -21.78 -27.96
C HIS G 126 -11.26 -20.99 -26.67
N VAL G 127 -10.07 -20.44 -26.47
CA VAL G 127 -9.73 -19.69 -25.27
C VAL G 127 -9.11 -18.36 -25.69
N GLN G 128 -9.55 -17.27 -25.05
CA GLN G 128 -9.03 -15.94 -25.34
C GLN G 128 -8.75 -15.22 -24.03
N VAL G 129 -7.81 -14.27 -24.09
CA VAL G 129 -7.49 -13.42 -22.95
C VAL G 129 -7.12 -12.04 -23.48
N GLY G 130 -6.88 -11.09 -22.58
CA GLY G 130 -6.45 -9.77 -22.99
C GLY G 130 -6.59 -8.77 -21.87
N VAL G 131 -6.43 -7.50 -22.25
CA VAL G 131 -6.51 -6.38 -21.32
C VAL G 131 -7.29 -5.25 -21.98
N ASP G 132 -7.72 -4.29 -21.17
CA ASP G 132 -8.51 -3.18 -21.69
C ASP G 132 -8.33 -1.95 -20.81
N LYS G 133 -8.49 -0.79 -21.43
CA LYS G 133 -8.45 0.50 -20.76
C LYS G 133 -9.65 1.34 -21.19
N LYS G 134 -10.19 2.11 -20.26
CA LYS G 134 -11.41 2.85 -20.51
C LYS G 134 -11.47 4.07 -19.60
N HIS G 135 -12.33 5.01 -19.97
CA HIS G 135 -12.59 6.20 -19.17
C HIS G 135 -13.95 6.75 -19.56
N GLU G 136 -14.51 7.54 -18.66
CA GLU G 136 -15.83 8.12 -18.88
C GLU G 136 -15.70 9.47 -19.58
N LEU G 137 -16.85 10.06 -19.91
CA LEU G 137 -16.89 11.34 -20.60
C LEU G 137 -18.18 12.05 -20.19
N ASP G 138 -18.56 13.09 -20.95
CA ASP G 138 -19.78 13.83 -20.68
C ASP G 138 -20.96 12.99 -21.15
N GLY G 139 -21.34 12.03 -20.31
CA GLY G 139 -22.43 11.13 -20.63
C GLY G 139 -22.07 9.94 -21.49
N LEU G 140 -20.79 9.69 -21.71
CA LEU G 140 -20.33 8.55 -22.50
C LEU G 140 -19.18 7.85 -21.79
N ASP G 141 -19.05 6.55 -22.05
CA ASP G 141 -18.03 5.71 -21.44
C ASP G 141 -17.20 5.05 -22.53
N LEU G 142 -16.15 5.73 -22.97
CA LEU G 142 -15.26 5.18 -23.98
C LEU G 142 -14.46 4.02 -23.42
N PHE G 143 -14.18 3.02 -24.25
CA PHE G 143 -13.43 1.84 -23.82
C PHE G 143 -12.75 1.22 -25.03
N THR G 144 -11.54 0.69 -24.80
CA THR G 144 -10.82 -0.02 -25.84
C THR G 144 -9.96 -1.08 -25.16
N GLY G 145 -9.33 -1.93 -25.96
CA GLY G 145 -8.45 -2.94 -25.40
C GLY G 145 -7.88 -3.84 -26.47
N PHE G 146 -7.01 -4.74 -26.02
CA PHE G 146 -6.36 -5.71 -26.89
C PHE G 146 -6.56 -7.11 -26.33
N THR G 147 -6.47 -8.11 -27.20
CA THR G 147 -6.74 -9.47 -26.81
C THR G 147 -6.01 -10.43 -27.73
N VAL G 148 -5.89 -11.68 -27.27
CA VAL G 148 -5.39 -12.78 -28.08
C VAL G 148 -6.33 -13.96 -27.89
N THR G 149 -6.33 -14.86 -28.88
CA THR G 149 -7.24 -15.99 -28.86
C THR G 149 -6.58 -17.18 -29.54
N HIS G 150 -7.09 -18.37 -29.22
CA HIS G 150 -6.62 -19.61 -29.82
C HIS G 150 -7.76 -20.60 -29.83
N THR G 151 -8.08 -21.14 -31.02
CA THR G 151 -9.17 -22.08 -31.19
C THR G 151 -8.63 -23.34 -31.86
N ASP G 152 -8.66 -24.45 -31.14
CA ASP G 152 -8.29 -25.75 -31.69
C ASP G 152 -9.55 -26.54 -31.99
N SER G 153 -9.53 -27.32 -33.05
CA SER G 153 -10.72 -28.04 -33.49
C SER G 153 -10.34 -29.35 -34.13
N SER G 154 -11.25 -30.31 -34.06
CA SER G 154 -11.11 -31.59 -34.74
C SER G 154 -12.44 -31.93 -35.39
N ALA G 155 -12.39 -32.21 -36.69
CA ALA G 155 -13.59 -32.48 -37.48
C ALA G 155 -13.49 -33.87 -38.09
N SER G 156 -14.59 -34.62 -38.01
CA SER G 156 -14.69 -35.97 -38.55
C SER G 156 -15.76 -36.01 -39.62
N ALA G 157 -15.43 -36.67 -40.74
CA ALA G 157 -16.35 -36.84 -41.85
C ALA G 157 -16.20 -38.25 -42.40
N ASP G 158 -16.92 -38.54 -43.48
CA ASP G 158 -16.87 -39.88 -44.05
C ASP G 158 -15.48 -40.22 -44.59
N VAL G 159 -14.84 -39.27 -45.28
CA VAL G 159 -13.54 -39.52 -45.89
C VAL G 159 -12.57 -38.41 -45.55
N PHE G 160 -12.91 -37.56 -44.58
CA PHE G 160 -12.07 -36.43 -44.21
C PHE G 160 -12.00 -36.32 -42.71
N SER G 161 -10.78 -36.24 -42.17
CA SER G 161 -10.57 -36.03 -40.74
C SER G 161 -9.53 -34.95 -40.56
N GLY G 162 -9.92 -33.81 -39.99
CA GLY G 162 -9.06 -32.66 -39.89
C GLY G 162 -8.81 -32.25 -38.46
N LYS G 163 -7.60 -31.76 -38.20
CA LYS G 163 -7.21 -31.18 -36.91
C LYS G 163 -6.65 -29.79 -37.19
N THR G 164 -7.39 -28.76 -36.79
CA THR G 164 -7.08 -27.38 -37.12
C THR G 164 -6.77 -26.58 -35.87
N LYS G 165 -5.92 -25.57 -36.03
CA LYS G 165 -5.57 -24.65 -34.95
C LYS G 165 -5.49 -23.25 -35.53
N SER G 166 -6.30 -22.33 -34.99
CA SER G 166 -6.29 -20.94 -35.40
C SER G 166 -5.94 -20.10 -34.16
N VAL G 167 -4.70 -19.64 -34.09
CA VAL G 167 -4.22 -18.83 -32.98
C VAL G 167 -3.85 -17.45 -33.51
N GLY G 168 -4.22 -16.41 -32.78
CA GLY G 168 -3.95 -15.06 -33.24
C GLY G 168 -4.27 -14.04 -32.17
N ALA G 169 -4.34 -12.79 -32.59
CA ALA G 169 -4.56 -11.68 -31.67
C ALA G 169 -5.19 -10.52 -32.42
N GLY G 170 -5.72 -9.58 -31.65
CA GLY G 170 -6.35 -8.41 -32.22
C GLY G 170 -6.70 -7.39 -31.16
N LEU G 171 -7.55 -6.44 -31.55
CA LEU G 171 -7.96 -5.35 -30.68
C LEU G 171 -9.47 -5.14 -30.79
N TYR G 172 -10.04 -4.52 -29.76
CA TYR G 172 -11.46 -4.30 -29.68
C TYR G 172 -11.74 -2.94 -29.05
N ALA G 173 -12.94 -2.43 -29.30
CA ALA G 173 -13.43 -1.19 -28.72
C ALA G 173 -14.86 -1.39 -28.25
N SER G 174 -15.27 -0.58 -27.27
CA SER G 174 -16.59 -0.70 -26.67
C SER G 174 -16.93 0.59 -25.95
N ALA G 175 -18.06 1.19 -26.28
CA ALA G 175 -18.52 2.41 -25.66
C ALA G 175 -19.99 2.31 -25.32
N MET G 176 -20.42 3.06 -24.31
CA MET G 176 -21.81 3.08 -23.90
C MET G 176 -22.08 4.39 -23.17
N PHE G 177 -23.37 4.70 -23.03
CA PHE G 177 -23.82 5.96 -22.44
C PHE G 177 -24.88 5.68 -21.39
N ASP G 178 -25.43 6.75 -20.82
CA ASP G 178 -26.52 6.66 -19.87
C ASP G 178 -27.88 6.65 -20.55
N SER G 179 -27.92 6.75 -21.88
CA SER G 179 -29.17 6.75 -22.63
C SER G 179 -29.60 5.35 -23.07
N GLY G 180 -28.82 4.32 -22.74
CA GLY G 180 -29.18 2.96 -23.08
C GLY G 180 -28.72 2.48 -24.44
N ALA G 181 -27.59 2.98 -24.95
CA ALA G 181 -27.06 2.56 -26.24
C ALA G 181 -25.58 2.21 -26.07
N TYR G 182 -25.19 1.06 -26.61
CA TYR G 182 -23.81 0.61 -26.57
C TYR G 182 -23.36 0.21 -27.97
N ILE G 183 -22.13 0.56 -28.30
CA ILE G 183 -21.51 0.21 -29.58
C ILE G 183 -20.21 -0.52 -29.31
N ASP G 184 -20.06 -1.70 -29.88
CA ASP G 184 -18.89 -2.53 -29.65
C ASP G 184 -18.33 -2.99 -30.99
N LEU G 185 -17.05 -3.38 -30.97
CA LEU G 185 -16.40 -3.90 -32.16
C LEU G 185 -15.17 -4.68 -31.73
N ILE G 186 -14.84 -5.71 -32.50
CA ILE G 186 -13.65 -6.51 -32.28
C ILE G 186 -12.99 -6.75 -33.63
N GLY G 187 -11.72 -7.14 -33.59
CA GLY G 187 -11.04 -7.52 -34.82
C GLY G 187 -9.70 -8.16 -34.57
N LYS G 188 -9.46 -9.32 -35.18
CA LYS G 188 -8.25 -10.07 -34.89
C LYS G 188 -7.79 -10.81 -36.14
N TYR G 189 -6.49 -11.11 -36.17
CA TYR G 189 -5.88 -11.94 -37.18
C TYR G 189 -5.33 -13.20 -36.52
N VAL G 190 -5.59 -14.35 -37.14
CA VAL G 190 -5.13 -15.64 -36.66
C VAL G 190 -4.41 -16.36 -37.78
N HIS G 191 -3.77 -17.47 -37.44
CA HIS G 191 -3.06 -18.31 -38.39
C HIS G 191 -3.66 -19.71 -38.33
N HIS G 192 -4.58 -20.01 -39.25
CA HIS G 192 -5.25 -21.30 -39.27
C HIS G 192 -4.37 -22.32 -39.98
N ASP G 193 -3.93 -23.33 -39.24
CA ASP G 193 -3.16 -24.43 -39.81
C ASP G 193 -3.86 -25.74 -39.45
N ASN G 194 -4.12 -26.56 -40.46
CA ASN G 194 -4.91 -27.78 -40.27
C ASN G 194 -4.25 -28.95 -40.97
N GLU G 195 -4.10 -30.05 -40.23
CA GLU G 195 -3.66 -31.33 -40.79
C GLU G 195 -4.89 -32.17 -41.07
N TYR G 196 -5.14 -32.43 -42.36
CA TYR G 196 -6.34 -33.13 -42.79
C TYR G 196 -5.94 -34.41 -43.52
N THR G 197 -6.56 -35.52 -43.12
CA THR G 197 -6.42 -36.79 -43.80
C THR G 197 -7.65 -37.03 -44.66
N ALA G 198 -7.45 -37.15 -45.97
CA ALA G 198 -8.53 -37.32 -46.92
C ALA G 198 -8.12 -38.34 -47.98
N THR G 199 -9.07 -39.19 -48.36
CA THR G 199 -8.84 -40.22 -49.37
C THR G 199 -9.27 -39.78 -50.77
N PHE G 200 -10.47 -39.22 -50.90
CA PHE G 200 -10.94 -38.73 -52.19
C PHE G 200 -10.05 -37.60 -52.69
N ALA G 201 -9.65 -37.67 -53.95
CA ALA G 201 -8.75 -36.75 -54.61
C ALA G 201 -7.29 -36.99 -54.26
N GLY G 202 -6.97 -38.04 -53.50
CA GLY G 202 -5.60 -38.32 -53.14
C GLY G 202 -4.94 -37.23 -52.32
N LEU G 203 -5.67 -36.67 -51.35
CA LEU G 203 -5.11 -35.61 -50.53
C LEU G 203 -4.09 -36.14 -49.53
N GLY G 204 -4.30 -37.34 -49.01
CA GLY G 204 -3.41 -37.85 -47.99
C GLY G 204 -3.55 -37.05 -46.71
N THR G 205 -2.43 -36.89 -46.00
CA THR G 205 -2.36 -36.08 -44.78
C THR G 205 -1.64 -34.79 -45.15
N ARG G 206 -2.41 -33.72 -45.34
CA ARG G 206 -1.88 -32.45 -45.82
C ARG G 206 -2.06 -31.36 -44.75
N ASP G 207 -1.09 -30.44 -44.71
CA ASP G 207 -1.09 -29.36 -43.74
C ASP G 207 -1.36 -28.05 -44.48
N TYR G 208 -2.61 -27.60 -44.43
CA TYR G 208 -3.02 -26.33 -45.03
C TYR G 208 -2.92 -25.24 -43.98
N SER G 209 -2.01 -24.29 -44.19
CA SER G 209 -1.77 -23.22 -43.22
C SER G 209 -1.84 -21.87 -43.93
N THR G 210 -2.62 -20.95 -43.37
CA THR G 210 -2.76 -19.62 -43.94
C THR G 210 -3.28 -18.66 -42.87
N HIS G 211 -2.99 -17.39 -43.06
CA HIS G 211 -3.47 -16.36 -42.15
C HIS G 211 -4.92 -16.02 -42.46
N SER G 212 -5.55 -15.31 -41.52
CA SER G 212 -6.97 -14.93 -41.67
C SER G 212 -7.24 -13.77 -40.73
N TRP G 213 -7.60 -12.62 -41.29
CA TRP G 213 -7.89 -11.42 -40.52
C TRP G 213 -9.37 -11.08 -40.66
N TYR G 214 -10.06 -10.95 -39.54
N TYR G 214 -10.06 -10.95 -39.54
CA TYR G 214 -11.50 -10.68 -39.56
CA TYR G 214 -11.50 -10.68 -39.56
C TYR G 214 -11.85 -9.71 -38.45
C TYR G 214 -11.85 -9.71 -38.45
N ALA G 215 -12.75 -8.76 -38.76
CA ALA G 215 -13.18 -7.77 -37.80
C ALA G 215 -14.69 -7.57 -37.93
N GLY G 216 -15.36 -7.40 -36.78
CA GLY G 216 -16.78 -7.18 -36.76
C GLY G 216 -17.15 -6.03 -35.84
N ALA G 217 -18.36 -5.51 -36.05
CA ALA G 217 -18.92 -4.45 -35.24
C ALA G 217 -20.36 -4.82 -34.88
N GLU G 218 -20.87 -4.16 -33.83
CA GLU G 218 -22.20 -4.45 -33.33
C GLU G 218 -22.70 -3.27 -32.52
N ALA G 219 -24.03 -3.16 -32.45
CA ALA G 219 -24.69 -2.12 -31.69
C ALA G 219 -25.88 -2.72 -30.96
N GLY G 220 -26.00 -2.39 -29.66
CA GLY G 220 -27.09 -2.88 -28.86
C GLY G 220 -27.72 -1.77 -28.04
N TYR G 221 -28.96 -2.02 -27.60
CA TYR G 221 -29.70 -1.05 -26.79
C TYR G 221 -30.42 -1.80 -25.68
N ARG G 222 -29.75 -1.94 -24.53
CA ARG G 222 -30.30 -2.66 -23.39
C ARG G 222 -31.18 -1.71 -22.59
N TYR G 223 -32.36 -1.43 -23.13
CA TYR G 223 -33.32 -0.55 -22.48
C TYR G 223 -33.92 -1.22 -21.25
N HIS G 224 -34.28 -0.41 -20.27
CA HIS G 224 -34.82 -0.92 -19.01
C HIS G 224 -36.26 -1.38 -19.17
N VAL G 225 -36.46 -2.66 -19.46
CA VAL G 225 -37.81 -3.20 -19.58
C VAL G 225 -38.54 -3.11 -18.25
N THR G 226 -37.86 -3.45 -17.17
CA THR G 226 -38.45 -3.40 -15.83
C THR G 226 -37.31 -3.25 -14.83
N GLU G 227 -37.64 -3.40 -13.55
CA GLU G 227 -36.63 -3.29 -12.50
C GLU G 227 -35.81 -4.56 -12.34
N ASP G 228 -36.25 -5.68 -12.91
CA ASP G 228 -35.54 -6.94 -12.80
C ASP G 228 -35.08 -7.48 -14.16
N ALA G 229 -35.17 -6.67 -15.22
CA ALA G 229 -34.73 -7.10 -16.54
C ALA G 229 -34.48 -5.88 -17.41
N TRP G 230 -33.66 -6.08 -18.44
CA TRP G 230 -33.37 -5.05 -19.42
C TRP G 230 -33.54 -5.63 -20.81
N ILE G 231 -34.31 -4.95 -21.67
CA ILE G 231 -34.57 -5.41 -23.02
C ILE G 231 -33.51 -4.84 -23.96
N GLU G 232 -32.81 -5.73 -24.65
CA GLU G 232 -31.69 -5.35 -25.51
C GLU G 232 -31.93 -5.84 -26.93
N PRO G 233 -32.23 -4.95 -27.87
CA PRO G 233 -32.14 -5.31 -29.29
C PRO G 233 -30.76 -4.93 -29.82
N GLN G 234 -30.20 -5.78 -30.68
CA GLN G 234 -28.85 -5.56 -31.15
C GLN G 234 -28.68 -6.13 -32.55
N ALA G 235 -27.67 -5.61 -33.24
CA ALA G 235 -27.31 -6.07 -34.57
C ALA G 235 -25.79 -6.09 -34.67
N GLU G 236 -25.29 -6.85 -35.64
CA GLU G 236 -23.86 -6.99 -35.83
C GLU G 236 -23.57 -7.29 -37.29
N LEU G 237 -22.35 -6.96 -37.71
CA LEU G 237 -21.87 -7.23 -39.06
C LEU G 237 -20.36 -7.35 -39.01
N VAL G 238 -19.83 -8.37 -39.69
CA VAL G 238 -18.41 -8.69 -39.63
C VAL G 238 -17.91 -9.00 -41.03
N TYR G 239 -16.68 -8.58 -41.31
CA TYR G 239 -16.00 -8.85 -42.58
C TYR G 239 -14.66 -9.49 -42.30
N GLY G 240 -14.35 -10.57 -43.02
CA GLY G 240 -13.09 -11.27 -42.84
C GLY G 240 -12.49 -11.77 -44.12
N SER G 241 -11.16 -11.82 -44.19
CA SER G 241 -10.43 -12.27 -45.38
C SER G 241 -9.37 -13.28 -44.98
N VAL G 242 -9.25 -14.34 -45.78
CA VAL G 242 -8.31 -15.42 -45.52
C VAL G 242 -7.81 -15.95 -46.85
N SER G 243 -6.54 -16.34 -46.88
CA SER G 243 -5.97 -16.95 -48.07
C SER G 243 -6.55 -18.33 -48.30
N GLY G 244 -6.61 -18.72 -49.57
CA GLY G 244 -7.16 -20.01 -49.95
C GLY G 244 -6.22 -21.16 -49.68
N LYS G 245 -6.70 -22.36 -49.97
CA LYS G 245 -5.94 -23.60 -49.79
C LYS G 245 -5.49 -24.08 -51.17
N GLN G 246 -4.26 -23.76 -51.53
CA GLN G 246 -3.69 -24.11 -52.84
C GLN G 246 -2.72 -25.25 -52.67
N PHE G 247 -3.02 -26.38 -53.31
CA PHE G 247 -2.16 -27.56 -53.25
C PHE G 247 -2.43 -28.41 -54.47
N ALA G 248 -1.52 -29.33 -54.74
CA ALA G 248 -1.60 -30.21 -55.90
C ALA G 248 -2.07 -31.59 -55.47
N TRP G 249 -2.97 -32.17 -56.27
CA TRP G 249 -3.48 -33.52 -56.04
C TRP G 249 -2.80 -34.55 -56.92
N LYS G 250 -1.50 -34.38 -57.18
CA LYS G 250 -0.75 -35.32 -58.00
C LYS G 250 -0.62 -36.69 -57.36
N ASP G 251 -0.91 -36.81 -56.06
CA ASP G 251 -0.85 -38.12 -55.41
C ASP G 251 -1.96 -39.04 -55.90
N GLN G 252 -3.00 -38.49 -56.51
CA GLN G 252 -4.10 -39.28 -57.02
C GLN G 252 -3.85 -39.82 -58.43
N GLY G 253 -2.72 -39.49 -59.03
CA GLY G 253 -2.40 -39.94 -60.38
C GLY G 253 -2.63 -38.87 -61.42
N MET G 254 -3.74 -38.14 -61.28
CA MET G 254 -4.03 -37.01 -62.14
C MET G 254 -3.60 -35.72 -61.47
N HIS G 255 -3.45 -34.67 -62.28
CA HIS G 255 -3.05 -33.37 -61.75
C HIS G 255 -4.05 -32.87 -60.72
N LEU G 256 -5.27 -32.59 -61.16
CA LEU G 256 -6.38 -32.17 -60.29
C LEU G 256 -5.96 -31.03 -59.37
N SER G 257 -5.58 -29.92 -59.98
CA SER G 257 -5.14 -28.76 -59.21
C SER G 257 -6.28 -28.22 -58.36
N MET G 258 -6.02 -28.08 -57.06
CA MET G 258 -7.01 -27.60 -56.10
C MET G 258 -6.52 -26.30 -55.50
N LYS G 259 -7.25 -25.22 -55.74
CA LYS G 259 -6.89 -23.90 -55.21
C LYS G 259 -8.15 -23.08 -55.06
N ASP G 260 -8.04 -22.02 -54.27
CA ASP G 260 -9.16 -21.13 -54.00
C ASP G 260 -8.71 -19.68 -54.13
N LYS G 261 -9.68 -18.82 -54.44
CA LYS G 261 -9.41 -17.39 -54.56
C LYS G 261 -9.32 -16.77 -53.17
N ASP G 262 -9.07 -15.46 -53.12
CA ASP G 262 -8.97 -14.75 -51.85
C ASP G 262 -10.36 -14.66 -51.23
N TYR G 263 -10.64 -15.55 -50.30
CA TYR G 263 -11.94 -15.57 -49.65
C TYR G 263 -12.11 -14.32 -48.78
N ASN G 264 -13.23 -13.63 -48.95
CA ASN G 264 -13.55 -12.43 -48.20
C ASN G 264 -14.98 -12.53 -47.66
N PRO G 265 -15.26 -13.51 -46.80
CA PRO G 265 -16.62 -13.68 -46.30
C PRO G 265 -17.02 -12.55 -45.36
N LEU G 266 -18.32 -12.26 -45.36
CA LEU G 266 -18.93 -11.31 -44.43
C LEU G 266 -20.25 -11.88 -43.94
N ILE G 267 -20.62 -11.52 -42.72
CA ILE G 267 -21.81 -12.08 -42.09
C ILE G 267 -22.43 -11.03 -41.18
N GLY G 268 -23.75 -10.83 -41.31
CA GLY G 268 -24.51 -10.00 -40.41
C GLY G 268 -25.43 -10.85 -39.54
N ARG G 269 -25.97 -10.21 -38.51
CA ARG G 269 -26.82 -10.92 -37.56
C ARG G 269 -27.67 -9.91 -36.80
N THR G 270 -28.88 -10.34 -36.43
CA THR G 270 -29.79 -9.53 -35.64
C THR G 270 -30.29 -10.36 -34.46
N GLY G 271 -30.16 -9.82 -33.25
CA GLY G 271 -30.56 -10.57 -32.07
C GLY G 271 -31.21 -9.72 -30.99
N VAL G 272 -32.27 -10.26 -30.39
CA VAL G 272 -32.96 -9.60 -29.30
C VAL G 272 -32.83 -10.46 -28.05
N ASP G 273 -32.79 -9.79 -26.90
CA ASP G 273 -32.58 -10.50 -25.64
C ASP G 273 -33.19 -9.69 -24.51
N VAL G 274 -33.36 -10.36 -23.37
CA VAL G 274 -33.76 -9.74 -22.11
C VAL G 274 -32.84 -10.28 -21.03
N GLY G 275 -32.25 -9.38 -20.25
CA GLY G 275 -31.29 -9.77 -19.24
C GLY G 275 -31.72 -9.42 -17.83
N LYS G 276 -31.73 -10.42 -16.94
CA LYS G 276 -32.14 -10.21 -15.55
C LYS G 276 -30.97 -9.67 -14.75
N SER G 277 -31.04 -8.39 -14.38
CA SER G 277 -29.98 -7.75 -13.59
C SER G 277 -30.21 -8.03 -12.11
N PHE G 278 -30.10 -9.31 -11.75
CA PHE G 278 -30.30 -9.74 -10.38
C PHE G 278 -29.09 -9.41 -9.53
N SER G 279 -29.34 -9.12 -8.26
CA SER G 279 -28.29 -8.77 -7.31
C SER G 279 -28.73 -9.20 -5.92
N GLY G 280 -28.08 -8.64 -4.89
CA GLY G 280 -28.41 -8.93 -3.51
C GLY G 280 -27.66 -10.09 -2.89
N LYS G 281 -26.78 -10.74 -3.64
CA LYS G 281 -25.96 -11.86 -3.16
C LYS G 281 -26.82 -13.08 -2.88
N ASP G 282 -28.14 -12.95 -3.03
CA ASP G 282 -29.05 -14.08 -2.95
C ASP G 282 -29.54 -14.53 -4.32
N TRP G 283 -29.78 -13.58 -5.23
CA TRP G 283 -30.02 -13.93 -6.63
C TRP G 283 -28.73 -13.84 -7.43
N LYS G 284 -28.14 -12.64 -7.49
CA LYS G 284 -26.82 -12.38 -8.08
C LYS G 284 -26.56 -13.20 -9.34
N VAL G 285 -27.56 -13.28 -10.22
CA VAL G 285 -27.44 -14.09 -11.43
C VAL G 285 -27.43 -13.19 -12.65
N THR G 286 -27.20 -13.77 -13.83
CA THR G 286 -27.19 -13.06 -15.09
C THR G 286 -28.12 -13.75 -16.09
N ALA G 287 -29.33 -14.05 -15.63
CA ALA G 287 -30.29 -14.75 -16.47
C ALA G 287 -30.63 -13.92 -17.70
N ARG G 288 -30.62 -14.57 -18.87
CA ARG G 288 -30.91 -13.90 -20.13
C ARG G 288 -31.68 -14.85 -21.03
N ALA G 289 -32.57 -14.27 -21.84
CA ALA G 289 -33.40 -15.02 -22.77
C ALA G 289 -33.49 -14.23 -24.07
N GLY G 290 -34.01 -14.88 -25.11
CA GLY G 290 -34.18 -14.21 -26.39
C GLY G 290 -33.88 -15.09 -27.59
N LEU G 291 -33.52 -14.46 -28.71
CA LEU G 291 -33.24 -15.21 -29.92
C LEU G 291 -32.51 -14.31 -30.92
N GLY G 292 -31.75 -14.94 -31.80
CA GLY G 292 -30.99 -14.20 -32.80
C GLY G 292 -30.85 -15.01 -34.07
N TYR G 293 -30.78 -14.31 -35.20
CA TYR G 293 -30.65 -14.92 -36.51
C TYR G 293 -29.43 -14.34 -37.22
N GLN G 294 -28.60 -15.21 -37.77
CA GLN G 294 -27.38 -14.83 -38.46
C GLN G 294 -27.47 -15.20 -39.93
N PHE G 295 -27.23 -14.23 -40.80
CA PHE G 295 -27.26 -14.41 -42.25
C PHE G 295 -25.95 -13.93 -42.84
N ASP G 296 -25.35 -14.73 -43.72
CA ASP G 296 -24.07 -14.36 -44.31
C ASP G 296 -24.23 -13.12 -45.19
N LEU G 297 -23.43 -12.09 -44.89
CA LEU G 297 -23.43 -10.88 -45.69
C LEU G 297 -22.68 -11.06 -47.00
N LEU G 298 -21.63 -11.88 -47.00
CA LEU G 298 -20.87 -12.16 -48.23
C LEU G 298 -20.34 -13.58 -48.16
N ALA G 299 -20.50 -14.31 -49.26
CA ALA G 299 -19.98 -15.68 -49.39
C ALA G 299 -19.24 -15.74 -50.72
N ASN G 300 -17.95 -15.41 -50.70
CA ASN G 300 -17.12 -15.35 -51.89
C ASN G 300 -16.00 -16.39 -51.83
N GLY G 301 -16.30 -17.55 -51.26
CA GLY G 301 -15.32 -18.61 -51.18
C GLY G 301 -15.21 -19.42 -52.46
N GLU G 302 -14.62 -18.81 -53.49
CA GLU G 302 -14.49 -19.47 -54.78
C GLU G 302 -13.27 -20.38 -54.80
N THR G 303 -13.44 -21.59 -55.32
CA THR G 303 -12.36 -22.55 -55.46
C THR G 303 -12.42 -23.19 -56.84
N VAL G 304 -11.28 -23.70 -57.30
CA VAL G 304 -11.14 -24.27 -58.63
C VAL G 304 -10.60 -25.69 -58.50
N LEU G 305 -11.25 -26.63 -59.19
CA LEU G 305 -10.82 -28.01 -59.22
C LEU G 305 -10.69 -28.48 -60.66
N ARG G 306 -9.79 -29.43 -60.89
CA ARG G 306 -9.49 -29.92 -62.23
C ARG G 306 -9.69 -31.42 -62.28
N ASP G 307 -10.06 -31.91 -63.47
CA ASP G 307 -10.26 -33.33 -63.70
C ASP G 307 -9.96 -33.62 -65.17
N ALA G 308 -9.82 -34.92 -65.48
CA ALA G 308 -9.51 -35.32 -66.84
C ALA G 308 -10.62 -34.93 -67.81
N SER G 309 -11.88 -35.11 -67.39
CA SER G 309 -13.01 -34.78 -68.26
C SER G 309 -13.25 -33.27 -68.33
N GLY G 310 -12.89 -32.53 -67.30
CA GLY G 310 -13.11 -31.09 -67.32
C GLY G 310 -12.70 -30.47 -66.01
N GLU G 311 -13.02 -29.18 -65.87
CA GLU G 311 -12.69 -28.41 -64.69
C GLU G 311 -13.94 -27.72 -64.15
N LYS G 312 -13.93 -27.43 -62.85
CA LYS G 312 -15.09 -26.85 -62.19
C LYS G 312 -14.65 -25.74 -61.25
N ARG G 313 -15.57 -24.82 -60.98
CA ARG G 313 -15.38 -23.74 -60.03
C ARG G 313 -16.59 -23.68 -59.11
N ILE G 314 -16.34 -23.33 -57.85
CA ILE G 314 -17.36 -23.34 -56.81
C ILE G 314 -17.26 -22.07 -55.99
N LYS G 315 -18.34 -21.78 -55.25
CA LYS G 315 -18.39 -20.62 -54.37
C LYS G 315 -19.43 -20.91 -53.28
N GLY G 316 -19.57 -19.94 -52.36
CA GLY G 316 -20.49 -20.09 -51.26
C GLY G 316 -21.80 -19.35 -51.47
N GLU G 317 -22.74 -19.62 -50.56
CA GLU G 317 -24.06 -19.01 -50.58
C GLU G 317 -24.40 -18.48 -49.19
N LYS G 318 -25.62 -17.97 -49.04
CA LYS G 318 -26.04 -17.38 -47.79
C LYS G 318 -26.44 -18.46 -46.78
N ASP G 319 -26.57 -18.03 -45.52
CA ASP G 319 -26.97 -18.91 -44.43
C ASP G 319 -28.07 -18.22 -43.61
N SER G 320 -28.83 -19.04 -42.88
CA SER G 320 -29.97 -18.55 -42.08
C SER G 320 -29.93 -19.18 -40.69
N ARG G 321 -28.77 -19.09 -40.04
CA ARG G 321 -28.58 -19.80 -38.78
C ARG G 321 -29.39 -19.16 -37.65
N MET G 322 -29.90 -20.01 -36.76
CA MET G 322 -30.62 -19.58 -35.58
C MET G 322 -29.72 -19.68 -34.35
N LEU G 323 -30.25 -19.30 -33.19
CA LEU G 323 -29.46 -19.28 -31.97
C LEU G 323 -30.37 -19.60 -30.79
N MET G 324 -29.84 -19.44 -29.59
CA MET G 324 -30.56 -19.71 -28.35
C MET G 324 -30.02 -18.77 -27.27
N SER G 325 -30.30 -19.08 -26.01
CA SER G 325 -29.88 -18.27 -24.88
C SER G 325 -28.95 -19.08 -23.97
N VAL G 326 -28.51 -18.45 -22.88
CA VAL G 326 -27.62 -19.05 -21.89
C VAL G 326 -28.45 -19.57 -20.74
N GLY G 327 -28.01 -20.67 -20.14
CA GLY G 327 -28.81 -21.34 -19.12
C GLY G 327 -28.94 -20.62 -17.80
N LEU G 328 -27.87 -20.63 -16.98
CA LEU G 328 -27.95 -20.06 -15.64
C LEU G 328 -27.02 -18.87 -15.46
N ASN G 329 -25.72 -19.03 -15.67
CA ASN G 329 -24.72 -18.00 -15.40
C ASN G 329 -24.95 -17.36 -14.03
N ALA G 330 -24.89 -18.19 -13.00
CA ALA G 330 -25.32 -17.81 -11.66
C ALA G 330 -24.12 -17.61 -10.73
N GLU G 331 -24.38 -16.86 -9.66
CA GLU G 331 -23.41 -16.61 -8.61
C GLU G 331 -24.15 -16.04 -7.41
N ILE G 332 -23.46 -15.99 -6.27
CA ILE G 332 -24.01 -15.34 -5.09
C ILE G 332 -23.03 -14.30 -4.56
N ARG G 333 -21.83 -14.76 -4.17
CA ARG G 333 -20.85 -13.89 -3.53
C ARG G 333 -19.50 -13.97 -4.23
N ASP G 334 -18.47 -13.39 -3.61
CA ASP G 334 -17.13 -13.33 -4.19
C ASP G 334 -16.38 -14.65 -4.13
N ASN G 335 -17.06 -15.76 -3.79
CA ASN G 335 -16.41 -17.06 -3.74
C ASN G 335 -17.21 -18.17 -4.43
N VAL G 336 -18.39 -17.88 -4.95
CA VAL G 336 -19.22 -18.85 -5.65
C VAL G 336 -19.48 -18.36 -7.07
N ARG G 337 -19.32 -19.25 -8.04
CA ARG G 337 -19.67 -18.99 -9.43
C ARG G 337 -20.30 -20.24 -10.02
N PHE G 338 -21.54 -20.12 -10.51
CA PHE G 338 -22.29 -21.24 -11.06
C PHE G 338 -22.44 -21.05 -12.56
N GLY G 339 -22.27 -22.13 -13.30
CA GLY G 339 -22.37 -22.09 -14.75
C GLY G 339 -23.30 -23.15 -15.29
N LEU G 340 -24.02 -22.80 -16.36
CA LEU G 340 -24.90 -23.72 -17.06
C LEU G 340 -25.27 -23.15 -18.42
N GLU G 341 -25.12 -23.96 -19.47
CA GLU G 341 -25.32 -23.50 -20.83
C GLU G 341 -26.50 -24.22 -21.47
N PHE G 342 -27.20 -23.51 -22.34
CA PHE G 342 -28.31 -24.06 -23.11
C PHE G 342 -27.89 -24.25 -24.56
N GLU G 343 -28.22 -25.41 -25.12
CA GLU G 343 -27.80 -25.77 -26.47
C GLU G 343 -29.01 -26.11 -27.33
N LYS G 344 -28.82 -26.00 -28.64
CA LYS G 344 -29.87 -26.33 -29.60
C LYS G 344 -29.27 -27.18 -30.72
N SER G 345 -30.04 -28.17 -31.17
CA SER G 345 -29.63 -29.07 -32.26
C SER G 345 -30.77 -29.08 -33.27
N ALA G 346 -30.76 -28.12 -34.19
CA ALA G 346 -31.81 -28.00 -35.20
C ALA G 346 -31.45 -28.87 -36.39
N PHE G 347 -31.69 -30.18 -36.23
CA PHE G 347 -31.39 -31.13 -37.30
C PHE G 347 -32.33 -31.00 -38.49
N GLY G 348 -33.44 -30.28 -38.36
CA GLY G 348 -34.35 -30.14 -39.47
C GLY G 348 -33.79 -29.30 -40.60
N LYS G 349 -33.04 -28.24 -40.27
CA LYS G 349 -32.56 -27.32 -41.29
C LYS G 349 -31.31 -27.85 -41.99
N TYR G 350 -30.22 -28.04 -41.23
CA TYR G 350 -28.97 -28.50 -41.82
C TYR G 350 -28.22 -29.45 -40.90
N ASN G 351 -28.94 -30.20 -40.07
CA ASN G 351 -28.35 -31.14 -39.13
C ASN G 351 -27.32 -30.45 -38.22
N VAL G 352 -27.67 -29.25 -37.76
CA VAL G 352 -26.78 -28.47 -36.90
C VAL G 352 -26.90 -28.98 -35.47
N ASP G 353 -25.97 -28.57 -34.61
CA ASP G 353 -25.97 -28.96 -33.21
C ASP G 353 -25.20 -27.92 -32.42
N ASN G 354 -25.11 -28.13 -31.11
CA ASN G 354 -24.40 -27.22 -30.22
C ASN G 354 -23.77 -28.01 -29.08
N ALA G 355 -22.98 -27.30 -28.27
CA ALA G 355 -22.35 -27.88 -27.09
C ALA G 355 -22.67 -27.02 -25.88
N VAL G 356 -22.96 -27.67 -24.75
CA VAL G 356 -23.33 -26.99 -23.51
C VAL G 356 -22.57 -27.63 -22.36
N ASN G 357 -22.53 -26.91 -21.23
CA ASN G 357 -21.81 -27.36 -20.06
C ASN G 357 -22.47 -26.79 -18.81
N ALA G 358 -22.13 -27.37 -17.66
CA ALA G 358 -22.69 -26.93 -16.39
C ALA G 358 -21.72 -27.31 -15.27
N ASN G 359 -21.22 -26.31 -14.55
CA ASN G 359 -20.31 -26.55 -13.43
C ASN G 359 -20.34 -25.32 -12.51
N PHE G 360 -19.79 -25.49 -11.31
CA PHE G 360 -19.65 -24.38 -10.39
C PHE G 360 -18.42 -24.58 -9.51
N ARG G 361 -17.89 -23.46 -9.00
CA ARG G 361 -16.61 -23.44 -8.30
C ARG G 361 -16.79 -22.82 -6.91
N TYR G 362 -16.27 -23.51 -5.89
CA TYR G 362 -16.27 -23.01 -4.53
C TYR G 362 -15.04 -23.54 -3.81
N CYS G 363 -14.52 -22.74 -2.88
CA CYS G 363 -13.35 -23.09 -2.09
C CYS G 363 -13.64 -22.87 -0.62
N PHE G 364 -13.03 -23.69 0.23
CA PHE G 364 -13.15 -23.53 1.67
C PHE G 364 -12.14 -22.52 2.19
#